data_1YNX
#
_entry.id   1YNX
#
_entity_poly.entity_id   1
_entity_poly.type   'polypeptide(L)'
_entity_poly.pdbx_seq_one_letter_code
;TRPIFAIEQLSPYQNVWTIKARVSYKGEIKTWHNQRGDGKLFNVNFLDTSGEIRATAFNDFATKFNEILQEGKVYYVSKA
KLQPAKPQFTNLTHPYELNLDRDTVIEECFDESN
;
_entity_poly.pdbx_strand_id   A
#
# COMPACT_ATOMS: atom_id res chain seq x y z
N THR A 1 12.03 11.53 -3.63
CA THR A 1 10.95 10.68 -4.23
C THR A 1 11.54 9.73 -5.27
N ARG A 2 11.84 8.51 -4.87
CA ARG A 2 12.42 7.54 -5.84
C ARG A 2 11.40 7.25 -6.96
N PRO A 3 11.90 6.91 -8.12
CA PRO A 3 11.02 6.61 -9.28
C PRO A 3 10.29 5.28 -9.08
N ILE A 4 9.44 4.92 -10.00
CA ILE A 4 8.69 3.63 -9.85
C ILE A 4 9.61 2.42 -9.96
N PHE A 5 9.51 1.51 -9.02
CA PHE A 5 10.36 0.29 -9.06
C PHE A 5 9.49 -0.96 -9.03
N ALA A 6 10.00 -2.07 -9.49
CA ALA A 6 9.21 -3.33 -9.48
C ALA A 6 8.92 -3.74 -8.02
N ILE A 7 7.88 -4.48 -7.78
CA ILE A 7 7.56 -4.89 -6.39
C ILE A 7 8.79 -5.55 -5.74
N GLU A 8 9.49 -6.37 -6.47
CA GLU A 8 10.69 -7.03 -5.89
C GLU A 8 11.71 -5.99 -5.45
N GLN A 9 11.74 -4.85 -6.09
CA GLN A 9 12.72 -3.79 -5.71
C GLN A 9 12.28 -3.03 -4.45
N LEU A 10 11.17 -3.38 -3.85
CA LEU A 10 10.74 -2.64 -2.63
C LEU A 10 11.78 -2.80 -1.51
N SER A 11 11.93 -1.79 -0.70
CA SER A 11 12.92 -1.86 0.40
C SER A 11 12.35 -1.20 1.68
N PRO A 12 12.51 -1.85 2.80
CA PRO A 12 12.01 -1.30 4.08
C PRO A 12 12.91 -0.15 4.54
N TYR A 13 14.19 -0.27 4.33
CA TYR A 13 15.13 0.80 4.76
C TYR A 13 14.94 2.07 3.92
N GLN A 14 14.70 1.92 2.64
CA GLN A 14 14.52 3.12 1.78
C GLN A 14 13.42 4.03 2.34
N ASN A 15 12.34 3.46 2.80
CA ASN A 15 11.23 4.28 3.37
C ASN A 15 10.82 5.39 2.41
N VAL A 16 11.01 5.21 1.14
CA VAL A 16 10.62 6.27 0.15
C VAL A 16 10.84 5.78 -1.29
N TRP A 17 9.86 5.15 -1.86
CA TRP A 17 9.98 4.66 -3.26
C TRP A 17 8.64 4.80 -3.97
N THR A 18 8.54 4.32 -5.17
CA THR A 18 7.25 4.43 -5.90
C THR A 18 6.89 3.09 -6.56
N ILE A 19 5.65 2.70 -6.49
CA ILE A 19 5.23 1.41 -7.12
C ILE A 19 3.87 1.60 -7.80
N LYS A 20 3.70 1.07 -8.99
CA LYS A 20 2.39 1.22 -9.68
C LYS A 20 1.71 -0.14 -9.83
N ALA A 21 0.41 -0.20 -9.71
CA ALA A 21 -0.31 -1.50 -9.83
C ALA A 21 -1.83 -1.30 -9.73
N ARG A 22 -2.59 -2.36 -9.91
CA ARG A 22 -4.07 -2.25 -9.83
C ARG A 22 -4.58 -2.93 -8.56
N VAL A 23 -5.83 -2.72 -8.22
CA VAL A 23 -6.37 -3.35 -6.97
C VAL A 23 -6.92 -4.75 -7.27
N SER A 24 -6.74 -5.66 -6.34
CA SER A 24 -7.26 -7.04 -6.54
C SER A 24 -8.37 -7.33 -5.53
N TYR A 25 -8.08 -7.22 -4.26
CA TYR A 25 -9.12 -7.48 -3.22
C TYR A 25 -9.05 -6.42 -2.12
N LYS A 26 -10.18 -5.92 -1.70
CA LYS A 26 -10.20 -4.88 -0.63
C LYS A 26 -10.53 -5.51 0.73
N GLY A 27 -9.80 -5.18 1.76
CA GLY A 27 -10.08 -5.77 3.10
C GLY A 27 -11.19 -4.95 3.76
N GLU A 28 -10.84 -4.11 4.70
CA GLU A 28 -11.86 -3.29 5.39
C GLU A 28 -11.19 -2.30 6.33
N ILE A 29 -11.95 -1.71 7.22
CA ILE A 29 -11.37 -0.74 8.19
C ILE A 29 -11.73 -1.12 9.63
N LYS A 30 -10.78 -1.56 10.41
CA LYS A 30 -11.04 -1.94 11.82
C LYS A 30 -10.16 -1.13 12.76
N THR A 31 -10.50 -1.07 14.02
CA THR A 31 -9.67 -0.29 14.97
C THR A 31 -8.49 -1.10 15.49
N TRP A 32 -7.49 -0.43 16.00
CA TRP A 32 -6.30 -1.12 16.54
C TRP A 32 -6.05 -0.63 17.97
N HIS A 33 -6.30 -1.45 18.94
CA HIS A 33 -6.08 -1.02 20.35
C HIS A 33 -4.62 -1.23 20.74
N ASN A 34 -3.77 -0.28 20.46
CA ASN A 34 -2.35 -0.44 20.84
C ASN A 34 -2.20 -0.40 22.36
N GLN A 35 -1.11 -0.86 22.87
CA GLN A 35 -0.94 -0.86 24.35
C GLN A 35 -1.15 0.54 24.93
N ARG A 36 -0.68 1.56 24.26
CA ARG A 36 -0.85 2.95 24.80
C ARG A 36 -1.61 3.85 23.82
N GLY A 37 -2.15 3.31 22.75
CA GLY A 37 -2.89 4.18 21.80
C GLY A 37 -4.02 3.39 21.13
N ASP A 38 -4.92 4.08 20.47
CA ASP A 38 -6.05 3.39 19.80
C ASP A 38 -6.56 4.24 18.63
N GLY A 39 -7.04 3.62 17.59
CA GLY A 39 -7.55 4.41 16.42
C GLY A 39 -8.12 3.46 15.37
N LYS A 40 -8.29 3.93 14.16
CA LYS A 40 -8.85 3.05 13.09
C LYS A 40 -7.73 2.59 12.15
N LEU A 41 -7.92 1.47 11.50
CA LEU A 41 -6.87 0.93 10.58
C LEU A 41 -7.53 0.08 9.50
N PHE A 42 -7.01 0.08 8.31
CA PHE A 42 -7.64 -0.72 7.23
C PHE A 42 -6.58 -1.42 6.36
N ASN A 43 -6.94 -2.48 5.67
CA ASN A 43 -5.94 -3.20 4.83
C ASN A 43 -6.50 -3.48 3.43
N VAL A 44 -5.69 -3.30 2.42
CA VAL A 44 -6.15 -3.57 1.01
C VAL A 44 -5.09 -4.37 0.25
N ASN A 45 -5.51 -5.17 -0.69
CA ASN A 45 -4.51 -5.97 -1.47
C ASN A 45 -4.41 -5.47 -2.91
N PHE A 46 -3.21 -5.17 -3.36
CA PHE A 46 -3.04 -4.69 -4.76
C PHE A 46 -2.30 -5.73 -5.59
N LEU A 47 -2.72 -5.94 -6.82
CA LEU A 47 -2.04 -6.96 -7.67
C LEU A 47 -1.29 -6.26 -8.81
N ASP A 48 -0.13 -6.76 -9.15
CA ASP A 48 0.66 -6.14 -10.25
C ASP A 48 1.35 -7.23 -11.07
N THR A 49 1.59 -6.97 -12.33
CA THR A 49 2.27 -7.99 -13.18
C THR A 49 3.63 -8.37 -12.58
N SER A 50 4.34 -7.41 -12.05
CA SER A 50 5.67 -7.72 -11.45
C SER A 50 5.52 -8.76 -10.33
N GLY A 51 4.46 -8.68 -9.57
CA GLY A 51 4.27 -9.65 -8.46
C GLY A 51 3.00 -9.31 -7.68
N GLU A 52 2.83 -9.89 -6.52
CA GLU A 52 1.62 -9.60 -5.71
C GLU A 52 2.02 -8.77 -4.48
N ILE A 53 1.25 -7.76 -4.18
CA ILE A 53 1.58 -6.90 -3.01
C ILE A 53 0.32 -6.53 -2.25
N ARG A 54 0.46 -6.07 -1.04
CA ARG A 54 -0.75 -5.68 -0.25
C ARG A 54 -0.51 -4.34 0.43
N ALA A 55 -1.45 -3.45 0.34
CA ALA A 55 -1.27 -2.13 1.00
C ALA A 55 -2.15 -2.01 2.23
N THR A 56 -1.63 -1.43 3.28
CA THR A 56 -2.44 -1.27 4.53
C THR A 56 -2.23 0.14 5.08
N ALA A 57 -3.25 0.75 5.61
CA ALA A 57 -3.07 2.13 6.15
C ALA A 57 -3.69 2.27 7.55
N PHE A 58 -3.32 3.31 8.25
CA PHE A 58 -3.83 3.53 9.63
C PHE A 58 -5.18 4.28 9.62
N ASN A 59 -5.49 4.94 10.71
CA ASN A 59 -6.78 5.70 10.85
C ASN A 59 -7.04 6.69 9.68
N ASP A 60 -7.55 7.87 9.97
CA ASP A 60 -7.88 8.88 8.90
C ASP A 60 -6.89 8.84 7.73
N PHE A 61 -5.64 8.55 7.97
CA PHE A 61 -4.67 8.49 6.84
C PHE A 61 -5.19 7.50 5.78
N ALA A 62 -5.75 6.40 6.20
CA ALA A 62 -6.27 5.42 5.21
C ALA A 62 -7.56 5.94 4.57
N THR A 63 -8.37 6.63 5.31
CA THR A 63 -9.64 7.17 4.74
C THR A 63 -9.33 8.14 3.61
N LYS A 64 -8.34 8.97 3.80
CA LYS A 64 -7.96 9.93 2.74
C LYS A 64 -7.17 9.20 1.67
N PHE A 65 -6.55 8.10 2.00
CA PHE A 65 -5.77 7.36 0.99
C PHE A 65 -6.68 6.44 0.17
N ASN A 66 -7.57 5.73 0.82
CA ASN A 66 -8.47 4.80 0.09
C ASN A 66 -9.44 5.61 -0.77
N GLU A 67 -9.83 6.75 -0.29
CA GLU A 67 -10.78 7.59 -1.08
C GLU A 67 -10.15 7.99 -2.42
N ILE A 68 -8.90 8.35 -2.42
CA ILE A 68 -8.24 8.75 -3.70
C ILE A 68 -8.12 7.55 -4.62
N LEU A 69 -7.62 6.46 -4.12
CA LEU A 69 -7.47 5.24 -4.97
C LEU A 69 -8.85 4.64 -5.25
N GLN A 70 -9.01 4.03 -6.39
CA GLN A 70 -10.32 3.45 -6.73
C GLN A 70 -10.25 1.94 -6.77
N GLU A 71 -11.21 1.33 -7.41
CA GLU A 71 -11.26 -0.15 -7.47
C GLU A 71 -11.39 -0.60 -8.93
N GLY A 72 -10.74 -1.67 -9.29
CA GLY A 72 -10.83 -2.15 -10.70
C GLY A 72 -10.00 -1.24 -11.61
N LYS A 73 -9.02 -0.56 -11.07
CA LYS A 73 -8.19 0.34 -11.92
C LYS A 73 -6.71 0.27 -11.50
N VAL A 74 -5.87 0.95 -12.23
CA VAL A 74 -4.41 0.95 -11.91
C VAL A 74 -3.98 2.34 -11.41
N TYR A 75 -3.00 2.40 -10.57
CA TYR A 75 -2.56 3.71 -10.03
C TYR A 75 -1.12 3.63 -9.53
N TYR A 76 -0.67 4.66 -8.87
CA TYR A 76 0.72 4.67 -8.36
C TYR A 76 0.76 5.09 -6.88
N VAL A 77 1.71 4.55 -6.14
CA VAL A 77 1.81 4.91 -4.70
C VAL A 77 3.28 5.08 -4.30
N SER A 78 3.58 6.02 -3.47
CA SER A 78 4.99 6.22 -3.05
C SER A 78 5.07 6.86 -1.66
N LYS A 79 6.25 6.89 -1.09
CA LYS A 79 6.41 7.51 0.27
C LYS A 79 5.59 6.75 1.31
N ALA A 80 5.89 5.50 1.49
CA ALA A 80 5.14 4.67 2.49
C ALA A 80 6.08 3.65 3.12
N LYS A 81 5.73 3.14 4.27
CA LYS A 81 6.61 2.13 4.93
C LYS A 81 6.49 0.79 4.19
N LEU A 82 7.60 0.20 3.84
CA LEU A 82 7.56 -1.09 3.10
C LEU A 82 7.83 -2.25 4.06
N GLN A 83 6.96 -3.23 4.08
CA GLN A 83 7.15 -4.39 5.01
C GLN A 83 6.98 -5.71 4.24
N PRO A 84 8.06 -6.40 3.98
CA PRO A 84 7.99 -7.68 3.24
C PRO A 84 7.34 -8.77 4.10
N ALA A 85 6.49 -9.56 3.52
CA ALA A 85 5.81 -10.64 4.28
C ALA A 85 6.42 -12.00 3.91
N LYS A 86 6.34 -12.96 4.80
CA LYS A 86 6.92 -14.30 4.49
C LYS A 86 6.05 -14.99 3.44
N PRO A 87 6.68 -15.80 2.62
CA PRO A 87 5.94 -16.53 1.56
C PRO A 87 5.09 -17.65 2.15
N GLN A 88 5.68 -18.51 2.93
CA GLN A 88 4.90 -19.63 3.52
C GLN A 88 3.80 -19.08 4.43
N PHE A 89 4.06 -17.97 5.07
CA PHE A 89 3.03 -17.37 5.98
C PHE A 89 1.73 -17.10 5.22
N THR A 90 1.82 -16.65 3.99
CA THR A 90 0.59 -16.37 3.21
C THR A 90 0.50 -17.27 1.98
N ASN A 91 -0.68 -17.72 1.66
CA ASN A 91 -0.84 -18.61 0.47
C ASN A 91 -0.29 -17.93 -0.78
N LEU A 92 -0.34 -16.63 -0.84
CA LEU A 92 0.18 -15.92 -2.03
C LEU A 92 1.71 -15.96 -2.06
N THR A 93 2.28 -16.03 -3.24
CA THR A 93 3.76 -16.08 -3.35
C THR A 93 4.37 -14.67 -3.24
N HIS A 94 5.45 -14.54 -2.53
CA HIS A 94 6.10 -13.20 -2.38
C HIS A 94 5.09 -12.16 -1.92
N PRO A 95 4.47 -12.44 -0.79
CA PRO A 95 3.47 -11.51 -0.23
C PRO A 95 4.16 -10.24 0.30
N TYR A 96 3.59 -9.10 0.05
CA TYR A 96 4.21 -7.84 0.54
C TYR A 96 3.22 -7.05 1.39
N GLU A 97 3.68 -6.51 2.49
CA GLU A 97 2.76 -5.73 3.36
C GLU A 97 3.17 -4.25 3.35
N LEU A 98 2.23 -3.36 3.36
CA LEU A 98 2.59 -1.91 3.33
C LEU A 98 1.89 -1.16 4.47
N ASN A 99 2.60 -0.39 5.23
CA ASN A 99 1.96 0.36 6.34
C ASN A 99 1.91 1.86 6.01
N LEU A 100 0.73 2.42 5.90
CA LEU A 100 0.61 3.87 5.59
C LEU A 100 0.32 4.65 6.87
N ASP A 101 0.98 5.76 7.08
CA ASP A 101 0.73 6.54 8.33
C ASP A 101 1.29 7.95 8.17
N ARG A 102 2.51 8.06 7.75
CA ARG A 102 3.13 9.41 7.58
C ARG A 102 2.58 10.06 6.31
N ASP A 103 3.34 10.92 5.69
CA ASP A 103 2.85 11.59 4.46
C ASP A 103 3.14 10.73 3.24
N THR A 104 2.14 10.11 2.69
CA THR A 104 2.36 9.26 1.48
C THR A 104 1.65 9.88 0.27
N VAL A 105 2.13 9.62 -0.91
CA VAL A 105 1.48 10.21 -2.12
C VAL A 105 0.87 9.10 -2.99
N ILE A 106 -0.40 9.21 -3.28
CA ILE A 106 -1.07 8.17 -4.12
C ILE A 106 -1.96 8.85 -5.16
N GLU A 107 -2.11 8.26 -6.31
CA GLU A 107 -2.98 8.90 -7.33
C GLU A 107 -3.53 7.86 -8.31
N GLU A 108 -4.83 7.78 -8.46
CA GLU A 108 -5.44 6.80 -9.40
C GLU A 108 -5.00 7.13 -10.84
N CYS A 109 -5.17 6.21 -11.75
CA CYS A 109 -4.75 6.49 -13.15
C CYS A 109 -5.51 7.70 -13.71
N PHE A 110 -4.87 8.83 -13.78
CA PHE A 110 -5.53 10.05 -14.33
C PHE A 110 -4.78 10.53 -15.58
N ASP A 111 -5.41 11.30 -16.41
CA ASP A 111 -4.72 11.80 -17.63
C ASP A 111 -3.82 12.99 -17.29
N GLU A 112 -2.55 12.85 -17.50
CA GLU A 112 -1.61 13.97 -17.18
C GLU A 112 -1.13 14.63 -18.47
N SER A 113 -0.98 15.93 -18.47
CA SER A 113 -0.51 16.63 -19.70
C SER A 113 0.80 17.37 -19.40
N ASN A 114 1.70 17.41 -20.33
CA ASN A 114 2.99 18.11 -20.11
C ASN A 114 3.75 18.27 -21.44
N THR A 1 10.32 9.25 -3.21
CA THR A 1 11.29 9.97 -4.10
C THR A 1 11.67 9.09 -5.28
N ARG A 2 11.94 7.83 -5.04
CA ARG A 2 12.33 6.92 -6.15
C ARG A 2 11.16 6.81 -7.15
N PRO A 3 11.49 6.66 -8.41
CA PRO A 3 10.46 6.55 -9.47
C PRO A 3 9.70 5.21 -9.35
N ILE A 4 8.63 5.05 -10.08
CA ILE A 4 7.85 3.79 -9.99
C ILE A 4 8.74 2.56 -10.26
N PHE A 5 8.72 1.63 -9.35
CA PHE A 5 9.55 0.40 -9.52
C PHE A 5 8.68 -0.86 -9.39
N ALA A 6 9.17 -1.99 -9.83
CA ALA A 6 8.37 -3.24 -9.71
C ALA A 6 8.14 -3.60 -8.25
N ILE A 7 7.14 -4.38 -7.96
CA ILE A 7 6.87 -4.75 -6.54
C ILE A 7 8.12 -5.37 -5.90
N GLU A 8 8.80 -6.24 -6.61
CA GLU A 8 10.03 -6.88 -6.05
C GLU A 8 11.14 -5.83 -5.85
N GLN A 9 11.16 -4.81 -6.68
CA GLN A 9 12.21 -3.76 -6.55
C GLN A 9 12.12 -3.05 -5.19
N LEU A 10 10.99 -3.11 -4.54
CA LEU A 10 10.83 -2.42 -3.22
C LEU A 10 12.01 -2.72 -2.29
N SER A 11 12.23 -1.86 -1.34
CA SER A 11 13.37 -2.09 -0.39
C SER A 11 12.99 -1.61 1.01
N PRO A 12 13.50 -2.30 2.01
CA PRO A 12 13.20 -1.91 3.41
C PRO A 12 13.95 -0.63 3.76
N TYR A 13 15.19 -0.52 3.37
CA TYR A 13 15.96 0.71 3.67
C TYR A 13 15.36 1.92 2.98
N GLN A 14 14.92 1.77 1.76
CA GLN A 14 14.32 2.92 1.03
C GLN A 14 13.06 3.40 1.77
N ASN A 15 13.22 4.33 2.67
CA ASN A 15 12.05 4.84 3.45
C ASN A 15 10.97 5.38 2.51
N VAL A 16 11.35 6.01 1.43
CA VAL A 16 10.33 6.57 0.50
C VAL A 16 10.59 6.14 -0.94
N TRP A 17 9.55 5.81 -1.65
CA TRP A 17 9.71 5.40 -3.08
C TRP A 17 8.38 5.55 -3.81
N THR A 18 8.33 5.14 -5.05
CA THR A 18 7.06 5.23 -5.83
C THR A 18 6.73 3.86 -6.44
N ILE A 19 5.49 3.46 -6.42
CA ILE A 19 5.13 2.13 -7.00
C ILE A 19 3.72 2.18 -7.59
N LYS A 20 3.41 1.32 -8.51
CA LYS A 20 2.05 1.33 -9.13
C LYS A 20 1.34 -0.03 -8.95
N ALA A 21 0.05 -0.02 -8.76
CA ALA A 21 -0.70 -1.29 -8.59
C ALA A 21 -2.20 -1.06 -8.76
N ARG A 22 -2.96 -2.11 -8.95
CA ARG A 22 -4.44 -1.95 -9.13
C ARG A 22 -5.18 -2.68 -8.01
N VAL A 23 -6.33 -2.19 -7.62
CA VAL A 23 -7.07 -2.85 -6.50
C VAL A 23 -7.66 -4.20 -6.94
N SER A 24 -7.60 -5.18 -6.08
CA SER A 24 -8.15 -6.52 -6.43
C SER A 24 -9.21 -6.92 -5.40
N TYR A 25 -8.89 -6.83 -4.14
CA TYR A 25 -9.88 -7.21 -3.08
C TYR A 25 -9.85 -6.19 -1.92
N LYS A 26 -10.95 -6.03 -1.22
CA LYS A 26 -10.99 -5.06 -0.09
C LYS A 26 -10.78 -5.77 1.25
N GLY A 27 -9.94 -5.24 2.10
CA GLY A 27 -9.71 -5.89 3.42
C GLY A 27 -10.46 -5.12 4.52
N GLU A 28 -11.51 -4.41 4.14
CA GLU A 28 -12.34 -3.63 5.13
C GLU A 28 -11.47 -2.74 6.04
N ILE A 29 -12.11 -1.93 6.85
CA ILE A 29 -11.37 -1.00 7.76
C ILE A 29 -11.85 -1.18 9.22
N LYS A 30 -10.95 -1.53 10.11
CA LYS A 30 -11.32 -1.71 11.55
C LYS A 30 -10.58 -0.69 12.40
N THR A 31 -10.93 -0.58 13.66
CA THR A 31 -10.24 0.42 14.52
C THR A 31 -9.51 -0.25 15.69
N TRP A 32 -8.54 0.43 16.21
CA TRP A 32 -7.76 -0.12 17.36
C TRP A 32 -7.67 0.94 18.46
N HIS A 33 -7.66 0.53 19.70
CA HIS A 33 -7.57 1.52 20.82
C HIS A 33 -6.67 0.97 21.92
N ASN A 34 -5.55 1.61 22.16
CA ASN A 34 -4.64 1.12 23.23
C ASN A 34 -3.65 2.21 23.64
N GLN A 35 -2.52 1.83 24.16
CA GLN A 35 -1.51 2.86 24.59
C GLN A 35 -1.21 3.82 23.44
N ARG A 36 -1.17 3.33 22.23
CA ARG A 36 -0.90 4.22 21.06
C ARG A 36 -2.06 5.20 20.86
N GLY A 37 -3.20 4.93 21.43
CA GLY A 37 -4.35 5.84 21.25
C GLY A 37 -5.39 5.17 20.36
N ASP A 38 -6.42 5.88 20.01
CA ASP A 38 -7.48 5.29 19.14
C ASP A 38 -7.23 5.66 17.69
N GLY A 39 -7.42 4.75 16.78
CA GLY A 39 -7.20 5.06 15.34
C GLY A 39 -7.89 4.02 14.47
N LYS A 40 -7.70 4.08 13.18
CA LYS A 40 -8.36 3.09 12.28
C LYS A 40 -7.30 2.32 11.47
N LEU A 41 -7.61 1.12 11.10
CA LEU A 41 -6.65 0.28 10.32
C LEU A 41 -7.38 -0.52 9.24
N PHE A 42 -6.79 -0.62 8.08
CA PHE A 42 -7.45 -1.37 6.97
C PHE A 42 -6.39 -1.90 6.00
N ASN A 43 -6.77 -2.77 5.10
CA ASN A 43 -5.77 -3.30 4.12
C ASN A 43 -6.43 -3.70 2.80
N VAL A 44 -5.74 -3.54 1.70
CA VAL A 44 -6.33 -3.92 0.38
C VAL A 44 -5.34 -4.75 -0.42
N ASN A 45 -5.82 -5.71 -1.16
CA ASN A 45 -4.89 -6.55 -1.97
C ASN A 45 -4.76 -5.96 -3.37
N PHE A 46 -3.58 -5.56 -3.74
CA PHE A 46 -3.38 -4.96 -5.10
C PHE A 46 -2.61 -5.93 -6.00
N LEU A 47 -3.01 -6.02 -7.24
CA LEU A 47 -2.30 -6.94 -8.17
C LEU A 47 -1.40 -6.13 -9.11
N ASP A 48 -0.27 -6.67 -9.45
CA ASP A 48 0.67 -5.95 -10.36
C ASP A 48 1.38 -6.95 -11.27
N THR A 49 1.84 -6.52 -12.41
CA THR A 49 2.54 -7.45 -13.33
C THR A 49 3.69 -8.16 -12.60
N SER A 50 4.41 -7.46 -11.77
CA SER A 50 5.52 -8.10 -11.03
C SER A 50 5.00 -9.25 -10.16
N GLY A 51 3.82 -9.11 -9.63
CA GLY A 51 3.24 -10.20 -8.78
C GLY A 51 2.04 -9.66 -8.00
N GLU A 52 1.73 -10.26 -6.88
CA GLU A 52 0.58 -9.78 -6.08
C GLU A 52 1.08 -9.06 -4.83
N ILE A 53 0.50 -7.94 -4.51
CA ILE A 53 0.95 -7.18 -3.32
C ILE A 53 -0.25 -6.68 -2.52
N ARG A 54 -0.04 -6.28 -1.29
CA ARG A 54 -1.18 -5.78 -0.46
C ARG A 54 -0.75 -4.53 0.31
N ALA A 55 -1.59 -3.53 0.38
CA ALA A 55 -1.20 -2.30 1.13
C ALA A 55 -2.10 -2.10 2.35
N THR A 56 -1.56 -1.59 3.42
CA THR A 56 -2.38 -1.35 4.64
C THR A 56 -2.32 0.12 5.05
N ALA A 57 -3.34 0.63 5.68
CA ALA A 57 -3.31 2.06 6.09
C ALA A 57 -3.88 2.26 7.51
N PHE A 58 -3.44 3.29 8.17
CA PHE A 58 -3.91 3.57 9.56
C PHE A 58 -5.01 4.65 9.55
N ASN A 59 -5.31 5.17 10.72
CA ASN A 59 -6.37 6.24 10.94
C ASN A 59 -6.49 7.28 9.79
N ASP A 60 -6.72 8.54 10.15
CA ASP A 60 -6.91 9.63 9.13
C ASP A 60 -6.04 9.44 7.88
N PHE A 61 -4.86 8.90 8.02
CA PHE A 61 -4.01 8.70 6.82
C PHE A 61 -4.76 7.84 5.80
N ALA A 62 -5.46 6.84 6.25
CA ALA A 62 -6.23 5.99 5.28
C ALA A 62 -7.42 6.78 4.74
N THR A 63 -7.97 7.68 5.51
CA THR A 63 -9.14 8.46 5.00
C THR A 63 -8.72 9.36 3.84
N LYS A 64 -7.57 9.95 3.94
CA LYS A 64 -7.09 10.85 2.85
C LYS A 64 -6.61 9.99 1.68
N PHE A 65 -6.15 8.80 1.94
CA PHE A 65 -5.67 7.92 0.85
C PHE A 65 -6.83 7.08 0.28
N ASN A 66 -7.71 6.62 1.12
CA ASN A 66 -8.85 5.79 0.67
C ASN A 66 -9.74 6.59 -0.25
N GLU A 67 -9.95 7.82 0.08
CA GLU A 67 -10.85 8.65 -0.76
C GLU A 67 -10.22 8.89 -2.14
N ILE A 68 -8.96 9.21 -2.18
CA ILE A 68 -8.29 9.46 -3.50
C ILE A 68 -8.14 8.15 -4.27
N LEU A 69 -7.98 7.06 -3.59
CA LEU A 69 -7.83 5.75 -4.30
C LEU A 69 -9.20 5.29 -4.80
N GLN A 70 -9.26 4.71 -5.96
CA GLN A 70 -10.56 4.27 -6.50
C GLN A 70 -10.65 2.75 -6.54
N GLU A 71 -11.58 2.27 -7.31
CA GLU A 71 -11.78 0.79 -7.38
C GLU A 71 -11.82 0.35 -8.85
N GLY A 72 -11.40 -0.86 -9.12
CA GLY A 72 -11.41 -1.34 -10.52
C GLY A 72 -10.42 -0.51 -11.36
N LYS A 73 -9.46 0.10 -10.74
CA LYS A 73 -8.49 0.92 -11.53
C LYS A 73 -7.06 0.71 -11.01
N VAL A 74 -6.10 1.23 -11.73
CA VAL A 74 -4.68 1.08 -11.31
C VAL A 74 -4.14 2.43 -10.82
N TYR A 75 -3.32 2.41 -9.81
CA TYR A 75 -2.78 3.69 -9.27
C TYR A 75 -1.39 3.49 -8.68
N TYR A 76 -0.89 4.48 -8.02
CA TYR A 76 0.47 4.34 -7.43
C TYR A 76 0.52 4.92 -6.02
N VAL A 77 1.45 4.42 -5.23
CA VAL A 77 1.59 4.91 -3.82
C VAL A 77 3.00 5.47 -3.61
N SER A 78 3.13 6.54 -2.89
CA SER A 78 4.48 7.12 -2.65
C SER A 78 4.77 7.18 -1.15
N LYS A 79 6.01 7.02 -0.77
CA LYS A 79 6.40 7.09 0.68
C LYS A 79 5.63 6.08 1.53
N ALA A 80 6.34 5.21 2.18
CA ALA A 80 5.68 4.20 3.06
C ALA A 80 6.72 3.23 3.63
N LYS A 81 6.36 2.47 4.64
CA LYS A 81 7.33 1.51 5.21
C LYS A 81 7.30 0.20 4.41
N LEU A 82 8.42 -0.23 3.91
CA LEU A 82 8.44 -1.48 3.12
C LEU A 82 9.05 -2.63 3.95
N GLN A 83 8.35 -3.72 4.08
CA GLN A 83 8.89 -4.87 4.87
C GLN A 83 8.66 -6.18 4.10
N PRO A 84 9.61 -7.08 4.22
CA PRO A 84 9.51 -8.38 3.52
C PRO A 84 8.58 -9.33 4.27
N ALA A 85 7.84 -10.14 3.55
CA ALA A 85 6.92 -11.11 4.21
C ALA A 85 7.44 -12.53 4.03
N LYS A 86 7.15 -13.40 4.96
CA LYS A 86 7.63 -14.81 4.83
C LYS A 86 6.86 -15.51 3.70
N PRO A 87 7.54 -16.34 2.95
CA PRO A 87 6.87 -17.05 1.83
C PRO A 87 5.92 -18.12 2.35
N GLN A 88 6.31 -18.82 3.38
CA GLN A 88 5.41 -19.88 3.94
C GLN A 88 4.14 -19.27 4.54
N PHE A 89 4.25 -18.07 5.06
CA PHE A 89 3.06 -17.42 5.67
C PHE A 89 1.91 -17.31 4.65
N THR A 90 2.21 -16.97 3.42
CA THR A 90 1.12 -16.84 2.40
C THR A 90 1.40 -17.75 1.20
N ASN A 91 0.41 -18.01 0.40
CA ASN A 91 0.63 -18.88 -0.79
C ASN A 91 1.22 -18.09 -1.96
N LEU A 92 1.50 -16.82 -1.77
CA LEU A 92 2.09 -16.01 -2.88
C LEU A 92 3.62 -16.07 -2.82
N THR A 93 4.26 -16.06 -3.96
CA THR A 93 5.75 -16.12 -3.98
C THR A 93 6.34 -14.74 -3.69
N HIS A 94 7.32 -14.68 -2.83
CA HIS A 94 7.94 -13.36 -2.50
C HIS A 94 6.87 -12.35 -2.08
N PRO A 95 6.20 -12.67 -1.00
CA PRO A 95 5.13 -11.77 -0.49
C PRO A 95 5.76 -10.50 0.09
N TYR A 96 5.13 -9.38 -0.09
CA TYR A 96 5.69 -8.11 0.44
C TYR A 96 4.71 -7.44 1.41
N GLU A 97 5.22 -6.80 2.42
CA GLU A 97 4.33 -6.11 3.40
C GLU A 97 4.45 -4.59 3.24
N LEU A 98 3.34 -3.89 3.18
CA LEU A 98 3.40 -2.42 3.01
C LEU A 98 2.55 -1.74 4.10
N ASN A 99 3.14 -0.80 4.82
CA ASN A 99 2.36 -0.12 5.90
C ASN A 99 2.26 1.38 5.64
N LEU A 100 1.06 1.90 5.51
CA LEU A 100 0.87 3.36 5.27
C LEU A 100 0.44 4.07 6.56
N ASP A 101 1.12 5.11 6.95
CA ASP A 101 0.75 5.84 8.19
C ASP A 101 1.38 7.23 8.23
N ARG A 102 2.67 7.30 8.06
CA ARG A 102 3.36 8.61 8.09
C ARG A 102 2.99 9.43 6.85
N ASP A 103 3.87 10.28 6.39
CA ASP A 103 3.56 11.10 5.19
C ASP A 103 3.56 10.24 3.94
N THR A 104 2.40 9.82 3.50
CA THR A 104 2.33 8.98 2.27
C THR A 104 1.40 9.61 1.24
N VAL A 105 1.67 9.42 -0.02
CA VAL A 105 0.80 10.01 -1.07
C VAL A 105 0.34 8.92 -2.06
N ILE A 106 -0.95 8.81 -2.25
CA ILE A 106 -1.48 7.78 -3.20
C ILE A 106 -2.55 8.40 -4.11
N GLU A 107 -2.57 8.04 -5.36
CA GLU A 107 -3.60 8.63 -6.26
C GLU A 107 -3.80 7.77 -7.52
N GLU A 108 -5.01 7.72 -8.02
CA GLU A 108 -5.28 6.93 -9.26
C GLU A 108 -4.45 7.50 -10.41
N CYS A 109 -4.04 6.67 -11.34
CA CYS A 109 -3.21 7.18 -12.47
C CYS A 109 -4.07 7.91 -13.51
N PHE A 110 -3.74 9.13 -13.80
CA PHE A 110 -4.51 9.91 -14.82
C PHE A 110 -3.59 10.34 -15.97
N ASP A 111 -4.14 10.61 -17.12
CA ASP A 111 -3.29 11.03 -18.27
C ASP A 111 -2.58 12.35 -17.95
N GLU A 112 -3.19 13.17 -17.14
CA GLU A 112 -2.57 14.48 -16.79
C GLU A 112 -1.19 14.26 -16.15
N SER A 113 -1.02 13.18 -15.44
CA SER A 113 0.31 12.91 -14.80
C SER A 113 1.37 12.64 -15.87
N ASN A 114 2.62 12.77 -15.53
CA ASN A 114 3.70 12.52 -16.52
C ASN A 114 4.05 11.03 -16.56
N THR A 1 16.07 10.74 -7.46
CA THR A 1 14.70 10.41 -6.98
C THR A 1 14.40 8.93 -7.20
N ARG A 2 13.25 8.48 -6.76
CA ARG A 2 12.89 7.05 -6.93
C ARG A 2 11.53 6.94 -7.63
N PRO A 3 11.56 6.96 -8.94
CA PRO A 3 10.32 6.87 -9.75
C PRO A 3 9.66 5.49 -9.59
N ILE A 4 8.52 5.30 -10.21
CA ILE A 4 7.80 4.00 -10.08
C ILE A 4 8.68 2.82 -10.55
N PHE A 5 8.85 1.84 -9.70
CA PHE A 5 9.65 0.65 -10.07
C PHE A 5 8.82 -0.62 -9.86
N ALA A 6 9.21 -1.71 -10.47
CA ALA A 6 8.43 -2.97 -10.29
C ALA A 6 8.31 -3.30 -8.79
N ILE A 7 7.28 -4.00 -8.41
CA ILE A 7 7.11 -4.34 -6.97
C ILE A 7 8.38 -5.02 -6.44
N GLU A 8 8.99 -5.85 -7.25
CA GLU A 8 10.23 -6.54 -6.79
C GLU A 8 11.36 -5.52 -6.55
N GLN A 9 11.26 -4.36 -7.15
CA GLN A 9 12.33 -3.34 -6.96
C GLN A 9 12.13 -2.52 -5.68
N LEU A 10 11.13 -2.83 -4.90
CA LEU A 10 10.90 -2.04 -3.66
C LEU A 10 11.99 -2.34 -2.62
N SER A 11 12.20 -1.42 -1.71
CA SER A 11 13.24 -1.63 -0.67
C SER A 11 12.76 -1.09 0.69
N PRO A 12 13.12 -1.78 1.74
CA PRO A 12 12.73 -1.34 3.10
C PRO A 12 13.61 -0.16 3.53
N TYR A 13 14.88 -0.24 3.25
CA TYR A 13 15.81 0.87 3.65
C TYR A 13 15.41 2.18 2.96
N GLN A 14 15.01 2.10 1.72
CA GLN A 14 14.62 3.35 0.99
C GLN A 14 13.28 3.86 1.51
N ASN A 15 13.27 4.99 2.14
CA ASN A 15 11.99 5.55 2.67
C ASN A 15 11.31 6.45 1.64
N VAL A 16 11.83 6.56 0.45
CA VAL A 16 11.18 7.44 -0.56
C VAL A 16 11.18 6.77 -1.94
N TRP A 17 10.17 6.01 -2.24
CA TRP A 17 10.08 5.35 -3.58
C TRP A 17 8.63 5.34 -4.06
N THR A 18 8.40 4.94 -5.27
CA THR A 18 6.99 4.91 -5.76
C THR A 18 6.66 3.58 -6.43
N ILE A 19 5.43 3.15 -6.34
CA ILE A 19 5.03 1.87 -7.00
C ILE A 19 3.62 2.01 -7.59
N LYS A 20 3.37 1.39 -8.72
CA LYS A 20 2.02 1.49 -9.33
C LYS A 20 1.38 0.10 -9.42
N ALA A 21 0.10 0.01 -9.21
CA ALA A 21 -0.58 -1.32 -9.26
C ALA A 21 -2.09 -1.15 -9.43
N ARG A 22 -2.81 -2.23 -9.58
CA ARG A 22 -4.28 -2.13 -9.74
C ARG A 22 -4.99 -2.73 -8.52
N VAL A 23 -6.11 -2.18 -8.12
CA VAL A 23 -6.83 -2.73 -6.93
C VAL A 23 -7.44 -4.09 -7.23
N SER A 24 -7.29 -5.03 -6.33
CA SER A 24 -7.85 -6.39 -6.57
C SER A 24 -8.98 -6.67 -5.57
N TYR A 25 -8.67 -6.71 -4.30
CA TYR A 25 -9.72 -6.99 -3.28
C TYR A 25 -9.58 -6.05 -2.06
N LYS A 26 -10.67 -5.70 -1.44
CA LYS A 26 -10.60 -4.80 -0.25
C LYS A 26 -10.43 -5.62 1.04
N GLY A 27 -9.53 -5.22 1.91
CA GLY A 27 -9.32 -5.98 3.16
C GLY A 27 -10.11 -5.34 4.30
N GLU A 28 -11.18 -4.66 3.99
CA GLU A 28 -12.03 -4.00 5.04
C GLU A 28 -11.19 -3.08 5.95
N ILE A 29 -11.85 -2.30 6.77
CA ILE A 29 -11.14 -1.36 7.69
C ILE A 29 -11.53 -1.63 9.15
N LYS A 30 -10.57 -1.95 9.99
CA LYS A 30 -10.88 -2.20 11.43
C LYS A 30 -10.04 -1.29 12.31
N THR A 31 -10.32 -1.22 13.58
CA THR A 31 -9.52 -0.33 14.47
C THR A 31 -8.69 -1.13 15.48
N TRP A 32 -7.70 -0.51 16.04
CA TRP A 32 -6.83 -1.20 17.05
C TRP A 32 -6.84 -0.40 18.35
N HIS A 33 -6.93 -1.06 19.48
CA HIS A 33 -6.96 -0.32 20.77
C HIS A 33 -5.74 -0.69 21.62
N ASN A 34 -4.77 0.18 21.69
CA ASN A 34 -3.56 -0.13 22.51
C ASN A 34 -3.20 1.09 23.38
N GLN A 35 -2.48 0.88 24.44
CA GLN A 35 -2.09 2.02 25.31
C GLN A 35 -1.28 3.04 24.50
N ARG A 36 -0.56 2.58 23.51
CA ARG A 36 0.26 3.53 22.69
C ARG A 36 -0.65 4.47 21.90
N GLY A 37 -1.91 4.15 21.76
CA GLY A 37 -2.82 5.05 21.01
C GLY A 37 -3.98 4.24 20.41
N ASP A 38 -4.86 4.91 19.71
CA ASP A 38 -6.01 4.20 19.07
C ASP A 38 -6.30 4.80 17.70
N GLY A 39 -6.70 3.99 16.75
CA GLY A 39 -6.98 4.54 15.40
C GLY A 39 -7.59 3.46 14.52
N LYS A 40 -7.81 3.77 13.26
CA LYS A 40 -8.40 2.77 12.34
C LYS A 40 -7.31 2.19 11.41
N LEU A 41 -7.59 1.07 10.80
CA LEU A 41 -6.58 0.43 9.91
C LEU A 41 -7.26 -0.45 8.85
N PHE A 42 -6.65 -0.60 7.71
CA PHE A 42 -7.26 -1.45 6.64
C PHE A 42 -6.18 -1.94 5.67
N ASN A 43 -6.47 -2.94 4.89
CA ASN A 43 -5.45 -3.44 3.91
C ASN A 43 -6.10 -3.72 2.55
N VAL A 44 -5.32 -3.74 1.50
CA VAL A 44 -5.88 -4.00 0.15
C VAL A 44 -4.94 -4.90 -0.66
N ASN A 45 -5.47 -5.78 -1.45
CA ASN A 45 -4.59 -6.66 -2.28
C ASN A 45 -4.42 -6.04 -3.67
N PHE A 46 -3.22 -5.67 -4.03
CA PHE A 46 -3.01 -5.07 -5.36
C PHE A 46 -2.28 -6.03 -6.29
N LEU A 47 -2.74 -6.15 -7.51
CA LEU A 47 -2.08 -7.08 -8.47
C LEU A 47 -1.33 -6.28 -9.53
N ASP A 48 -0.18 -6.74 -9.90
CA ASP A 48 0.62 -6.02 -10.94
C ASP A 48 1.41 -7.03 -11.78
N THR A 49 1.83 -6.64 -12.95
CA THR A 49 2.60 -7.58 -13.81
C THR A 49 3.82 -8.11 -13.05
N SER A 50 4.44 -7.27 -12.26
CA SER A 50 5.64 -7.73 -11.49
C SER A 50 5.30 -8.95 -10.64
N GLY A 51 4.11 -8.99 -10.11
CA GLY A 51 3.72 -10.16 -9.25
C GLY A 51 2.50 -9.80 -8.41
N GLU A 52 2.43 -10.29 -7.20
CA GLU A 52 1.27 -9.97 -6.32
C GLU A 52 1.74 -9.15 -5.13
N ILE A 53 1.02 -8.12 -4.79
CA ILE A 53 1.44 -7.28 -3.63
C ILE A 53 0.21 -6.82 -2.83
N ARG A 54 0.43 -6.45 -1.60
CA ARG A 54 -0.71 -5.98 -0.76
C ARG A 54 -0.28 -4.74 0.04
N ALA A 55 -1.11 -3.74 0.09
CA ALA A 55 -0.71 -2.51 0.83
C ALA A 55 -1.61 -2.30 2.06
N THR A 56 -1.05 -1.83 3.14
CA THR A 56 -1.89 -1.60 4.35
C THR A 56 -1.76 -0.14 4.80
N ALA A 57 -2.86 0.52 5.07
CA ALA A 57 -2.79 1.93 5.50
C ALA A 57 -3.31 2.11 6.92
N PHE A 58 -2.87 3.14 7.61
CA PHE A 58 -3.32 3.37 9.01
C PHE A 58 -4.68 4.10 9.06
N ASN A 59 -5.00 4.65 10.20
CA ASN A 59 -6.29 5.39 10.45
C ASN A 59 -6.68 6.37 9.30
N ASP A 60 -7.22 7.52 9.65
CA ASP A 60 -7.66 8.53 8.61
C ASP A 60 -6.73 8.57 7.40
N PHE A 61 -5.46 8.32 7.58
CA PHE A 61 -4.54 8.35 6.41
C PHE A 61 -5.07 7.37 5.35
N ALA A 62 -5.60 6.26 5.77
CA ALA A 62 -6.16 5.30 4.78
C ALA A 62 -7.50 5.82 4.26
N THR A 63 -8.27 6.44 5.11
CA THR A 63 -9.58 6.97 4.68
C THR A 63 -9.40 8.06 3.62
N LYS A 64 -8.39 8.86 3.75
CA LYS A 64 -8.13 9.93 2.76
C LYS A 64 -7.51 9.30 1.52
N PHE A 65 -6.80 8.21 1.68
CA PHE A 65 -6.17 7.54 0.52
C PHE A 65 -7.18 6.62 -0.20
N ASN A 66 -7.98 5.91 0.55
CA ASN A 66 -8.95 4.98 -0.08
C ASN A 66 -10.05 5.78 -0.76
N GLU A 67 -10.44 6.88 -0.18
CA GLU A 67 -11.50 7.69 -0.81
C GLU A 67 -11.06 8.06 -2.23
N ILE A 68 -9.82 8.46 -2.37
CA ILE A 68 -9.30 8.79 -3.72
C ILE A 68 -9.03 7.50 -4.50
N LEU A 69 -8.79 6.42 -3.79
CA LEU A 69 -8.51 5.12 -4.47
C LEU A 69 -9.80 4.59 -5.09
N GLN A 70 -9.71 4.00 -6.25
CA GLN A 70 -10.92 3.49 -6.92
C GLN A 70 -10.90 1.97 -7.01
N GLU A 71 -11.71 1.45 -7.88
CA GLU A 71 -11.82 -0.02 -8.05
C GLU A 71 -11.63 -0.40 -9.52
N GLY A 72 -11.17 -1.59 -9.79
CA GLY A 72 -10.98 -2.02 -11.21
C GLY A 72 -10.11 -0.98 -11.94
N LYS A 73 -9.27 -0.28 -11.23
CA LYS A 73 -8.41 0.75 -11.91
C LYS A 73 -6.97 0.64 -11.42
N VAL A 74 -6.08 1.36 -12.05
CA VAL A 74 -4.64 1.32 -11.64
C VAL A 74 -4.25 2.64 -10.97
N TYR A 75 -3.38 2.59 -9.99
CA TYR A 75 -2.97 3.84 -9.30
C TYR A 75 -1.50 3.81 -8.90
N TYR A 76 -1.05 4.86 -8.27
CA TYR A 76 0.38 4.92 -7.88
C TYR A 76 0.53 5.36 -6.42
N VAL A 77 1.57 4.91 -5.76
CA VAL A 77 1.80 5.31 -4.34
C VAL A 77 3.23 5.80 -4.16
N SER A 78 3.44 6.84 -3.41
CA SER A 78 4.84 7.33 -3.23
C SER A 78 5.17 7.44 -1.74
N LYS A 79 6.42 7.20 -1.39
CA LYS A 79 6.85 7.31 0.04
C LYS A 79 6.03 6.39 0.97
N ALA A 80 6.71 5.49 1.63
CA ALA A 80 6.00 4.57 2.56
C ALA A 80 7.00 3.55 3.14
N LYS A 81 6.65 2.93 4.23
CA LYS A 81 7.57 1.92 4.82
C LYS A 81 7.39 0.58 4.12
N LEU A 82 8.44 0.02 3.57
CA LEU A 82 8.31 -1.28 2.87
C LEU A 82 8.90 -2.42 3.71
N GLN A 83 8.19 -3.50 3.85
CA GLN A 83 8.73 -4.64 4.66
C GLN A 83 8.33 -5.97 4.02
N PRO A 84 9.19 -6.95 4.16
CA PRO A 84 8.91 -8.28 3.59
C PRO A 84 8.03 -9.11 4.54
N ALA A 85 7.18 -9.94 4.01
CA ALA A 85 6.31 -10.78 4.88
C ALA A 85 6.80 -12.22 4.89
N LYS A 86 6.56 -12.95 5.94
CA LYS A 86 7.03 -14.37 6.00
C LYS A 86 6.30 -15.19 4.94
N PRO A 87 6.99 -16.15 4.37
CA PRO A 87 6.38 -17.00 3.33
C PRO A 87 5.36 -17.97 3.93
N GLN A 88 5.75 -18.72 4.93
CA GLN A 88 4.79 -19.67 5.56
C GLN A 88 3.61 -18.91 6.15
N PHE A 89 3.85 -17.72 6.66
CA PHE A 89 2.75 -16.93 7.27
C PHE A 89 1.63 -16.70 6.26
N THR A 90 1.96 -16.45 5.02
CA THR A 90 0.90 -16.21 3.99
C THR A 90 0.95 -17.27 2.89
N ASN A 91 -0.17 -17.74 2.45
CA ASN A 91 -0.20 -18.78 1.37
C ASN A 91 0.49 -18.23 0.12
N LEU A 92 0.45 -16.95 -0.09
CA LEU A 92 1.08 -16.37 -1.31
C LEU A 92 2.61 -16.41 -1.18
N THR A 93 3.28 -16.59 -2.29
CA THR A 93 4.77 -16.65 -2.25
C THR A 93 5.37 -15.24 -2.24
N HIS A 94 6.41 -15.04 -1.49
CA HIS A 94 7.05 -13.69 -1.43
C HIS A 94 6.01 -12.61 -1.11
N PRO A 95 5.37 -12.77 0.02
CA PRO A 95 4.35 -11.80 0.45
C PRO A 95 5.01 -10.46 0.81
N TYR A 96 4.35 -9.36 0.54
CA TYR A 96 4.94 -8.04 0.86
C TYR A 96 4.00 -7.22 1.74
N GLU A 97 4.53 -6.49 2.68
CA GLU A 97 3.66 -5.68 3.57
C GLU A 97 3.96 -4.19 3.37
N LEU A 98 2.95 -3.37 3.39
CA LEU A 98 3.17 -1.90 3.17
C LEU A 98 2.49 -1.10 4.29
N ASN A 99 3.20 -0.23 4.93
CA ASN A 99 2.57 0.59 6.03
C ASN A 99 2.50 2.06 5.63
N LEU A 100 1.31 2.61 5.55
CA LEU A 100 1.17 4.05 5.18
C LEU A 100 0.86 4.89 6.43
N ASP A 101 1.58 5.96 6.63
CA ASP A 101 1.31 6.81 7.83
C ASP A 101 0.97 8.25 7.40
N ARG A 102 1.95 9.09 7.20
CA ARG A 102 1.64 10.49 6.82
C ARG A 102 2.41 10.91 5.57
N ASP A 103 3.66 10.57 5.49
CA ASP A 103 4.48 10.97 4.29
C ASP A 103 4.23 10.03 3.12
N THR A 104 2.99 9.84 2.72
CA THR A 104 2.71 8.95 1.56
C THR A 104 1.75 9.62 0.59
N VAL A 105 2.01 9.52 -0.68
CA VAL A 105 1.10 10.15 -1.68
C VAL A 105 0.51 9.07 -2.60
N ILE A 106 -0.80 8.98 -2.68
CA ILE A 106 -1.42 7.95 -3.54
C ILE A 106 -2.55 8.56 -4.38
N GLU A 107 -2.66 8.18 -5.62
CA GLU A 107 -3.74 8.73 -6.47
C GLU A 107 -4.07 7.78 -7.63
N GLU A 108 -5.33 7.60 -7.94
CA GLU A 108 -5.70 6.70 -9.07
C GLU A 108 -5.07 7.21 -10.36
N CYS A 109 -4.73 6.33 -11.26
CA CYS A 109 -4.08 6.77 -12.54
C CYS A 109 -4.91 7.86 -13.23
N PHE A 110 -4.40 9.06 -13.26
CA PHE A 110 -5.13 10.18 -13.92
C PHE A 110 -4.18 11.35 -14.17
N ASP A 111 -3.69 11.97 -13.13
CA ASP A 111 -2.75 13.12 -13.32
C ASP A 111 -1.33 12.61 -13.55
N GLU A 112 -0.73 12.97 -14.65
CA GLU A 112 0.66 12.51 -14.93
C GLU A 112 1.62 12.98 -13.83
N SER A 113 1.36 14.12 -13.25
CA SER A 113 2.27 14.63 -12.19
C SER A 113 1.52 14.73 -10.85
N ASN A 114 2.21 14.53 -9.76
CA ASN A 114 1.53 14.60 -8.43
C ASN A 114 1.06 16.04 -8.16
N THR A 1 13.51 9.53 -3.54
CA THR A 1 12.30 9.05 -4.26
C THR A 1 12.70 8.12 -5.41
N ARG A 2 12.80 6.85 -5.15
CA ARG A 2 13.18 5.90 -6.24
C ARG A 2 12.08 5.83 -7.30
N PRO A 3 12.50 5.61 -8.53
CA PRO A 3 11.52 5.51 -9.65
C PRO A 3 10.70 4.23 -9.54
N ILE A 4 9.73 4.05 -10.40
CA ILE A 4 8.90 2.81 -10.33
C ILE A 4 9.74 1.56 -10.60
N PHE A 5 9.82 0.69 -9.63
CA PHE A 5 10.61 -0.57 -9.81
C PHE A 5 9.71 -1.78 -9.54
N ALA A 6 10.12 -2.94 -9.97
CA ALA A 6 9.29 -4.15 -9.73
C ALA A 6 9.00 -4.30 -8.24
N ILE A 7 7.88 -4.88 -7.89
CA ILE A 7 7.55 -5.04 -6.45
C ILE A 7 8.69 -5.73 -5.71
N GLU A 8 9.33 -6.68 -6.33
CA GLU A 8 10.46 -7.39 -5.67
C GLU A 8 11.73 -6.53 -5.66
N GLN A 9 11.70 -5.35 -6.22
CA GLN A 9 12.93 -4.50 -6.23
C GLN A 9 12.86 -3.41 -5.15
N LEU A 10 11.82 -3.40 -4.36
CA LEU A 10 11.70 -2.35 -3.31
C LEU A 10 12.52 -2.75 -2.08
N SER A 11 12.77 -1.80 -1.21
CA SER A 11 13.57 -2.11 0.01
C SER A 11 12.84 -1.65 1.26
N PRO A 12 13.09 -2.34 2.35
CA PRO A 12 12.45 -1.98 3.64
C PRO A 12 13.09 -0.70 4.19
N TYR A 13 14.40 -0.63 4.19
CA TYR A 13 15.09 0.58 4.71
C TYR A 13 14.71 1.80 3.86
N GLN A 14 14.56 1.62 2.58
CA GLN A 14 14.20 2.78 1.71
C GLN A 14 12.94 3.46 2.25
N ASN A 15 13.12 4.53 2.98
CA ASN A 15 11.94 5.24 3.57
C ASN A 15 10.97 5.68 2.47
N VAL A 16 11.47 6.10 1.33
CA VAL A 16 10.55 6.55 0.25
C VAL A 16 10.91 5.90 -1.09
N TRP A 17 9.92 5.62 -1.89
CA TRP A 17 10.17 4.99 -3.23
C TRP A 17 8.93 5.17 -4.11
N THR A 18 8.94 4.59 -5.28
CA THR A 18 7.75 4.70 -6.17
C THR A 18 7.35 3.32 -6.69
N ILE A 19 6.09 2.98 -6.61
CA ILE A 19 5.64 1.65 -7.13
C ILE A 19 4.21 1.76 -7.66
N LYS A 20 3.90 1.06 -8.71
CA LYS A 20 2.52 1.12 -9.29
C LYS A 20 1.88 -0.27 -9.31
N ALA A 21 0.58 -0.33 -9.15
CA ALA A 21 -0.12 -1.65 -9.16
C ALA A 21 -1.64 -1.44 -9.12
N ARG A 22 -2.40 -2.51 -9.27
CA ARG A 22 -3.88 -2.38 -9.25
C ARG A 22 -4.45 -3.11 -8.02
N VAL A 23 -5.71 -2.89 -7.74
CA VAL A 23 -6.32 -3.57 -6.55
C VAL A 23 -6.81 -4.97 -6.92
N SER A 24 -6.66 -5.91 -6.02
CA SER A 24 -7.12 -7.30 -6.31
C SER A 24 -8.15 -7.72 -5.26
N TYR A 25 -7.83 -7.57 -4.00
CA TYR A 25 -8.79 -7.97 -2.92
C TYR A 25 -8.85 -6.88 -1.85
N LYS A 26 -10.00 -6.68 -1.25
CA LYS A 26 -10.11 -5.63 -0.20
C LYS A 26 -9.87 -6.23 1.20
N GLY A 27 -9.07 -5.58 2.00
CA GLY A 27 -8.82 -6.10 3.37
C GLY A 27 -9.60 -5.28 4.39
N GLU A 28 -10.56 -4.49 3.93
CA GLU A 28 -11.39 -3.64 4.84
C GLU A 28 -10.54 -2.82 5.81
N ILE A 29 -11.17 -1.98 6.59
CA ILE A 29 -10.43 -1.13 7.58
C ILE A 29 -10.77 -1.60 9.00
N LYS A 30 -9.80 -1.72 9.84
CA LYS A 30 -10.06 -2.18 11.24
C LYS A 30 -9.29 -1.31 12.22
N THR A 31 -9.55 -1.44 13.48
CA THR A 31 -8.84 -0.59 14.48
C THR A 31 -7.55 -1.26 14.97
N TRP A 32 -6.67 -0.49 15.56
CA TRP A 32 -5.39 -1.05 16.07
C TRP A 32 -5.11 -0.54 17.49
N HIS A 33 -4.03 -0.98 18.09
CA HIS A 33 -3.70 -0.54 19.48
C HIS A 33 -4.89 -0.79 20.40
N ASN A 34 -4.86 -0.27 21.59
CA ASN A 34 -6.01 -0.49 22.52
C ASN A 34 -5.76 0.21 23.87
N GLN A 35 -5.01 -0.40 24.76
CA GLN A 35 -4.76 0.23 26.09
C GLN A 35 -3.95 1.53 25.93
N ARG A 36 -2.91 1.50 25.15
CA ARG A 36 -2.10 2.74 24.95
C ARG A 36 -2.86 3.75 24.09
N GLY A 37 -3.87 3.32 23.39
CA GLY A 37 -4.66 4.26 22.54
C GLY A 37 -5.48 3.44 21.55
N ASP A 38 -6.21 4.08 20.68
CA ASP A 38 -7.03 3.31 19.70
C ASP A 38 -7.28 4.14 18.45
N GLY A 39 -7.07 3.57 17.30
CA GLY A 39 -7.30 4.32 16.04
C GLY A 39 -7.77 3.35 14.95
N LYS A 40 -7.95 3.83 13.75
CA LYS A 40 -8.41 2.93 12.67
C LYS A 40 -7.24 2.55 11.74
N LEU A 41 -7.40 1.49 11.00
CA LEU A 41 -6.34 1.02 10.08
C LEU A 41 -6.96 0.46 8.80
N PHE A 42 -6.38 0.77 7.69
CA PHE A 42 -6.92 0.27 6.39
C PHE A 42 -5.95 -0.74 5.75
N ASN A 43 -6.45 -1.77 5.12
CA ASN A 43 -5.53 -2.77 4.49
C ASN A 43 -6.13 -3.36 3.21
N VAL A 44 -5.43 -3.29 2.11
CA VAL A 44 -5.96 -3.85 0.82
C VAL A 44 -4.86 -4.57 0.03
N ASN A 45 -5.22 -5.58 -0.71
CA ASN A 45 -4.20 -6.31 -1.52
C ASN A 45 -4.23 -5.83 -2.97
N PHE A 46 -3.10 -5.49 -3.51
CA PHE A 46 -3.07 -5.00 -4.92
C PHE A 46 -2.25 -5.95 -5.80
N LEU A 47 -2.68 -6.18 -7.01
CA LEU A 47 -1.92 -7.10 -7.91
C LEU A 47 -1.22 -6.30 -9.00
N ASP A 48 -0.04 -6.72 -9.38
CA ASP A 48 0.71 -6.01 -10.44
C ASP A 48 1.49 -7.00 -11.30
N THR A 49 1.73 -6.66 -12.54
CA THR A 49 2.48 -7.59 -13.43
C THR A 49 3.81 -7.97 -12.78
N SER A 50 4.44 -7.04 -12.13
CA SER A 50 5.74 -7.33 -11.47
C SER A 50 5.58 -8.48 -10.46
N GLY A 51 4.46 -8.53 -9.78
CA GLY A 51 4.25 -9.61 -8.79
C GLY A 51 2.99 -9.31 -7.97
N GLU A 52 2.98 -9.68 -6.72
CA GLU A 52 1.80 -9.40 -5.86
C GLU A 52 2.18 -8.46 -4.73
N ILE A 53 1.35 -7.51 -4.42
CA ILE A 53 1.68 -6.55 -3.33
C ILE A 53 0.43 -6.20 -2.52
N ARG A 54 0.62 -5.68 -1.35
CA ARG A 54 -0.56 -5.30 -0.51
C ARG A 54 -0.30 -3.94 0.13
N ALA A 55 -1.30 -3.08 0.17
CA ALA A 55 -1.08 -1.75 0.80
C ALA A 55 -1.87 -1.64 2.10
N THR A 56 -1.28 -1.06 3.11
CA THR A 56 -2.00 -0.91 4.40
C THR A 56 -1.81 0.51 4.93
N ALA A 57 -2.88 1.14 5.35
CA ALA A 57 -2.77 2.54 5.86
C ALA A 57 -3.31 2.64 7.29
N PHE A 58 -3.01 3.73 7.95
CA PHE A 58 -3.47 3.93 9.37
C PHE A 58 -4.84 4.62 9.43
N ASN A 59 -5.17 5.15 10.58
CA ASN A 59 -6.48 5.85 10.83
C ASN A 59 -6.80 6.93 9.77
N ASP A 60 -7.35 8.07 10.19
CA ASP A 60 -7.74 9.16 9.22
C ASP A 60 -6.80 9.27 8.01
N PHE A 61 -5.52 9.00 8.19
CA PHE A 61 -4.60 9.08 7.02
C PHE A 61 -5.14 8.17 5.90
N ALA A 62 -5.73 7.07 6.26
CA ALA A 62 -6.31 6.17 5.22
C ALA A 62 -7.56 6.80 4.60
N THR A 63 -8.29 7.58 5.36
CA THR A 63 -9.51 8.21 4.80
C THR A 63 -9.13 9.18 3.68
N LYS A 64 -8.07 9.91 3.87
CA LYS A 64 -7.61 10.86 2.84
C LYS A 64 -6.90 10.09 1.72
N PHE A 65 -6.33 8.96 2.05
CA PHE A 65 -5.61 8.16 1.02
C PHE A 65 -6.58 7.28 0.23
N ASN A 66 -7.54 6.69 0.89
CA ASN A 66 -8.50 5.79 0.20
C ASN A 66 -9.45 6.62 -0.66
N GLU A 67 -9.80 7.78 -0.20
CA GLU A 67 -10.73 8.62 -1.00
C GLU A 67 -10.13 8.85 -2.38
N ILE A 68 -8.85 9.08 -2.46
CA ILE A 68 -8.19 9.29 -3.77
C ILE A 68 -7.96 7.95 -4.48
N LEU A 69 -7.80 6.89 -3.71
CA LEU A 69 -7.57 5.56 -4.33
C LEU A 69 -8.90 4.94 -4.74
N GLN A 70 -8.93 4.26 -5.85
CA GLN A 70 -10.19 3.65 -6.32
C GLN A 70 -10.11 2.14 -6.33
N GLU A 71 -11.00 1.50 -7.04
CA GLU A 71 -11.02 0.03 -7.07
C GLU A 71 -11.17 -0.48 -8.52
N GLY A 72 -10.66 -1.64 -8.81
CA GLY A 72 -10.78 -2.17 -10.19
C GLY A 72 -9.92 -1.34 -11.13
N LYS A 73 -8.86 -0.76 -10.63
CA LYS A 73 -7.99 0.08 -11.51
C LYS A 73 -6.53 0.02 -11.03
N VAL A 74 -5.66 0.70 -11.75
CA VAL A 74 -4.22 0.72 -11.36
C VAL A 74 -3.84 2.11 -10.86
N TYR A 75 -2.91 2.19 -9.95
CA TYR A 75 -2.51 3.51 -9.42
C TYR A 75 -1.03 3.51 -9.03
N TYR A 76 -0.56 4.60 -8.54
CA TYR A 76 0.87 4.68 -8.17
C TYR A 76 1.02 5.07 -6.69
N VAL A 77 2.01 4.52 -6.03
CA VAL A 77 2.23 4.82 -4.59
C VAL A 77 3.61 5.43 -4.38
N SER A 78 3.72 6.42 -3.55
CA SER A 78 5.06 7.04 -3.33
C SER A 78 5.28 7.34 -1.84
N LYS A 79 6.51 7.26 -1.40
CA LYS A 79 6.84 7.55 0.02
C LYS A 79 6.03 6.71 1.01
N ALA A 80 6.68 5.82 1.70
CA ALA A 80 5.97 4.95 2.69
C ALA A 80 6.94 3.91 3.25
N LYS A 81 6.56 3.24 4.31
CA LYS A 81 7.46 2.20 4.89
C LYS A 81 7.22 0.87 4.16
N LEU A 82 8.27 0.23 3.71
CA LEU A 82 8.10 -1.05 2.97
C LEU A 82 8.52 -2.23 3.87
N GLN A 83 7.82 -3.33 3.77
CA GLN A 83 8.18 -4.50 4.61
C GLN A 83 7.80 -5.79 3.86
N PRO A 84 8.67 -6.77 3.91
CA PRO A 84 8.38 -8.06 3.22
C PRO A 84 7.37 -8.88 4.01
N ALA A 85 6.47 -9.53 3.32
CA ALA A 85 5.45 -10.36 4.03
C ALA A 85 5.80 -11.84 3.88
N LYS A 86 5.45 -12.65 4.83
CA LYS A 86 5.76 -14.10 4.72
C LYS A 86 4.96 -14.72 3.56
N PRO A 87 5.62 -15.51 2.77
CA PRO A 87 4.95 -16.14 1.61
C PRO A 87 4.02 -17.28 2.06
N GLN A 88 4.54 -18.22 2.80
CA GLN A 88 3.70 -19.35 3.28
C GLN A 88 2.58 -18.84 4.19
N PHE A 89 2.84 -17.81 4.94
CA PHE A 89 1.79 -17.27 5.86
C PHE A 89 0.54 -16.90 5.07
N THR A 90 0.68 -16.38 3.88
CA THR A 90 -0.51 -16.00 3.07
C THR A 90 -0.56 -16.82 1.78
N ASN A 91 -1.70 -16.85 1.13
CA ASN A 91 -1.80 -17.63 -0.14
C ASN A 91 -1.24 -16.84 -1.32
N LEU A 92 -0.74 -15.64 -1.09
CA LEU A 92 -0.19 -14.85 -2.22
C LEU A 92 1.32 -15.08 -2.34
N THR A 93 1.84 -15.13 -3.54
CA THR A 93 3.30 -15.35 -3.71
C THR A 93 4.06 -14.02 -3.59
N HIS A 94 5.15 -14.02 -2.87
CA HIS A 94 5.94 -12.76 -2.71
C HIS A 94 5.04 -11.60 -2.27
N PRO A 95 4.40 -11.80 -1.14
CA PRO A 95 3.49 -10.76 -0.60
C PRO A 95 4.30 -9.55 -0.11
N TYR A 96 3.77 -8.38 -0.29
CA TYR A 96 4.51 -7.15 0.16
C TYR A 96 3.64 -6.36 1.15
N GLU A 97 4.25 -5.80 2.16
CA GLU A 97 3.46 -5.02 3.15
C GLU A 97 3.75 -3.52 3.00
N LEU A 98 2.74 -2.70 3.12
CA LEU A 98 2.95 -1.23 2.96
C LEU A 98 2.27 -0.47 4.11
N ASN A 99 3.00 0.35 4.82
CA ASN A 99 2.37 1.11 5.94
C ASN A 99 2.25 2.60 5.57
N LEU A 100 1.05 3.10 5.48
CA LEU A 100 0.87 4.54 5.12
C LEU A 100 0.57 5.36 6.37
N ASP A 101 1.28 6.45 6.56
CA ASP A 101 1.03 7.30 7.76
C ASP A 101 0.73 8.74 7.33
N ARG A 102 1.74 9.53 7.08
CA ARG A 102 1.47 10.94 6.69
C ARG A 102 2.23 11.32 5.40
N ASP A 103 3.51 11.09 5.36
CA ASP A 103 4.30 11.47 4.14
C ASP A 103 4.16 10.41 3.04
N THR A 104 2.95 10.11 2.64
CA THR A 104 2.76 9.10 1.56
C THR A 104 1.82 9.65 0.49
N VAL A 105 2.10 9.40 -0.76
CA VAL A 105 1.20 9.92 -1.84
C VAL A 105 0.72 8.76 -2.73
N ILE A 106 -0.56 8.54 -2.78
CA ILE A 106 -1.11 7.44 -3.63
C ILE A 106 -2.31 7.96 -4.43
N GLU A 107 -2.35 7.71 -5.71
CA GLU A 107 -3.52 8.21 -6.50
C GLU A 107 -3.73 7.35 -7.76
N GLU A 108 -4.98 7.17 -8.14
CA GLU A 108 -5.26 6.37 -9.37
C GLU A 108 -4.59 7.02 -10.59
N CYS A 109 -4.09 6.23 -11.50
CA CYS A 109 -3.42 6.81 -12.70
C CYS A 109 -4.47 7.37 -13.66
N PHE A 110 -5.21 8.36 -13.25
CA PHE A 110 -6.24 8.96 -14.14
C PHE A 110 -5.97 10.45 -14.34
N ASP A 111 -5.79 10.88 -15.56
CA ASP A 111 -5.52 12.32 -15.82
C ASP A 111 -4.37 12.83 -14.94
N GLU A 112 -3.30 12.10 -14.86
CA GLU A 112 -2.15 12.55 -14.01
C GLU A 112 -1.62 13.90 -14.52
N SER A 113 -1.70 14.14 -15.80
CA SER A 113 -1.20 15.43 -16.34
C SER A 113 -2.11 16.58 -15.88
N ASN A 114 -1.63 17.79 -15.94
CA ASN A 114 -2.46 18.94 -15.51
C ASN A 114 -2.28 20.12 -16.48
N THR A 1 18.46 6.68 -6.32
CA THR A 1 18.30 5.94 -7.61
C THR A 1 17.44 4.70 -7.41
N ARG A 2 16.20 4.86 -7.05
CA ARG A 2 15.32 3.68 -6.84
C ARG A 2 14.06 3.78 -7.72
N PRO A 3 14.24 3.50 -8.98
CA PRO A 3 13.12 3.56 -9.95
C PRO A 3 12.11 2.43 -9.68
N ILE A 4 11.17 2.22 -10.56
CA ILE A 4 10.15 1.16 -10.33
C ILE A 4 10.80 -0.23 -10.40
N PHE A 5 10.71 -0.97 -9.32
CA PHE A 5 11.29 -2.35 -9.29
C PHE A 5 10.19 -3.36 -8.97
N ALA A 6 10.45 -4.61 -9.22
CA ALA A 6 9.41 -5.65 -8.91
C ALA A 6 8.99 -5.53 -7.44
N ILE A 7 7.78 -5.89 -7.13
CA ILE A 7 7.33 -5.79 -5.71
C ILE A 7 8.29 -6.56 -4.80
N GLU A 8 8.93 -7.57 -5.32
CA GLU A 8 9.89 -8.36 -4.49
C GLU A 8 11.12 -7.51 -4.14
N GLN A 9 11.51 -6.63 -5.03
CA GLN A 9 12.70 -5.77 -4.76
C GLN A 9 12.43 -4.81 -3.61
N LEU A 10 11.21 -4.39 -3.46
CA LEU A 10 10.86 -3.44 -2.36
C LEU A 10 11.35 -3.96 -1.01
N SER A 11 11.60 -3.07 -0.09
CA SER A 11 12.08 -3.50 1.25
C SER A 11 12.00 -2.34 2.24
N PRO A 12 11.91 -2.67 3.50
CA PRO A 12 11.85 -1.63 4.56
C PRO A 12 13.19 -0.93 4.68
N TYR A 13 14.26 -1.65 4.45
CA TYR A 13 15.62 -1.04 4.54
C TYR A 13 15.79 0.03 3.45
N GLN A 14 15.22 -0.21 2.30
CA GLN A 14 15.35 0.78 1.19
C GLN A 14 14.82 2.15 1.67
N ASN A 15 15.53 3.20 1.37
CA ASN A 15 15.08 4.55 1.82
C ASN A 15 13.86 5.02 1.02
N VAL A 16 14.05 5.28 -0.25
CA VAL A 16 12.90 5.75 -1.07
C VAL A 16 12.79 4.93 -2.35
N TRP A 17 11.59 4.52 -2.70
CA TRP A 17 11.41 3.73 -3.96
C TRP A 17 10.08 4.10 -4.60
N THR A 18 9.82 3.59 -5.77
CA THR A 18 8.53 3.90 -6.46
C THR A 18 7.89 2.62 -6.99
N ILE A 19 6.61 2.44 -6.80
CA ILE A 19 5.94 1.24 -7.33
C ILE A 19 4.65 1.63 -8.05
N LYS A 20 4.37 1.01 -9.16
CA LYS A 20 3.14 1.37 -9.93
C LYS A 20 2.32 0.11 -10.23
N ALA A 21 1.02 0.22 -10.22
CA ALA A 21 0.16 -0.97 -10.52
C ALA A 21 -1.32 -0.61 -10.40
N ARG A 22 -2.19 -1.56 -10.64
CA ARG A 22 -3.65 -1.27 -10.56
C ARG A 22 -4.27 -2.05 -9.39
N VAL A 23 -5.49 -1.75 -9.05
CA VAL A 23 -6.14 -2.48 -7.91
C VAL A 23 -6.86 -3.73 -8.39
N SER A 24 -6.71 -4.81 -7.66
CA SER A 24 -7.39 -6.08 -8.06
C SER A 24 -8.51 -6.38 -7.05
N TYR A 25 -8.20 -6.27 -5.79
CA TYR A 25 -9.23 -6.53 -4.74
C TYR A 25 -9.13 -5.46 -3.64
N LYS A 26 -10.23 -4.84 -3.30
CA LYS A 26 -10.19 -3.79 -2.23
C LYS A 26 -10.64 -4.37 -0.89
N GLY A 27 -9.91 -4.10 0.17
CA GLY A 27 -10.32 -4.65 1.49
C GLY A 27 -11.27 -3.67 2.17
N GLU A 28 -10.85 -3.08 3.25
CA GLU A 28 -11.72 -2.11 3.96
C GLU A 28 -10.92 -1.45 5.10
N ILE A 29 -11.57 -1.05 6.16
CA ILE A 29 -10.82 -0.42 7.29
C ILE A 29 -11.01 -1.22 8.59
N LYS A 30 -9.98 -1.91 9.02
CA LYS A 30 -10.09 -2.72 10.26
C LYS A 30 -8.95 -2.38 11.23
N THR A 31 -9.03 -2.85 12.44
CA THR A 31 -7.95 -2.54 13.43
C THR A 31 -7.21 -3.81 13.87
N TRP A 32 -6.04 -3.63 14.41
CA TRP A 32 -5.24 -4.82 14.88
C TRP A 32 -5.66 -5.24 16.28
N HIS A 33 -5.31 -6.45 16.67
CA HIS A 33 -5.68 -6.94 18.03
C HIS A 33 -4.44 -6.89 18.93
N ASN A 34 -3.90 -5.74 19.19
CA ASN A 34 -2.69 -5.65 20.06
C ASN A 34 -3.11 -5.38 21.50
N GLN A 35 -2.47 -6.03 22.44
CA GLN A 35 -2.84 -5.80 23.87
C GLN A 35 -2.77 -4.31 24.20
N ARG A 36 -1.82 -3.62 23.66
CA ARG A 36 -1.71 -2.16 23.95
C ARG A 36 -2.88 -1.40 23.32
N GLY A 37 -3.58 -1.99 22.39
CA GLY A 37 -4.73 -1.28 21.76
C GLY A 37 -5.00 -1.86 20.37
N ASP A 38 -5.87 -1.22 19.64
CA ASP A 38 -6.20 -1.72 18.27
C ASP A 38 -6.24 -0.54 17.28
N GLY A 39 -5.12 -0.08 16.85
CA GLY A 39 -5.10 1.05 15.88
C GLY A 39 -5.94 0.66 14.66
N LYS A 40 -6.47 1.61 13.93
CA LYS A 40 -7.28 1.24 12.75
C LYS A 40 -6.46 1.39 11.48
N LEU A 41 -6.59 0.44 10.61
CA LEU A 41 -5.83 0.47 9.35
C LEU A 41 -6.65 -0.18 8.24
N PHE A 42 -6.59 0.35 7.05
CA PHE A 42 -7.36 -0.25 5.94
C PHE A 42 -6.39 -0.87 4.94
N ASN A 43 -6.72 -1.97 4.33
CA ASN A 43 -5.76 -2.58 3.38
C ASN A 43 -6.39 -2.79 1.99
N VAL A 44 -5.58 -2.75 0.97
CA VAL A 44 -6.09 -2.95 -0.42
C VAL A 44 -5.17 -3.89 -1.18
N ASN A 45 -5.70 -4.61 -2.14
CA ASN A 45 -4.82 -5.53 -2.92
C ASN A 45 -4.49 -4.91 -4.28
N PHE A 46 -3.25 -4.54 -4.47
CA PHE A 46 -2.85 -3.94 -5.77
C PHE A 46 -2.08 -4.97 -6.60
N LEU A 47 -2.41 -5.11 -7.86
CA LEU A 47 -1.70 -6.10 -8.71
C LEU A 47 -0.67 -5.39 -9.60
N ASP A 48 0.46 -6.02 -9.78
CA ASP A 48 1.52 -5.41 -10.64
C ASP A 48 2.10 -6.47 -11.58
N THR A 49 2.57 -6.08 -12.73
CA THR A 49 3.14 -7.09 -13.68
C THR A 49 4.22 -7.91 -12.98
N SER A 50 5.05 -7.28 -12.20
CA SER A 50 6.14 -8.03 -11.50
C SER A 50 5.55 -9.07 -10.54
N GLY A 51 4.48 -8.74 -9.86
CA GLY A 51 3.87 -9.72 -8.92
C GLY A 51 2.62 -9.12 -8.29
N GLU A 52 2.45 -9.28 -7.00
CA GLU A 52 1.25 -8.71 -6.33
C GLU A 52 1.67 -7.87 -5.12
N ILE A 53 0.97 -6.80 -4.87
CA ILE A 53 1.32 -5.93 -3.71
C ILE A 53 0.04 -5.46 -3.01
N ARG A 54 0.17 -4.98 -1.81
CA ARG A 54 -1.03 -4.50 -1.07
C ARG A 54 -0.74 -3.17 -0.38
N ALA A 55 -1.70 -2.29 -0.32
CA ALA A 55 -1.49 -0.98 0.35
C ALA A 55 -2.20 -0.98 1.70
N THR A 56 -1.64 -0.35 2.68
CA THR A 56 -2.29 -0.31 4.02
C THR A 56 -2.32 1.14 4.55
N ALA A 57 -3.49 1.67 4.76
CA ALA A 57 -3.58 3.08 5.29
C ALA A 57 -4.04 3.08 6.76
N PHE A 58 -3.55 4.03 7.53
CA PHE A 58 -3.90 4.12 8.99
C PHE A 58 -5.40 4.38 9.22
N ASN A 59 -5.74 4.74 10.45
CA ASN A 59 -7.15 5.01 10.84
C ASN A 59 -7.81 6.08 9.95
N ASP A 60 -8.64 6.95 10.51
CA ASP A 60 -9.35 8.00 9.71
C ASP A 60 -8.48 8.58 8.58
N PHE A 61 -7.19 8.67 8.78
CA PHE A 61 -6.32 9.19 7.69
C PHE A 61 -6.55 8.36 6.44
N ALA A 62 -6.85 7.10 6.60
CA ALA A 62 -7.12 6.24 5.42
C ALA A 62 -8.35 6.77 4.68
N THR A 63 -9.34 7.21 5.40
CA THR A 63 -10.56 7.73 4.75
C THR A 63 -10.23 8.94 3.88
N LYS A 64 -9.36 9.79 4.35
CA LYS A 64 -8.99 11.00 3.57
C LYS A 64 -8.02 10.59 2.47
N PHE A 65 -7.26 9.55 2.69
CA PHE A 65 -6.27 9.12 1.66
C PHE A 65 -6.91 8.17 0.65
N ASN A 66 -7.72 7.25 1.09
CA ASN A 66 -8.34 6.28 0.16
C ASN A 66 -9.32 7.00 -0.74
N GLU A 67 -9.95 8.01 -0.24
CA GLU A 67 -10.92 8.77 -1.06
C GLU A 67 -10.24 9.23 -2.36
N ILE A 68 -8.96 9.52 -2.29
CA ILE A 68 -8.23 9.97 -3.51
C ILE A 68 -8.01 8.80 -4.47
N LEU A 69 -7.62 7.67 -3.97
CA LEU A 69 -7.38 6.49 -4.87
C LEU A 69 -8.69 5.89 -5.37
N GLN A 70 -8.69 5.38 -6.58
CA GLN A 70 -9.92 4.80 -7.14
C GLN A 70 -9.86 3.28 -7.18
N GLU A 71 -10.71 2.70 -7.99
CA GLU A 71 -10.77 1.23 -8.09
C GLU A 71 -10.88 0.81 -9.56
N GLY A 72 -10.61 -0.41 -9.88
CA GLY A 72 -10.69 -0.86 -11.30
C GLY A 72 -9.84 0.06 -12.18
N LYS A 73 -8.83 0.67 -11.62
CA LYS A 73 -7.97 1.59 -12.43
C LYS A 73 -6.49 1.39 -12.09
N VAL A 74 -5.62 2.02 -12.84
CA VAL A 74 -4.17 1.90 -12.59
C VAL A 74 -3.63 3.22 -12.01
N TYR A 75 -2.61 3.16 -11.21
CA TYR A 75 -2.08 4.41 -10.60
C TYR A 75 -0.63 4.22 -10.18
N TYR A 76 -0.06 5.24 -9.62
CA TYR A 76 1.36 5.16 -9.18
C TYR A 76 1.52 5.70 -7.75
N VAL A 77 2.38 5.10 -6.98
CA VAL A 77 2.60 5.57 -5.58
C VAL A 77 4.09 5.61 -5.27
N SER A 78 4.53 6.58 -4.53
CA SER A 78 5.99 6.67 -4.19
C SER A 78 6.18 7.38 -2.85
N LYS A 79 7.35 7.25 -2.28
CA LYS A 79 7.64 7.92 -0.96
C LYS A 79 6.75 7.35 0.14
N ALA A 80 6.89 6.08 0.41
CA ALA A 80 6.08 5.44 1.48
C ALA A 80 6.93 4.42 2.23
N LYS A 81 6.54 4.04 3.42
CA LYS A 81 7.34 3.04 4.17
C LYS A 81 6.99 1.62 3.69
N LEU A 82 7.98 0.85 3.34
CA LEU A 82 7.71 -0.53 2.85
C LEU A 82 7.92 -1.53 4.00
N GLN A 83 7.00 -2.44 4.19
CA GLN A 83 7.17 -3.42 5.30
C GLN A 83 6.50 -4.76 4.93
N PRO A 84 7.29 -5.71 4.53
CA PRO A 84 6.74 -7.04 4.16
C PRO A 84 6.26 -7.77 5.41
N ALA A 85 5.17 -8.49 5.30
CA ALA A 85 4.65 -9.23 6.48
C ALA A 85 5.68 -10.25 6.95
N LYS A 86 5.72 -10.55 8.22
CA LYS A 86 6.70 -11.53 8.73
C LYS A 86 6.42 -12.92 8.13
N PRO A 87 7.45 -13.67 7.90
CA PRO A 87 7.29 -15.02 7.31
C PRO A 87 6.78 -16.00 8.37
N GLN A 88 7.51 -16.20 9.44
CA GLN A 88 7.06 -17.14 10.50
C GLN A 88 5.76 -16.64 11.14
N PHE A 89 5.59 -15.34 11.26
CA PHE A 89 4.35 -14.81 11.87
C PHE A 89 3.12 -15.27 11.09
N THR A 90 3.15 -15.16 9.79
CA THR A 90 1.99 -15.59 8.97
C THR A 90 2.45 -16.25 7.68
N ASN A 91 1.64 -17.09 7.08
CA ASN A 91 2.04 -17.76 5.82
C ASN A 91 1.13 -17.32 4.67
N LEU A 92 1.06 -16.04 4.42
CA LEU A 92 0.18 -15.55 3.32
C LEU A 92 1.01 -15.32 2.05
N THR A 93 0.44 -15.54 0.90
CA THR A 93 1.20 -15.32 -0.36
C THR A 93 1.42 -13.82 -0.58
N HIS A 94 2.58 -13.44 -1.04
CA HIS A 94 2.86 -11.99 -1.26
C HIS A 94 2.57 -11.20 0.02
N PRO A 95 3.29 -11.54 1.06
CA PRO A 95 3.13 -10.85 2.36
C PRO A 95 3.73 -9.45 2.31
N TYR A 96 3.05 -8.52 1.68
CA TYR A 96 3.58 -7.13 1.58
C TYR A 96 2.59 -6.14 2.20
N GLU A 97 3.09 -5.22 2.98
CA GLU A 97 2.20 -4.21 3.59
C GLU A 97 2.76 -2.80 3.34
N LEU A 98 1.90 -1.88 3.01
CA LEU A 98 2.38 -0.49 2.74
C LEU A 98 1.84 0.45 3.83
N ASN A 99 2.67 1.30 4.38
CA ASN A 99 2.17 2.20 5.46
C ASN A 99 1.85 3.60 4.94
N LEU A 100 0.61 3.99 4.99
CA LEU A 100 0.22 5.35 4.51
C LEU A 100 -0.25 6.20 5.71
N ASP A 101 0.28 7.38 5.87
CA ASP A 101 -0.14 8.24 7.01
C ASP A 101 0.38 9.66 6.84
N ARG A 102 1.62 9.79 6.46
CA ARG A 102 2.21 11.14 6.29
C ARG A 102 1.95 11.65 4.87
N ASP A 103 2.76 12.57 4.41
CA ASP A 103 2.57 13.11 3.05
C ASP A 103 3.22 12.18 2.02
N THR A 104 2.43 11.36 1.38
CA THR A 104 3.01 10.42 0.36
C THR A 104 2.55 10.84 -1.04
N VAL A 105 3.16 10.30 -2.06
CA VAL A 105 2.75 10.67 -3.44
C VAL A 105 1.75 9.65 -3.98
N ILE A 106 0.56 10.09 -4.27
CA ILE A 106 -0.47 9.15 -4.81
C ILE A 106 -1.20 9.78 -5.99
N GLU A 107 -1.25 9.11 -7.10
CA GLU A 107 -1.97 9.71 -8.27
C GLU A 107 -2.71 8.62 -9.05
N GLU A 108 -4.03 8.70 -9.07
CA GLU A 108 -4.83 7.68 -9.81
C GLU A 108 -4.97 8.09 -11.28
N CYS A 109 -5.12 7.15 -12.16
CA CYS A 109 -5.26 7.50 -13.61
C CYS A 109 -6.70 7.89 -13.94
N PHE A 110 -7.11 9.07 -13.53
CA PHE A 110 -8.51 9.51 -13.82
C PHE A 110 -8.48 10.75 -14.72
N ASP A 111 -9.43 10.86 -15.61
CA ASP A 111 -9.46 12.04 -16.52
C ASP A 111 -9.47 13.34 -15.70
N GLU A 112 -10.11 13.32 -14.57
CA GLU A 112 -10.16 14.54 -13.72
C GLU A 112 -9.15 14.45 -12.58
N SER A 113 -8.54 15.55 -12.22
CA SER A 113 -7.54 15.53 -11.12
C SER A 113 -7.92 16.55 -10.04
N ASN A 114 -7.48 16.34 -8.83
CA ASN A 114 -7.82 17.30 -7.74
C ASN A 114 -6.60 18.17 -7.40
N THR A 1 16.91 6.47 -6.82
CA THR A 1 17.95 5.41 -6.98
C THR A 1 17.29 4.02 -7.12
N ARG A 2 16.10 3.87 -6.60
CA ARG A 2 15.41 2.55 -6.71
C ARG A 2 14.05 2.69 -7.38
N PRO A 3 14.07 2.70 -8.69
CA PRO A 3 12.82 2.83 -9.50
C PRO A 3 11.97 1.57 -9.34
N ILE A 4 10.96 1.40 -10.15
CA ILE A 4 10.08 0.19 -10.03
C ILE A 4 10.95 -1.08 -9.98
N PHE A 5 11.12 -1.61 -8.79
CA PHE A 5 11.94 -2.83 -8.61
C PHE A 5 11.06 -4.00 -8.18
N ALA A 6 11.57 -5.20 -8.24
CA ALA A 6 10.74 -6.36 -7.82
C ALA A 6 10.24 -6.14 -6.39
N ILE A 7 8.99 -6.42 -6.15
CA ILE A 7 8.44 -6.21 -4.77
C ILE A 7 9.30 -6.93 -3.74
N GLU A 8 9.81 -8.08 -4.10
CA GLU A 8 10.67 -8.84 -3.15
C GLU A 8 12.03 -8.17 -2.97
N GLN A 9 12.39 -7.22 -3.80
CA GLN A 9 13.72 -6.56 -3.65
C GLN A 9 13.63 -5.26 -2.87
N LEU A 10 12.47 -4.92 -2.37
CA LEU A 10 12.33 -3.65 -1.61
C LEU A 10 12.57 -3.89 -0.13
N SER A 11 12.74 -2.86 0.64
CA SER A 11 12.99 -3.03 2.10
C SER A 11 12.59 -1.78 2.88
N PRO A 12 12.38 -1.96 4.15
CA PRO A 12 11.99 -0.83 5.04
C PRO A 12 13.18 0.11 5.26
N TYR A 13 14.34 -0.43 5.52
CA TYR A 13 15.54 0.42 5.75
C TYR A 13 15.83 1.25 4.50
N GLN A 14 15.55 0.71 3.33
CA GLN A 14 15.82 1.46 2.08
C GLN A 14 15.16 2.84 2.14
N ASN A 15 13.88 2.90 2.38
CA ASN A 15 13.17 4.22 2.49
C ASN A 15 13.50 5.12 1.29
N VAL A 16 13.52 4.59 0.11
CA VAL A 16 13.82 5.44 -1.10
C VAL A 16 13.63 4.61 -2.38
N TRP A 17 12.39 4.34 -2.73
CA TRP A 17 12.12 3.54 -3.96
C TRP A 17 10.78 3.95 -4.55
N THR A 18 10.50 3.54 -5.76
CA THR A 18 9.18 3.91 -6.38
C THR A 18 8.56 2.68 -7.07
N ILE A 19 7.32 2.39 -6.79
CA ILE A 19 6.67 1.21 -7.45
C ILE A 19 5.25 1.55 -7.91
N LYS A 20 4.87 1.07 -9.07
CA LYS A 20 3.50 1.35 -9.59
C LYS A 20 2.65 0.06 -9.53
N ALA A 21 1.36 0.19 -9.43
CA ALA A 21 0.51 -1.04 -9.35
C ALA A 21 -0.95 -0.72 -9.66
N ARG A 22 -1.74 -1.74 -9.88
CA ARG A 22 -3.18 -1.55 -10.17
C ARG A 22 -4.01 -2.14 -9.03
N VAL A 23 -5.09 -1.50 -8.65
CA VAL A 23 -5.92 -2.06 -7.54
C VAL A 23 -6.49 -3.42 -7.92
N SER A 24 -6.34 -4.40 -7.07
CA SER A 24 -6.87 -5.75 -7.39
C SER A 24 -7.97 -6.14 -6.41
N TYR A 25 -7.70 -6.03 -5.13
CA TYR A 25 -8.75 -6.40 -4.12
C TYR A 25 -8.80 -5.38 -2.97
N LYS A 26 -9.92 -5.28 -2.31
CA LYS A 26 -10.06 -4.31 -1.17
C LYS A 26 -9.82 -5.01 0.17
N GLY A 27 -9.03 -4.42 1.04
CA GLY A 27 -8.79 -5.07 2.36
C GLY A 27 -9.65 -4.43 3.45
N GLU A 28 -10.63 -3.62 3.06
CA GLU A 28 -11.55 -2.95 4.06
C GLU A 28 -10.77 -2.34 5.24
N ILE A 29 -11.48 -1.76 6.20
CA ILE A 29 -10.79 -1.12 7.36
C ILE A 29 -11.17 -1.80 8.67
N LYS A 30 -10.23 -2.42 9.32
CA LYS A 30 -10.50 -3.09 10.62
C LYS A 30 -9.50 -2.59 11.67
N THR A 31 -9.74 -2.86 12.92
CA THR A 31 -8.82 -2.37 13.96
C THR A 31 -8.35 -3.49 14.90
N TRP A 32 -7.25 -3.28 15.56
CA TRP A 32 -6.74 -4.31 16.51
C TRP A 32 -6.85 -3.78 17.95
N HIS A 33 -6.27 -4.48 18.88
CA HIS A 33 -6.31 -4.02 20.30
C HIS A 33 -4.90 -3.62 20.74
N ASN A 34 -4.63 -2.35 20.83
CA ASN A 34 -3.26 -1.91 21.25
C ASN A 34 -3.29 -1.40 22.69
N GLN A 35 -2.23 -1.59 23.43
CA GLN A 35 -2.20 -1.11 24.83
C GLN A 35 -2.53 0.38 24.88
N ARG A 36 -2.06 1.14 23.94
CA ARG A 36 -2.36 2.60 23.94
C ARG A 36 -3.84 2.86 23.65
N GLY A 37 -4.55 1.89 23.13
CA GLY A 37 -5.99 2.10 22.84
C GLY A 37 -6.37 1.34 21.56
N ASP A 38 -7.50 1.66 20.99
CA ASP A 38 -7.93 0.96 19.75
C ASP A 38 -7.14 1.48 18.54
N GLY A 39 -6.79 0.61 17.63
CA GLY A 39 -6.02 1.06 16.42
C GLY A 39 -6.73 0.57 15.16
N LYS A 40 -7.13 1.48 14.30
CA LYS A 40 -7.82 1.04 13.05
C LYS A 40 -6.85 1.08 11.88
N LEU A 41 -6.92 0.08 11.06
CA LEU A 41 -6.02 -0.01 9.89
C LEU A 41 -6.71 -0.67 8.71
N PHE A 42 -6.45 -0.21 7.52
CA PHE A 42 -7.08 -0.80 6.31
C PHE A 42 -6.02 -1.01 5.23
N ASN A 43 -6.30 -1.81 4.25
CA ASN A 43 -5.29 -2.01 3.18
C ASN A 43 -5.94 -2.47 1.88
N VAL A 44 -5.27 -2.27 0.78
CA VAL A 44 -5.81 -2.70 -0.54
C VAL A 44 -4.75 -3.49 -1.31
N ASN A 45 -5.14 -4.54 -1.97
CA ASN A 45 -4.14 -5.35 -2.73
C ASN A 45 -3.92 -4.78 -4.12
N PHE A 46 -2.70 -4.42 -4.43
CA PHE A 46 -2.40 -3.86 -5.77
C PHE A 46 -1.51 -4.83 -6.55
N LEU A 47 -1.71 -4.94 -7.84
CA LEU A 47 -0.87 -5.87 -8.63
C LEU A 47 0.25 -5.11 -9.33
N ASP A 48 1.40 -5.70 -9.43
CA ASP A 48 2.55 -5.02 -10.11
C ASP A 48 3.11 -5.92 -11.20
N THR A 49 3.73 -5.35 -12.20
CA THR A 49 4.29 -6.18 -13.30
C THR A 49 5.22 -7.26 -12.72
N SER A 50 6.01 -6.91 -11.75
CA SER A 50 6.94 -7.92 -11.14
C SER A 50 6.13 -9.00 -10.39
N GLY A 51 5.44 -8.61 -9.35
CA GLY A 51 4.64 -9.61 -8.59
C GLY A 51 3.36 -8.95 -8.06
N GLU A 52 3.10 -9.09 -6.78
CA GLU A 52 1.87 -8.48 -6.20
C GLU A 52 2.24 -7.64 -4.98
N ILE A 53 1.60 -6.52 -4.81
CA ILE A 53 1.91 -5.65 -3.64
C ILE A 53 0.63 -5.20 -2.96
N ARG A 54 0.71 -4.77 -1.73
CA ARG A 54 -0.51 -4.32 -1.02
C ARG A 54 -0.21 -3.06 -0.21
N ALA A 55 -1.03 -2.06 -0.29
CA ALA A 55 -0.75 -0.81 0.49
C ALA A 55 -1.71 -0.72 1.68
N THR A 56 -1.21 -0.32 2.82
CA THR A 56 -2.11 -0.20 4.00
C THR A 56 -2.03 1.19 4.62
N ALA A 57 -3.10 1.64 5.22
CA ALA A 57 -3.09 2.98 5.86
C ALA A 57 -3.66 2.90 7.28
N PHE A 58 -3.32 3.85 8.12
CA PHE A 58 -3.81 3.83 9.53
C PHE A 58 -5.31 4.11 9.63
N ASN A 59 -5.78 4.38 10.81
CA ASN A 59 -7.24 4.67 11.08
C ASN A 59 -7.83 5.76 10.17
N ASP A 60 -8.71 6.60 10.70
CA ASP A 60 -9.39 7.68 9.88
C ASP A 60 -8.48 8.26 8.78
N PHE A 61 -7.21 8.38 9.01
CA PHE A 61 -6.32 8.92 7.96
C PHE A 61 -6.47 8.08 6.69
N ALA A 62 -6.72 6.81 6.84
CA ALA A 62 -6.92 5.95 5.65
C ALA A 62 -8.19 6.38 4.90
N THR A 63 -9.20 6.79 5.62
CA THR A 63 -10.46 7.23 4.96
C THR A 63 -10.21 8.46 4.09
N LYS A 64 -9.43 9.37 4.58
CA LYS A 64 -9.13 10.60 3.79
C LYS A 64 -8.12 10.27 2.70
N PHE A 65 -7.31 9.26 2.91
CA PHE A 65 -6.30 8.89 1.89
C PHE A 65 -6.93 7.97 0.84
N ASN A 66 -7.70 7.00 1.25
CA ASN A 66 -8.29 6.06 0.27
C ASN A 66 -9.26 6.81 -0.61
N GLU A 67 -9.94 7.76 -0.03
CA GLU A 67 -10.91 8.54 -0.83
C GLU A 67 -10.21 9.15 -2.05
N ILE A 68 -8.97 9.54 -1.89
CA ILE A 68 -8.21 10.14 -3.02
C ILE A 68 -7.95 9.08 -4.10
N LEU A 69 -7.48 7.94 -3.71
CA LEU A 69 -7.19 6.86 -4.71
C LEU A 69 -8.49 6.19 -5.16
N GLN A 70 -8.50 5.64 -6.35
CA GLN A 70 -9.74 5.00 -6.84
C GLN A 70 -9.61 3.49 -6.93
N GLU A 71 -10.50 2.90 -7.65
CA GLU A 71 -10.51 1.42 -7.78
C GLU A 71 -10.68 1.04 -9.25
N GLY A 72 -10.53 -0.22 -9.58
CA GLY A 72 -10.66 -0.66 -11.00
C GLY A 72 -9.79 0.22 -11.90
N LYS A 73 -8.72 0.77 -11.36
CA LYS A 73 -7.84 1.64 -12.18
C LYS A 73 -6.37 1.44 -11.80
N VAL A 74 -5.47 1.98 -12.58
CA VAL A 74 -4.02 1.85 -12.29
C VAL A 74 -3.46 3.17 -11.77
N TYR A 75 -2.45 3.10 -10.94
CA TYR A 75 -1.87 4.35 -10.38
C TYR A 75 -0.40 4.12 -10.05
N TYR A 76 0.26 5.14 -9.62
CA TYR A 76 1.70 5.03 -9.31
C TYR A 76 1.99 5.51 -7.88
N VAL A 77 2.88 4.85 -7.20
CA VAL A 77 3.21 5.24 -5.80
C VAL A 77 4.71 5.49 -5.64
N SER A 78 5.10 6.51 -4.92
CA SER A 78 6.55 6.76 -4.73
C SER A 78 6.82 7.32 -3.33
N LYS A 79 7.96 6.99 -2.77
CA LYS A 79 8.33 7.49 -1.41
C LYS A 79 7.29 7.07 -0.37
N ALA A 80 7.68 6.19 0.52
CA ALA A 80 6.73 5.72 1.57
C ALA A 80 7.43 4.67 2.44
N LYS A 81 6.83 4.31 3.54
CA LYS A 81 7.46 3.29 4.43
C LYS A 81 7.18 1.89 3.86
N LEU A 82 8.23 1.14 3.60
CA LEU A 82 8.05 -0.22 3.04
C LEU A 82 8.03 -1.25 4.17
N GLN A 83 7.15 -2.21 4.11
CA GLN A 83 7.09 -3.25 5.17
C GLN A 83 6.89 -4.63 4.54
N PRO A 84 7.97 -5.36 4.41
CA PRO A 84 7.90 -6.71 3.80
C PRO A 84 7.19 -7.68 4.73
N ALA A 85 6.07 -8.21 4.31
CA ALA A 85 5.33 -9.18 5.18
C ALA A 85 5.98 -10.56 5.09
N LYS A 86 6.01 -11.28 6.17
CA LYS A 86 6.64 -12.63 6.14
C LYS A 86 5.66 -13.70 6.61
N PRO A 87 4.64 -13.92 5.81
CA PRO A 87 3.62 -14.94 6.15
C PRO A 87 4.19 -16.35 5.96
N GLN A 88 3.79 -17.28 6.76
CA GLN A 88 4.33 -18.66 6.61
C GLN A 88 3.25 -19.62 6.10
N PHE A 89 2.28 -19.96 6.92
CA PHE A 89 1.21 -20.89 6.46
C PHE A 89 0.40 -20.26 5.33
N THR A 90 0.00 -19.03 5.49
CA THR A 90 -0.80 -18.36 4.41
C THR A 90 0.03 -18.32 3.11
N ASN A 91 1.31 -18.07 3.25
CA ASN A 91 2.21 -18.02 2.05
C ASN A 91 1.86 -16.84 1.13
N LEU A 92 0.72 -16.86 0.50
CA LEU A 92 0.34 -15.75 -0.42
C LEU A 92 1.46 -15.51 -1.44
N THR A 93 1.31 -14.52 -2.28
CA THR A 93 2.37 -14.23 -3.29
C THR A 93 2.89 -12.81 -3.10
N HIS A 94 4.17 -12.65 -2.95
CA HIS A 94 4.75 -11.29 -2.75
C HIS A 94 3.99 -10.55 -1.65
N PRO A 95 4.05 -11.10 -0.47
CA PRO A 95 3.36 -10.49 0.69
C PRO A 95 4.06 -9.19 1.11
N TYR A 96 3.49 -8.07 0.74
CA TYR A 96 4.14 -6.77 1.11
C TYR A 96 3.12 -5.84 1.78
N GLU A 97 3.56 -5.05 2.71
CA GLU A 97 2.63 -4.11 3.39
C GLU A 97 3.20 -2.69 3.31
N LEU A 98 2.36 -1.74 3.00
CA LEU A 98 2.85 -0.33 2.90
C LEU A 98 2.16 0.53 3.97
N ASN A 99 2.90 1.36 4.65
CA ASN A 99 2.26 2.20 5.71
C ASN A 99 1.91 3.59 5.18
N LEU A 100 0.65 3.95 5.23
CA LEU A 100 0.25 5.30 4.76
C LEU A 100 -0.18 6.16 5.95
N ASP A 101 0.30 7.38 6.01
CA ASP A 101 -0.08 8.27 7.15
C ASP A 101 0.36 9.69 6.87
N ARG A 102 1.52 9.87 6.32
CA ARG A 102 2.02 11.24 6.02
C ARG A 102 1.73 11.59 4.57
N ASP A 103 2.48 12.49 4.00
CA ASP A 103 2.25 12.87 2.58
C ASP A 103 3.07 11.99 1.66
N THR A 104 2.44 11.04 1.03
CA THR A 104 3.19 10.14 0.09
C THR A 104 2.83 10.51 -1.36
N VAL A 105 3.49 9.93 -2.32
CA VAL A 105 3.16 10.28 -3.73
C VAL A 105 2.22 9.24 -4.33
N ILE A 106 1.06 9.65 -4.77
CA ILE A 106 0.09 8.70 -5.37
C ILE A 106 -0.51 9.32 -6.63
N GLU A 107 -0.83 8.52 -7.62
CA GLU A 107 -1.42 9.11 -8.86
C GLU A 107 -2.41 8.13 -9.50
N GLU A 108 -3.68 8.31 -9.22
CA GLU A 108 -4.74 7.41 -9.80
C GLU A 108 -5.13 7.91 -11.20
N CYS A 109 -5.39 7.01 -12.11
CA CYS A 109 -5.79 7.45 -13.48
C CYS A 109 -7.28 7.81 -13.51
N PHE A 110 -7.59 9.08 -13.43
CA PHE A 110 -9.02 9.50 -13.45
C PHE A 110 -9.14 10.98 -13.87
N ASP A 111 -10.31 11.41 -14.23
CA ASP A 111 -10.50 12.83 -14.64
C ASP A 111 -10.31 13.76 -13.43
N GLU A 112 -9.70 14.89 -13.64
CA GLU A 112 -9.47 15.83 -12.51
C GLU A 112 -10.81 16.25 -11.87
N SER A 113 -11.84 16.36 -12.66
CA SER A 113 -13.16 16.77 -12.11
C SER A 113 -14.20 15.67 -12.34
N ASN A 114 -15.16 15.55 -11.45
CA ASN A 114 -16.20 14.51 -11.62
C ASN A 114 -16.86 14.62 -13.00
N THR A 1 12.59 11.34 -3.38
CA THR A 1 11.64 10.20 -3.57
C THR A 1 12.09 9.31 -4.74
N ARG A 2 12.29 8.05 -4.50
CA ARG A 2 12.73 7.14 -5.60
C ARG A 2 11.60 6.99 -6.63
N PRO A 3 11.98 6.82 -7.88
CA PRO A 3 10.97 6.66 -8.97
C PRO A 3 10.23 5.32 -8.83
N ILE A 4 9.38 5.01 -9.77
CA ILE A 4 8.62 3.73 -9.67
C ILE A 4 9.53 2.52 -9.94
N PHE A 5 9.51 1.56 -9.05
CA PHE A 5 10.34 0.34 -9.24
C PHE A 5 9.45 -0.91 -9.19
N ALA A 6 9.92 -2.00 -9.73
CA ALA A 6 9.12 -3.26 -9.71
C ALA A 6 8.80 -3.64 -8.26
N ILE A 7 7.75 -4.39 -8.04
CA ILE A 7 7.39 -4.79 -6.65
C ILE A 7 8.59 -5.45 -5.96
N GLU A 8 9.31 -6.27 -6.66
CA GLU A 8 10.48 -6.96 -6.05
C GLU A 8 11.67 -5.99 -5.89
N GLN A 9 11.56 -4.79 -6.38
CA GLN A 9 12.71 -3.83 -6.24
C GLN A 9 12.51 -2.91 -5.04
N LEU A 10 11.48 -3.11 -4.27
CA LEU A 10 11.26 -2.22 -3.08
C LEU A 10 12.23 -2.60 -1.96
N SER A 11 12.62 -1.63 -1.15
CA SER A 11 13.57 -1.94 -0.05
C SER A 11 13.02 -1.47 1.30
N PRO A 12 13.35 -2.18 2.33
CA PRO A 12 12.89 -1.81 3.69
C PRO A 12 13.67 -0.60 4.20
N TYR A 13 14.96 -0.58 3.94
CA TYR A 13 15.79 0.57 4.39
C TYR A 13 15.40 1.84 3.63
N GLN A 14 14.91 1.71 2.42
CA GLN A 14 14.52 2.91 1.65
C GLN A 14 13.37 3.62 2.37
N ASN A 15 13.66 4.63 3.14
CA ASN A 15 12.60 5.36 3.88
C ASN A 15 11.54 5.89 2.91
N VAL A 16 11.92 6.31 1.74
CA VAL A 16 10.92 6.84 0.79
C VAL A 16 11.12 6.24 -0.61
N TRP A 17 10.05 5.85 -1.25
CA TRP A 17 10.16 5.27 -2.62
C TRP A 17 8.81 5.40 -3.34
N THR A 18 8.76 5.02 -4.58
CA THR A 18 7.46 5.11 -5.33
C THR A 18 7.16 3.78 -6.02
N ILE A 19 5.93 3.36 -6.01
CA ILE A 19 5.55 2.08 -6.68
C ILE A 19 4.16 2.19 -7.31
N LYS A 20 3.93 1.47 -8.37
CA LYS A 20 2.60 1.53 -9.03
C LYS A 20 1.97 0.14 -9.11
N ALA A 21 0.66 0.06 -9.00
CA ALA A 21 -0.02 -1.26 -9.05
C ALA A 21 -1.55 -1.09 -9.00
N ARG A 22 -2.28 -2.12 -9.32
CA ARG A 22 -3.77 -2.01 -9.28
C ARG A 22 -4.32 -2.75 -8.06
N VAL A 23 -5.58 -2.55 -7.75
CA VAL A 23 -6.16 -3.26 -6.56
C VAL A 23 -6.92 -4.52 -7.00
N SER A 24 -6.92 -5.53 -6.17
CA SER A 24 -7.64 -6.79 -6.54
C SER A 24 -8.59 -7.21 -5.41
N TYR A 25 -8.21 -7.03 -4.17
CA TYR A 25 -9.09 -7.44 -3.04
C TYR A 25 -9.10 -6.37 -1.93
N LYS A 26 -10.17 -6.30 -1.18
CA LYS A 26 -10.25 -5.29 -0.08
C LYS A 26 -9.98 -5.95 1.27
N GLY A 27 -9.16 -5.35 2.10
CA GLY A 27 -8.85 -5.94 3.41
C GLY A 27 -9.71 -5.32 4.51
N GLU A 28 -10.82 -4.69 4.14
CA GLU A 28 -11.73 -4.07 5.15
C GLU A 28 -10.99 -3.09 6.08
N ILE A 29 -11.73 -2.31 6.83
CA ILE A 29 -11.10 -1.32 7.77
C ILE A 29 -11.51 -1.60 9.21
N LYS A 30 -10.55 -1.90 10.06
CA LYS A 30 -10.86 -2.18 11.50
C LYS A 30 -9.99 -1.31 12.41
N THR A 31 -10.39 -1.16 13.65
CA THR A 31 -9.59 -0.31 14.58
C THR A 31 -8.46 -1.10 15.25
N TRP A 32 -7.49 -0.40 15.77
CA TRP A 32 -6.35 -1.07 16.46
C TRP A 32 -6.13 -0.43 17.83
N HIS A 33 -5.66 -1.19 18.79
CA HIS A 33 -5.44 -0.60 20.14
C HIS A 33 -4.01 -0.88 20.61
N ASN A 34 -3.26 0.15 20.90
CA ASN A 34 -1.86 -0.05 21.36
C ASN A 34 -1.39 1.16 22.19
N GLN A 35 -0.25 1.06 22.81
CA GLN A 35 0.27 2.20 23.61
C GLN A 35 0.42 3.44 22.74
N ARG A 36 0.66 3.26 21.47
CA ARG A 36 0.82 4.43 20.56
C ARG A 36 -0.51 5.19 20.44
N GLY A 37 -1.61 4.58 20.82
CA GLY A 37 -2.92 5.28 20.72
C GLY A 37 -3.95 4.35 20.10
N ASP A 38 -5.08 4.88 19.73
CA ASP A 38 -6.14 4.04 19.10
C ASP A 38 -6.70 4.75 17.87
N GLY A 39 -6.92 4.03 16.80
CA GLY A 39 -7.46 4.67 15.58
C GLY A 39 -8.01 3.60 14.64
N LYS A 40 -8.18 3.93 13.38
CA LYS A 40 -8.71 2.94 12.41
C LYS A 40 -7.57 2.39 11.55
N LEU A 41 -7.73 1.20 11.01
CA LEU A 41 -6.66 0.60 10.17
C LEU A 41 -7.26 -0.37 9.15
N PHE A 42 -6.77 -0.35 7.94
CA PHE A 42 -7.33 -1.26 6.90
C PHE A 42 -6.22 -1.77 5.98
N ASN A 43 -6.46 -2.84 5.27
CA ASN A 43 -5.41 -3.38 4.36
C ASN A 43 -5.98 -3.57 2.95
N VAL A 44 -5.16 -3.45 1.94
CA VAL A 44 -5.66 -3.63 0.55
C VAL A 44 -4.72 -4.54 -0.25
N ASN A 45 -5.26 -5.35 -1.12
CA ASN A 45 -4.41 -6.25 -1.93
C ASN A 45 -4.20 -5.66 -3.32
N PHE A 46 -2.97 -5.43 -3.71
CA PHE A 46 -2.74 -4.85 -5.06
C PHE A 46 -2.04 -5.88 -5.97
N LEU A 47 -2.46 -5.95 -7.21
CA LEU A 47 -1.81 -6.92 -8.14
C LEU A 47 -0.93 -6.17 -9.14
N ASP A 48 0.21 -6.73 -9.46
CA ASP A 48 1.12 -6.05 -10.42
C ASP A 48 1.75 -7.08 -11.36
N THR A 49 2.07 -6.69 -12.56
CA THR A 49 2.69 -7.65 -13.51
C THR A 49 3.94 -8.29 -12.89
N SER A 50 4.73 -7.50 -12.19
CA SER A 50 5.95 -8.06 -11.54
C SER A 50 5.56 -9.15 -10.54
N GLY A 51 4.44 -9.01 -9.89
CA GLY A 51 4.01 -10.03 -8.90
C GLY A 51 2.79 -9.52 -8.13
N GLU A 52 2.48 -10.13 -7.02
CA GLU A 52 1.30 -9.66 -6.22
C GLU A 52 1.79 -8.93 -4.97
N ILE A 53 1.15 -7.87 -4.61
CA ILE A 53 1.58 -7.11 -3.41
C ILE A 53 0.38 -6.64 -2.60
N ARG A 54 0.59 -6.34 -1.35
CA ARG A 54 -0.53 -5.87 -0.49
C ARG A 54 -0.06 -4.68 0.34
N ALA A 55 -0.86 -3.64 0.41
CA ALA A 55 -0.46 -2.45 1.20
C ALA A 55 -1.45 -2.20 2.34
N THR A 56 -1.03 -1.57 3.39
CA THR A 56 -1.96 -1.30 4.53
C THR A 56 -1.91 0.19 4.89
N ALA A 57 -2.98 0.70 5.43
CA ALA A 57 -2.99 2.15 5.81
C ALA A 57 -3.51 2.31 7.24
N PHE A 58 -3.20 3.43 7.85
CA PHE A 58 -3.64 3.67 9.27
C PHE A 58 -4.99 4.40 9.33
N ASN A 59 -5.29 4.97 10.47
CA ASN A 59 -6.57 5.70 10.72
C ASN A 59 -6.92 6.73 9.60
N ASP A 60 -7.45 7.88 9.98
CA ASP A 60 -7.86 8.93 8.97
C ASP A 60 -6.93 8.99 7.76
N PHE A 61 -5.66 8.71 7.93
CA PHE A 61 -4.75 8.76 6.75
C PHE A 61 -5.26 7.79 5.68
N ALA A 62 -5.78 6.66 6.06
CA ALA A 62 -6.30 5.70 5.04
C ALA A 62 -7.62 6.22 4.46
N THR A 63 -8.40 6.90 5.26
CA THR A 63 -9.70 7.42 4.74
C THR A 63 -9.45 8.42 3.62
N LYS A 64 -8.46 9.25 3.77
CA LYS A 64 -8.13 10.24 2.73
C LYS A 64 -7.39 9.55 1.59
N PHE A 65 -6.71 8.47 1.87
CA PHE A 65 -5.96 7.75 0.81
C PHE A 65 -6.87 6.77 0.06
N ASN A 66 -7.69 6.03 0.77
CA ASN A 66 -8.57 5.05 0.10
C ASN A 66 -9.63 5.78 -0.71
N GLU A 67 -10.12 6.87 -0.19
CA GLU A 67 -11.16 7.63 -0.93
C GLU A 67 -10.60 8.06 -2.29
N ILE A 68 -9.40 8.55 -2.31
CA ILE A 68 -8.79 8.97 -3.61
C ILE A 68 -8.45 7.73 -4.44
N LEU A 69 -8.07 6.66 -3.79
CA LEU A 69 -7.74 5.41 -4.52
C LEU A 69 -9.03 4.71 -4.96
N GLN A 70 -9.04 4.15 -6.13
CA GLN A 70 -10.26 3.48 -6.62
C GLN A 70 -10.08 1.97 -6.66
N GLU A 71 -10.93 1.31 -7.39
CA GLU A 71 -10.87 -0.17 -7.47
C GLU A 71 -10.93 -0.61 -8.94
N GLY A 72 -10.36 -1.73 -9.26
CA GLY A 72 -10.38 -2.20 -10.68
C GLY A 72 -9.53 -1.25 -11.52
N LYS A 73 -8.58 -0.58 -10.92
CA LYS A 73 -7.73 0.36 -11.70
C LYS A 73 -6.29 0.33 -11.18
N VAL A 74 -5.40 1.00 -11.87
CA VAL A 74 -3.98 1.04 -11.44
C VAL A 74 -3.63 2.43 -10.95
N TYR A 75 -2.76 2.54 -9.96
CA TYR A 75 -2.39 3.87 -9.45
C TYR A 75 -0.96 3.85 -8.94
N TYR A 76 -0.51 4.94 -8.41
CA TYR A 76 0.88 5.00 -7.91
C TYR A 76 0.92 5.38 -6.43
N VAL A 77 1.87 4.85 -5.71
CA VAL A 77 1.98 5.16 -4.26
C VAL A 77 3.41 5.61 -3.93
N SER A 78 3.56 6.68 -3.20
CA SER A 78 4.93 7.14 -2.86
C SER A 78 5.05 7.35 -1.34
N LYS A 79 6.23 7.16 -0.81
CA LYS A 79 6.45 7.34 0.65
C LYS A 79 5.62 6.34 1.46
N ALA A 80 6.29 5.45 2.13
CA ALA A 80 5.60 4.41 2.95
C ALA A 80 6.61 3.41 3.50
N LYS A 81 6.21 2.57 4.41
CA LYS A 81 7.17 1.57 4.98
C LYS A 81 7.16 0.30 4.12
N LEU A 82 8.31 -0.20 3.78
CA LEU A 82 8.39 -1.44 2.94
C LEU A 82 8.77 -2.64 3.81
N GLN A 83 7.99 -3.69 3.76
CA GLN A 83 8.32 -4.90 4.58
C GLN A 83 7.76 -6.16 3.91
N PRO A 84 8.44 -7.26 4.11
CA PRO A 84 8.00 -8.55 3.51
C PRO A 84 6.82 -9.13 4.28
N ALA A 85 6.01 -9.92 3.63
CA ALA A 85 4.84 -10.54 4.31
C ALA A 85 5.21 -11.93 4.84
N LYS A 86 4.30 -12.58 5.54
CA LYS A 86 4.61 -13.93 6.08
C LYS A 86 3.62 -14.96 5.56
N PRO A 87 3.92 -15.49 4.40
CA PRO A 87 3.05 -16.51 3.77
C PRO A 87 3.22 -17.87 4.45
N GLN A 88 2.98 -17.96 5.72
CA GLN A 88 3.15 -19.27 6.41
C GLN A 88 1.83 -20.05 6.39
N PHE A 89 0.77 -19.47 6.89
CA PHE A 89 -0.53 -20.18 6.90
C PHE A 89 -0.93 -20.55 5.48
N THR A 90 -0.65 -19.70 4.53
CA THR A 90 -1.01 -19.99 3.11
C THR A 90 0.16 -19.67 2.19
N ASN A 91 0.17 -20.18 0.99
CA ASN A 91 1.30 -19.90 0.06
C ASN A 91 0.97 -18.70 -0.85
N LEU A 92 1.56 -17.57 -0.59
CA LEU A 92 1.29 -16.37 -1.42
C LEU A 92 2.52 -16.05 -2.28
N THR A 93 2.31 -15.67 -3.52
CA THR A 93 3.47 -15.34 -4.39
C THR A 93 3.88 -13.88 -4.16
N HIS A 94 5.16 -13.63 -4.04
CA HIS A 94 5.63 -12.24 -3.81
C HIS A 94 4.90 -11.63 -2.62
N PRO A 95 5.20 -12.14 -1.46
CA PRO A 95 4.57 -11.65 -0.21
C PRO A 95 5.10 -10.25 0.13
N TYR A 96 4.27 -9.24 0.02
CA TYR A 96 4.71 -7.86 0.33
C TYR A 96 3.75 -7.18 1.30
N GLU A 97 4.19 -6.14 1.95
CA GLU A 97 3.32 -5.41 2.91
C GLU A 97 3.81 -3.96 3.02
N LEU A 98 2.92 -3.02 2.95
CA LEU A 98 3.33 -1.61 3.04
C LEU A 98 2.51 -0.88 4.11
N ASN A 99 3.10 0.04 4.82
CA ASN A 99 2.32 0.75 5.88
C ASN A 99 2.18 2.24 5.57
N LEU A 100 0.97 2.71 5.40
CA LEU A 100 0.76 4.16 5.12
C LEU A 100 0.32 4.88 6.40
N ASP A 101 0.84 6.04 6.66
CA ASP A 101 0.44 6.76 7.90
C ASP A 101 0.91 8.21 7.85
N ARG A 102 2.17 8.42 7.59
CA ARG A 102 2.71 9.80 7.52
C ARG A 102 2.20 10.49 6.26
N ASP A 103 2.92 11.43 5.75
CA ASP A 103 2.47 12.13 4.51
C ASP A 103 2.86 11.30 3.29
N THR A 104 1.91 10.67 2.67
CA THR A 104 2.21 9.84 1.46
C THR A 104 1.48 10.40 0.23
N VAL A 105 1.96 10.09 -0.94
CA VAL A 105 1.28 10.63 -2.17
C VAL A 105 0.71 9.48 -3.00
N ILE A 106 -0.54 9.57 -3.38
CA ILE A 106 -1.17 8.49 -4.19
C ILE A 106 -1.98 9.11 -5.32
N GLU A 107 -2.05 8.47 -6.44
CA GLU A 107 -2.87 9.04 -7.56
C GLU A 107 -3.46 7.91 -8.41
N GLU A 108 -4.77 7.84 -8.44
CA GLU A 108 -5.45 6.78 -9.25
C GLU A 108 -5.31 7.09 -10.74
N CYS A 109 -5.31 6.08 -11.57
CA CYS A 109 -5.15 6.32 -13.04
C CYS A 109 -6.26 7.24 -13.55
N PHE A 110 -6.02 8.53 -13.55
CA PHE A 110 -7.04 9.49 -14.04
C PHE A 110 -6.46 10.91 -14.07
N ASP A 111 -5.92 11.36 -12.96
CA ASP A 111 -5.33 12.73 -12.92
C ASP A 111 -4.04 12.77 -13.75
N GLU A 112 -3.77 13.88 -14.39
CA GLU A 112 -2.53 13.99 -15.22
C GLU A 112 -1.47 14.79 -14.46
N SER A 113 -0.23 14.37 -14.54
CA SER A 113 0.84 15.13 -13.83
C SER A 113 1.88 15.64 -14.83
N ASN A 114 2.49 16.76 -14.54
CA ASN A 114 3.51 17.32 -15.48
C ASN A 114 4.58 16.27 -15.77
N THR A 1 16.86 9.10 -4.81
CA THR A 1 17.57 8.09 -5.66
C THR A 1 16.90 6.73 -5.53
N ARG A 2 15.63 6.70 -5.22
CA ARG A 2 14.92 5.39 -5.09
C ARG A 2 13.68 5.37 -6.00
N PRO A 3 13.94 5.19 -7.27
CA PRO A 3 12.85 5.15 -8.29
C PRO A 3 12.00 3.88 -8.14
N ILE A 4 11.16 3.60 -9.10
CA ILE A 4 10.30 2.38 -9.02
C ILE A 4 11.14 1.11 -9.18
N PHE A 5 11.04 0.21 -8.24
CA PHE A 5 11.79 -1.08 -8.34
C PHE A 5 10.83 -2.25 -8.31
N ALA A 6 11.26 -3.41 -8.74
CA ALA A 6 10.35 -4.59 -8.71
C ALA A 6 9.81 -4.79 -7.30
N ILE A 7 8.63 -5.34 -7.17
CA ILE A 7 8.05 -5.54 -5.81
C ILE A 7 9.02 -6.31 -4.93
N GLU A 8 9.74 -7.26 -5.48
CA GLU A 8 10.71 -8.03 -4.67
C GLU A 8 11.83 -7.11 -4.17
N GLN A 9 12.14 -6.07 -4.91
CA GLN A 9 13.23 -5.14 -4.48
C GLN A 9 12.84 -4.35 -3.23
N LEU A 10 11.57 -4.15 -3.01
CA LEU A 10 11.13 -3.36 -1.81
C LEU A 10 11.76 -3.93 -0.53
N SER A 11 12.28 -3.06 0.28
CA SER A 11 12.90 -3.51 1.56
C SER A 11 12.51 -2.55 2.70
N PRO A 12 12.44 -3.08 3.89
CA PRO A 12 12.09 -2.25 5.07
C PRO A 12 13.21 -1.27 5.39
N TYR A 13 14.43 -1.65 5.13
CA TYR A 13 15.58 -0.74 5.41
C TYR A 13 15.49 0.50 4.52
N GLN A 14 15.05 0.33 3.30
CA GLN A 14 14.94 1.50 2.38
C GLN A 14 13.98 2.52 2.97
N ASN A 15 14.47 3.67 3.35
CA ASN A 15 13.59 4.71 3.95
C ASN A 15 12.46 5.12 2.99
N VAL A 16 12.78 5.37 1.76
CA VAL A 16 11.71 5.78 0.79
C VAL A 16 11.94 5.16 -0.59
N TRP A 17 10.91 5.02 -1.37
CA TRP A 17 11.06 4.45 -2.74
C TRP A 17 9.83 4.80 -3.58
N THR A 18 9.68 4.19 -4.72
CA THR A 18 8.50 4.48 -5.57
C THR A 18 7.84 3.17 -6.01
N ILE A 19 6.54 3.12 -6.04
CA ILE A 19 5.86 1.87 -6.47
C ILE A 19 4.60 2.19 -7.27
N LYS A 20 4.41 1.54 -8.38
CA LYS A 20 3.19 1.81 -9.20
C LYS A 20 2.49 0.49 -9.55
N ALA A 21 1.19 0.50 -9.61
CA ALA A 21 0.45 -0.77 -9.93
C ALA A 21 -1.06 -0.54 -9.84
N ARG A 22 -1.85 -1.55 -10.10
CA ARG A 22 -3.34 -1.40 -10.03
C ARG A 22 -3.88 -2.16 -8.82
N VAL A 23 -5.12 -1.96 -8.49
CA VAL A 23 -5.70 -2.67 -7.30
C VAL A 23 -6.33 -4.00 -7.71
N SER A 24 -6.29 -4.99 -6.85
CA SER A 24 -6.91 -6.31 -7.17
C SER A 24 -7.93 -6.69 -6.10
N TYR A 25 -7.63 -6.42 -4.85
CA TYR A 25 -8.58 -6.77 -3.76
C TYR A 25 -8.65 -5.62 -2.73
N LYS A 26 -9.77 -5.48 -2.08
CA LYS A 26 -9.92 -4.38 -1.08
C LYS A 26 -9.77 -4.92 0.36
N GLY A 27 -9.00 -4.26 1.18
CA GLY A 27 -8.82 -4.73 2.58
C GLY A 27 -9.68 -3.89 3.54
N GLU A 28 -10.54 -3.04 3.02
CA GLU A 28 -11.44 -2.18 3.88
C GLU A 28 -10.68 -1.57 5.08
N ILE A 29 -11.40 -0.91 5.96
CA ILE A 29 -10.74 -0.27 7.14
C ILE A 29 -11.11 -1.05 8.41
N LYS A 30 -10.13 -1.41 9.19
CA LYS A 30 -10.38 -2.14 10.46
C LYS A 30 -9.34 -1.68 11.47
N THR A 31 -9.48 -2.04 12.72
CA THR A 31 -8.48 -1.57 13.72
C THR A 31 -7.24 -2.46 13.73
N TRP A 32 -6.16 -1.95 14.26
CA TRP A 32 -4.88 -2.72 14.31
C TRP A 32 -5.09 -4.05 15.04
N HIS A 33 -4.03 -4.74 15.32
CA HIS A 33 -4.13 -6.03 16.04
C HIS A 33 -3.19 -6.02 17.24
N ASN A 34 -2.95 -4.87 17.83
CA ASN A 34 -2.02 -4.84 19.00
C ASN A 34 -2.75 -4.36 20.25
N GLN A 35 -2.48 -4.95 21.38
CA GLN A 35 -3.16 -4.50 22.62
C GLN A 35 -2.91 -3.00 22.83
N ARG A 36 -1.69 -2.56 22.63
CA ARG A 36 -1.38 -1.12 22.77
C ARG A 36 -1.82 -0.35 21.53
N GLY A 37 -2.07 -1.04 20.44
CA GLY A 37 -2.50 -0.34 19.19
C GLY A 37 -3.94 -0.74 18.85
N ASP A 38 -4.88 0.12 19.13
CA ASP A 38 -6.31 -0.19 18.83
C ASP A 38 -6.91 0.87 17.89
N GLY A 39 -6.10 1.72 17.31
CA GLY A 39 -6.62 2.76 16.39
C GLY A 39 -7.16 2.10 15.12
N LYS A 40 -7.34 2.86 14.06
CA LYS A 40 -7.90 2.27 12.81
C LYS A 40 -6.82 2.06 11.74
N LEU A 41 -7.02 1.07 10.92
CA LEU A 41 -6.05 0.73 9.84
C LEU A 41 -6.80 0.20 8.61
N PHE A 42 -6.29 0.47 7.44
CA PHE A 42 -6.96 -0.01 6.20
C PHE A 42 -5.96 -0.78 5.32
N ASN A 43 -6.40 -1.78 4.61
CA ASN A 43 -5.47 -2.59 3.76
C ASN A 43 -5.91 -2.66 2.29
N VAL A 44 -4.98 -2.69 1.38
CA VAL A 44 -5.34 -2.80 -0.08
C VAL A 44 -4.37 -3.74 -0.79
N ASN A 45 -4.86 -4.50 -1.73
CA ASN A 45 -3.97 -5.42 -2.49
C ASN A 45 -3.77 -4.89 -3.91
N PHE A 46 -2.54 -4.70 -4.32
CA PHE A 46 -2.29 -4.18 -5.68
C PHE A 46 -1.55 -5.20 -6.53
N LEU A 47 -1.81 -5.26 -7.81
CA LEU A 47 -1.12 -6.23 -8.68
C LEU A 47 -0.15 -5.51 -9.62
N ASP A 48 0.97 -6.12 -9.91
CA ASP A 48 1.96 -5.48 -10.82
C ASP A 48 2.57 -6.54 -11.75
N THR A 49 2.97 -6.15 -12.92
CA THR A 49 3.57 -7.14 -13.86
C THR A 49 4.79 -7.82 -13.22
N SER A 50 5.60 -7.08 -12.53
CA SER A 50 6.80 -7.69 -11.87
C SER A 50 6.37 -8.78 -10.88
N GLY A 51 5.34 -8.54 -10.13
CA GLY A 51 4.89 -9.56 -9.15
C GLY A 51 3.61 -9.08 -8.46
N GLU A 52 3.31 -9.60 -7.30
CA GLU A 52 2.09 -9.18 -6.57
C GLU A 52 2.50 -8.39 -5.33
N ILE A 53 1.79 -7.35 -5.02
CA ILE A 53 2.14 -6.53 -3.82
C ILE A 53 0.88 -6.10 -3.07
N ARG A 54 1.02 -5.74 -1.83
CA ARG A 54 -0.15 -5.30 -1.04
C ARG A 54 0.22 -4.07 -0.20
N ALA A 55 -0.59 -3.05 -0.23
CA ALA A 55 -0.28 -1.84 0.58
C ALA A 55 -1.31 -1.68 1.70
N THR A 56 -0.95 -1.02 2.76
CA THR A 56 -1.94 -0.85 3.86
C THR A 56 -1.93 0.60 4.38
N ALA A 57 -3.07 1.24 4.40
CA ALA A 57 -3.12 2.64 4.90
C ALA A 57 -3.50 2.63 6.39
N PHE A 58 -3.11 3.65 7.12
CA PHE A 58 -3.41 3.69 8.58
C PHE A 58 -4.85 4.18 8.85
N ASN A 59 -5.13 4.63 10.06
CA ASN A 59 -6.49 5.13 10.45
C ASN A 59 -7.02 6.22 9.48
N ASP A 60 -7.69 7.24 9.99
CA ASP A 60 -8.27 8.32 9.10
C ASP A 60 -7.35 8.67 7.92
N PHE A 61 -6.06 8.57 8.11
CA PHE A 61 -5.14 8.87 6.98
C PHE A 61 -5.52 7.99 5.79
N ALA A 62 -6.00 6.81 6.04
CA ALA A 62 -6.43 5.93 4.93
C ALA A 62 -7.60 6.59 4.20
N THR A 63 -8.46 7.26 4.92
CA THR A 63 -9.61 7.92 4.27
C THR A 63 -9.12 9.01 3.32
N LYS A 64 -8.10 9.73 3.70
CA LYS A 64 -7.57 10.80 2.83
C LYS A 64 -6.73 10.17 1.71
N PHE A 65 -6.16 9.02 1.97
CA PHE A 65 -5.32 8.36 0.95
C PHE A 65 -6.17 7.48 0.01
N ASN A 66 -7.14 6.77 0.55
CA ASN A 66 -7.96 5.88 -0.31
C ASN A 66 -8.87 6.72 -1.18
N GLU A 67 -9.35 7.83 -0.67
CA GLU A 67 -10.24 8.68 -1.48
C GLU A 67 -9.52 9.11 -2.75
N ILE A 68 -8.25 9.38 -2.66
CA ILE A 68 -7.48 9.79 -3.87
C ILE A 68 -7.31 8.62 -4.83
N LEU A 69 -7.11 7.44 -4.32
CA LEU A 69 -6.92 6.25 -5.19
C LEU A 69 -8.27 5.58 -5.47
N GLN A 70 -8.43 5.01 -6.64
CA GLN A 70 -9.70 4.36 -6.99
C GLN A 70 -9.57 2.84 -7.00
N GLU A 71 -10.50 2.20 -7.63
CA GLU A 71 -10.50 0.72 -7.68
C GLU A 71 -10.68 0.27 -9.12
N GLY A 72 -10.10 -0.83 -9.49
CA GLY A 72 -10.23 -1.31 -10.90
C GLY A 72 -9.42 -0.40 -11.81
N LYS A 73 -8.37 0.19 -11.30
CA LYS A 73 -7.54 1.10 -12.15
C LYS A 73 -6.07 1.05 -11.71
N VAL A 74 -5.22 1.75 -12.43
CA VAL A 74 -3.77 1.78 -12.08
C VAL A 74 -3.40 3.15 -11.53
N TYR A 75 -2.40 3.21 -10.69
CA TYR A 75 -1.99 4.51 -10.10
C TYR A 75 -0.52 4.45 -9.71
N TYR A 76 -0.03 5.51 -9.14
CA TYR A 76 1.38 5.57 -8.74
C TYR A 76 1.51 6.04 -7.28
N VAL A 77 2.34 5.37 -6.52
CA VAL A 77 2.52 5.77 -5.10
C VAL A 77 4.00 5.73 -4.73
N SER A 78 4.48 6.67 -3.96
CA SER A 78 5.92 6.66 -3.59
C SER A 78 6.13 7.16 -2.16
N LYS A 79 7.28 6.88 -1.60
CA LYS A 79 7.59 7.33 -0.20
C LYS A 79 6.67 6.67 0.81
N ALA A 80 7.23 5.83 1.64
CA ALA A 80 6.43 5.12 2.69
C ALA A 80 7.30 4.03 3.33
N LYS A 81 6.86 3.47 4.42
CA LYS A 81 7.69 2.40 5.08
C LYS A 81 7.34 1.03 4.48
N LEU A 82 8.33 0.23 4.21
CA LEU A 82 8.07 -1.11 3.60
C LEU A 82 8.17 -2.20 4.68
N GLN A 83 7.25 -3.14 4.67
CA GLN A 83 7.28 -4.22 5.69
C GLN A 83 6.88 -5.56 5.07
N PRO A 84 7.85 -6.43 4.89
CA PRO A 84 7.55 -7.76 4.30
C PRO A 84 6.81 -8.63 5.31
N ALA A 85 5.78 -9.31 4.87
CA ALA A 85 5.01 -10.19 5.81
C ALA A 85 5.38 -11.66 5.59
N LYS A 86 5.39 -12.45 6.63
CA LYS A 86 5.74 -13.89 6.47
C LYS A 86 4.52 -14.66 5.96
N PRO A 87 4.77 -15.71 5.24
CA PRO A 87 3.67 -16.54 4.69
C PRO A 87 2.95 -17.31 5.81
N GLN A 88 3.66 -17.66 6.86
CA GLN A 88 3.02 -18.40 7.98
C GLN A 88 1.97 -17.54 8.68
N PHE A 89 2.20 -16.25 8.74
CA PHE A 89 1.22 -15.35 9.43
C PHE A 89 -0.16 -15.43 8.76
N THR A 90 -0.21 -15.29 7.46
CA THR A 90 -1.54 -15.36 6.77
C THR A 90 -1.47 -16.32 5.58
N ASN A 91 -2.60 -16.79 5.12
CA ASN A 91 -2.60 -17.71 3.95
C ASN A 91 -2.91 -16.95 2.65
N LEU A 92 -1.92 -16.76 1.82
CA LEU A 92 -2.16 -16.03 0.55
C LEU A 92 -0.88 -16.07 -0.32
N THR A 93 -0.76 -15.19 -1.27
CA THR A 93 0.45 -15.19 -2.13
C THR A 93 1.17 -13.84 -2.04
N HIS A 94 2.47 -13.85 -1.95
CA HIS A 94 3.23 -12.57 -1.87
C HIS A 94 2.69 -11.71 -0.72
N PRO A 95 2.88 -12.18 0.47
CA PRO A 95 2.41 -11.44 1.67
C PRO A 95 3.30 -10.22 1.92
N TYR A 96 2.80 -9.04 1.66
CA TYR A 96 3.62 -7.81 1.87
C TYR A 96 2.82 -6.76 2.64
N GLU A 97 3.44 -6.11 3.59
CA GLU A 97 2.72 -5.05 4.36
C GLU A 97 3.33 -3.68 4.07
N LEU A 98 2.52 -2.67 3.97
CA LEU A 98 3.06 -1.31 3.67
C LEU A 98 2.33 -0.26 4.52
N ASN A 99 3.05 0.67 5.08
CA ASN A 99 2.38 1.71 5.93
C ASN A 99 2.17 3.00 5.13
N LEU A 100 0.94 3.37 4.90
CA LEU A 100 0.66 4.63 4.14
C LEU A 100 -0.03 5.64 5.06
N ASP A 101 0.45 6.85 5.10
CA ASP A 101 -0.19 7.88 5.96
C ASP A 101 -0.51 9.13 5.13
N ARG A 102 0.23 10.21 5.29
CA ARG A 102 -0.08 11.43 4.49
C ARG A 102 1.16 11.84 3.67
N ASP A 103 2.32 11.70 4.24
CA ASP A 103 3.56 12.09 3.52
C ASP A 103 3.68 11.35 2.18
N THR A 104 3.18 10.15 2.09
CA THR A 104 3.29 9.40 0.81
C THR A 104 2.52 10.12 -0.30
N VAL A 105 3.04 10.09 -1.50
CA VAL A 105 2.33 10.75 -2.63
C VAL A 105 1.55 9.70 -3.41
N ILE A 106 0.29 9.94 -3.66
CA ILE A 106 -0.52 8.92 -4.41
C ILE A 106 -1.35 9.61 -5.49
N GLU A 107 -1.55 8.97 -6.60
CA GLU A 107 -2.37 9.60 -7.68
C GLU A 107 -3.00 8.52 -8.57
N GLU A 108 -4.30 8.53 -8.69
CA GLU A 108 -5.00 7.52 -9.54
C GLU A 108 -5.14 8.03 -10.97
N CYS A 109 -5.10 7.15 -11.95
CA CYS A 109 -5.25 7.60 -13.36
C CYS A 109 -6.74 7.54 -13.76
N PHE A 110 -7.32 8.66 -14.08
CA PHE A 110 -8.75 8.66 -14.49
C PHE A 110 -8.97 9.51 -15.73
N ASP A 111 -9.99 9.23 -16.49
CA ASP A 111 -10.26 10.02 -17.72
C ASP A 111 -10.73 11.43 -17.39
N GLU A 112 -11.57 11.57 -16.41
CA GLU A 112 -12.07 12.92 -16.02
C GLU A 112 -11.98 13.13 -14.51
N SER A 113 -11.81 14.35 -14.08
CA SER A 113 -11.72 14.62 -12.61
C SER A 113 -12.99 14.16 -11.91
N ASN A 114 -14.11 14.29 -12.55
CA ASN A 114 -15.40 13.88 -11.92
C ASN A 114 -15.58 14.57 -10.57
N THR A 1 17.09 9.35 -4.95
CA THR A 1 17.06 8.54 -6.20
C THR A 1 16.31 7.22 -5.95
N ARG A 2 15.03 7.30 -5.71
CA ARG A 2 14.25 6.04 -5.47
C ARG A 2 13.07 5.96 -6.43
N PRO A 3 13.36 5.50 -7.62
CA PRO A 3 12.32 5.35 -8.67
C PRO A 3 11.33 4.24 -8.30
N ILE A 4 10.40 3.93 -9.18
CA ILE A 4 9.41 2.87 -8.87
C ILE A 4 10.10 1.51 -8.71
N PHE A 5 9.78 0.78 -7.67
CA PHE A 5 10.40 -0.55 -7.46
C PHE A 5 9.37 -1.65 -7.67
N ALA A 6 9.76 -2.75 -8.25
CA ALA A 6 8.82 -3.87 -8.46
C ALA A 6 8.43 -4.44 -7.09
N ILE A 7 7.39 -5.24 -7.02
CA ILE A 7 7.00 -5.81 -5.71
C ILE A 7 8.19 -6.54 -5.07
N GLU A 8 9.08 -7.05 -5.88
CA GLU A 8 10.27 -7.75 -5.31
C GLU A 8 11.47 -6.80 -5.21
N GLN A 9 11.27 -5.50 -5.30
CA GLN A 9 12.41 -4.55 -5.21
C GLN A 9 12.21 -3.55 -4.07
N LEU A 10 11.18 -3.71 -3.29
CA LEU A 10 10.93 -2.77 -2.17
C LEU A 10 12.11 -2.70 -1.20
N SER A 11 12.25 -1.59 -0.51
CA SER A 11 13.37 -1.43 0.46
C SER A 11 12.82 -1.06 1.85
N PRO A 12 12.84 -2.00 2.75
CA PRO A 12 12.34 -1.72 4.12
C PRO A 12 13.26 -0.71 4.83
N TYR A 13 14.53 -0.75 4.53
CA TYR A 13 15.47 0.21 5.17
C TYR A 13 15.26 1.63 4.63
N GLN A 14 14.74 1.76 3.44
CA GLN A 14 14.52 3.12 2.86
C GLN A 14 13.23 3.72 3.43
N ASN A 15 13.33 4.80 4.14
CA ASN A 15 12.13 5.45 4.72
C ASN A 15 11.14 5.86 3.61
N VAL A 16 11.65 6.32 2.50
CA VAL A 16 10.72 6.75 1.41
C VAL A 16 11.17 6.17 0.06
N TRP A 17 10.23 5.75 -0.74
CA TRP A 17 10.56 5.19 -2.08
C TRP A 17 9.37 5.35 -3.02
N THR A 18 9.41 4.74 -4.17
CA THR A 18 8.26 4.87 -5.12
C THR A 18 7.82 3.47 -5.58
N ILE A 19 6.53 3.24 -5.68
CA ILE A 19 6.06 1.90 -6.14
C ILE A 19 4.70 2.02 -6.84
N LYS A 20 4.51 1.30 -7.91
CA LYS A 20 3.21 1.38 -8.64
C LYS A 20 2.45 0.05 -8.57
N ALA A 21 1.14 0.10 -8.54
CA ALA A 21 0.34 -1.15 -8.48
C ALA A 21 -1.12 -0.87 -8.84
N ARG A 22 -1.89 -1.88 -9.16
CA ARG A 22 -3.32 -1.67 -9.51
C ARG A 22 -4.21 -2.18 -8.37
N VAL A 23 -5.26 -1.48 -8.06
CA VAL A 23 -6.16 -1.93 -6.95
C VAL A 23 -6.89 -3.22 -7.33
N SER A 24 -6.92 -4.18 -6.46
CA SER A 24 -7.62 -5.45 -6.76
C SER A 24 -8.83 -5.62 -5.85
N TYR A 25 -8.60 -5.70 -4.56
CA TYR A 25 -9.73 -5.89 -3.60
C TYR A 25 -9.54 -4.98 -2.37
N LYS A 26 -10.62 -4.51 -1.80
CA LYS A 26 -10.51 -3.63 -0.59
C LYS A 26 -10.54 -4.47 0.69
N GLY A 27 -9.65 -4.20 1.61
CA GLY A 27 -9.63 -5.00 2.87
C GLY A 27 -10.35 -4.23 3.98
N GLU A 28 -11.26 -3.36 3.63
CA GLU A 28 -12.03 -2.56 4.64
C GLU A 28 -11.09 -1.92 5.68
N ILE A 29 -11.64 -1.17 6.60
CA ILE A 29 -10.81 -0.50 7.64
C ILE A 29 -11.12 -1.09 9.03
N LYS A 30 -10.12 -1.62 9.68
CA LYS A 30 -10.33 -2.22 11.03
C LYS A 30 -9.18 -1.81 11.94
N THR A 31 -9.27 -2.09 13.20
CA THR A 31 -8.19 -1.68 14.13
C THR A 31 -7.12 -2.77 14.33
N TRP A 32 -5.99 -2.35 14.81
CA TRP A 32 -4.85 -3.28 15.07
C TRP A 32 -5.26 -4.40 16.00
N HIS A 33 -4.56 -5.50 15.97
CA HIS A 33 -4.89 -6.63 16.87
C HIS A 33 -3.92 -6.65 18.06
N ASN A 34 -3.45 -5.50 18.50
CA ASN A 34 -2.49 -5.49 19.63
C ASN A 34 -3.12 -4.87 20.87
N GLN A 35 -2.86 -5.42 22.03
CA GLN A 35 -3.44 -4.83 23.27
C GLN A 35 -2.99 -3.37 23.40
N ARG A 36 -1.76 -3.11 23.07
CA ARG A 36 -1.25 -1.71 23.15
C ARG A 36 -1.59 -0.96 21.85
N GLY A 37 -1.93 -1.68 20.80
CA GLY A 37 -2.27 -1.00 19.52
C GLY A 37 -3.76 -1.22 19.22
N ASP A 38 -4.54 -0.17 19.35
CA ASP A 38 -6.00 -0.29 19.08
C ASP A 38 -6.48 0.80 18.10
N GLY A 39 -5.58 1.46 17.42
CA GLY A 39 -6.00 2.52 16.46
C GLY A 39 -6.64 1.86 15.23
N LYS A 40 -6.98 2.62 14.22
CA LYS A 40 -7.63 2.01 13.03
C LYS A 40 -6.63 1.87 11.87
N LEU A 41 -6.85 0.86 11.06
CA LEU A 41 -5.97 0.60 9.89
C LEU A 41 -6.73 -0.17 8.82
N PHE A 42 -6.56 0.20 7.58
CA PHE A 42 -7.26 -0.54 6.48
C PHE A 42 -6.23 -1.04 5.48
N ASN A 43 -6.52 -2.12 4.80
CA ASN A 43 -5.53 -2.65 3.81
C ASN A 43 -6.20 -2.91 2.46
N VAL A 44 -5.46 -2.83 1.39
CA VAL A 44 -6.04 -3.09 0.05
C VAL A 44 -5.10 -4.01 -0.74
N ASN A 45 -5.63 -4.94 -1.48
CA ASN A 45 -4.76 -5.86 -2.26
C ASN A 45 -4.46 -5.28 -3.64
N PHE A 46 -3.21 -5.12 -3.97
CA PHE A 46 -2.87 -4.55 -5.30
C PHE A 46 -2.17 -5.60 -6.17
N LEU A 47 -2.49 -5.65 -7.43
CA LEU A 47 -1.84 -6.65 -8.32
C LEU A 47 -0.92 -5.95 -9.32
N ASP A 48 0.20 -6.54 -9.59
CA ASP A 48 1.16 -5.92 -10.56
C ASP A 48 1.86 -7.01 -11.37
N THR A 49 2.39 -6.68 -12.52
CA THR A 49 3.08 -7.71 -13.34
C THR A 49 4.18 -8.40 -12.53
N SER A 50 4.90 -7.66 -11.73
CA SER A 50 5.98 -8.29 -10.91
C SER A 50 5.41 -9.38 -10.01
N GLY A 51 4.24 -9.18 -9.47
CA GLY A 51 3.64 -10.20 -8.59
C GLY A 51 2.41 -9.62 -7.87
N GLU A 52 2.05 -10.18 -6.75
CA GLU A 52 0.88 -9.64 -5.99
C GLU A 52 1.36 -8.90 -4.75
N ILE A 53 0.78 -7.77 -4.47
CA ILE A 53 1.22 -6.98 -3.29
C ILE A 53 0.03 -6.36 -2.56
N ARG A 54 0.21 -5.97 -1.34
CA ARG A 54 -0.90 -5.33 -0.58
C ARG A 54 -0.38 -4.13 0.21
N ALA A 55 -1.08 -3.02 0.17
CA ALA A 55 -0.62 -1.82 0.92
C ALA A 55 -1.65 -1.47 1.99
N THR A 56 -1.22 -0.96 3.12
CA THR A 56 -2.20 -0.62 4.19
C THR A 56 -2.00 0.81 4.69
N ALA A 57 -3.04 1.41 5.20
CA ALA A 57 -2.93 2.80 5.73
C ALA A 57 -3.51 2.88 7.15
N PHE A 58 -3.03 3.79 7.94
CA PHE A 58 -3.50 3.91 9.36
C PHE A 58 -4.96 4.41 9.42
N ASN A 59 -5.37 4.89 10.58
CA ASN A 59 -6.78 5.38 10.77
C ASN A 59 -7.16 6.49 9.77
N ASP A 60 -7.90 7.51 10.21
CA ASP A 60 -8.36 8.61 9.29
C ASP A 60 -7.37 8.93 8.16
N PHE A 61 -6.09 8.85 8.40
CA PHE A 61 -5.12 9.14 7.30
C PHE A 61 -5.44 8.23 6.11
N ALA A 62 -5.87 7.03 6.38
CA ALA A 62 -6.22 6.10 5.27
C ALA A 62 -7.46 6.63 4.54
N THR A 63 -8.40 7.14 5.26
CA THR A 63 -9.64 7.67 4.62
C THR A 63 -9.31 8.82 3.67
N LYS A 64 -8.40 9.66 4.06
CA LYS A 64 -8.01 10.80 3.20
C LYS A 64 -7.18 10.28 2.03
N PHE A 65 -6.48 9.20 2.22
CA PHE A 65 -5.63 8.65 1.13
C PHE A 65 -6.43 7.71 0.23
N ASN A 66 -7.26 6.86 0.81
CA ASN A 66 -8.05 5.91 -0.01
C ASN A 66 -9.04 6.69 -0.86
N GLU A 67 -9.57 7.75 -0.32
CA GLU A 67 -10.55 8.54 -1.11
C GLU A 67 -9.91 8.98 -2.42
N ILE A 68 -8.66 9.40 -2.37
CA ILE A 68 -7.97 9.83 -3.61
C ILE A 68 -7.67 8.60 -4.47
N LEU A 69 -7.47 7.47 -3.85
CA LEU A 69 -7.18 6.23 -4.62
C LEU A 69 -8.43 5.80 -5.39
N GLN A 70 -8.27 5.24 -6.55
CA GLN A 70 -9.45 4.85 -7.34
C GLN A 70 -9.63 3.34 -7.38
N GLU A 71 -10.40 2.88 -8.33
CA GLU A 71 -10.70 1.43 -8.44
C GLU A 71 -10.49 0.99 -9.89
N GLY A 72 -10.19 -0.27 -10.10
CA GLY A 72 -9.97 -0.75 -11.50
C GLY A 72 -8.92 0.12 -12.19
N LYS A 73 -8.05 0.75 -11.44
CA LYS A 73 -7.02 1.61 -12.08
C LYS A 73 -5.63 1.30 -11.52
N VAL A 74 -4.60 1.79 -12.17
CA VAL A 74 -3.21 1.55 -11.71
C VAL A 74 -2.63 2.85 -11.14
N TYR A 75 -1.93 2.77 -10.05
CA TYR A 75 -1.35 4.00 -9.45
C TYR A 75 -0.08 3.69 -8.68
N TYR A 76 0.45 4.67 -8.00
CA TYR A 76 1.69 4.43 -7.24
C TYR A 76 1.75 5.35 -6.01
N VAL A 77 2.46 4.92 -5.00
CA VAL A 77 2.58 5.74 -3.76
C VAL A 77 4.05 5.86 -3.34
N SER A 78 4.38 6.85 -2.56
CA SER A 78 5.80 7.00 -2.11
C SER A 78 5.86 7.65 -0.74
N LYS A 79 7.04 7.70 -0.16
CA LYS A 79 7.21 8.32 1.18
C LYS A 79 6.39 7.58 2.23
N ALA A 80 6.68 6.33 2.43
CA ALA A 80 5.94 5.52 3.44
C ALA A 80 6.85 4.44 4.02
N LYS A 81 6.53 3.92 5.18
CA LYS A 81 7.37 2.86 5.79
C LYS A 81 7.10 1.52 5.10
N LEU A 82 8.14 0.80 4.74
CA LEU A 82 7.94 -0.50 4.05
C LEU A 82 8.41 -1.66 4.95
N GLN A 83 7.57 -2.64 5.15
CA GLN A 83 7.96 -3.80 6.00
C GLN A 83 7.60 -5.11 5.29
N PRO A 84 8.48 -6.08 5.37
CA PRO A 84 8.22 -7.39 4.71
C PRO A 84 7.21 -8.22 5.50
N ALA A 85 6.34 -8.93 4.82
CA ALA A 85 5.34 -9.76 5.52
C ALA A 85 5.74 -11.24 5.43
N LYS A 86 5.39 -12.03 6.42
CA LYS A 86 5.76 -13.47 6.37
C LYS A 86 4.99 -14.17 5.25
N PRO A 87 5.61 -15.17 4.67
CA PRO A 87 4.97 -15.92 3.56
C PRO A 87 3.82 -16.79 4.09
N GLN A 88 4.10 -17.70 4.97
CA GLN A 88 3.03 -18.57 5.52
C GLN A 88 1.97 -17.72 6.22
N PHE A 89 2.37 -16.61 6.79
CA PHE A 89 1.39 -15.72 7.48
C PHE A 89 0.27 -15.32 6.52
N THR A 90 0.60 -15.06 5.28
CA THR A 90 -0.44 -14.66 4.30
C THR A 90 -0.53 -15.68 3.16
N ASN A 91 -1.73 -16.01 2.75
CA ASN A 91 -1.91 -16.99 1.65
C ASN A 91 -1.22 -16.50 0.37
N LEU A 92 -1.12 -15.22 0.18
CA LEU A 92 -0.46 -14.69 -1.06
C LEU A 92 1.06 -14.91 -0.99
N THR A 93 1.67 -15.14 -2.12
CA THR A 93 3.15 -15.36 -2.14
C THR A 93 3.90 -14.04 -2.03
N HIS A 94 4.97 -14.02 -1.29
CA HIS A 94 5.75 -12.75 -1.14
C HIS A 94 4.85 -11.62 -0.68
N PRO A 95 4.19 -11.83 0.43
CA PRO A 95 3.27 -10.80 0.98
C PRO A 95 4.07 -9.62 1.54
N TYR A 96 3.59 -8.43 1.35
CA TYR A 96 4.32 -7.24 1.87
C TYR A 96 3.41 -6.41 2.77
N GLU A 97 3.94 -5.36 3.35
CA GLU A 97 3.11 -4.51 4.24
C GLU A 97 3.58 -3.06 4.08
N LEU A 98 2.68 -2.15 3.89
CA LEU A 98 3.07 -0.73 3.73
C LEU A 98 2.28 0.12 4.72
N ASN A 99 2.94 1.04 5.39
CA ASN A 99 2.21 1.88 6.39
C ASN A 99 2.08 3.33 5.93
N LEU A 100 0.88 3.76 5.65
CA LEU A 100 0.68 5.18 5.25
C LEU A 100 0.25 6.00 6.47
N ASP A 101 0.87 7.12 6.71
CA ASP A 101 0.47 7.93 7.91
C ASP A 101 1.17 9.29 7.88
N ARG A 102 2.47 9.29 7.80
CA ARG A 102 3.22 10.58 7.77
C ARG A 102 3.03 11.25 6.41
N ASP A 103 4.01 11.98 5.96
CA ASP A 103 3.88 12.64 4.63
C ASP A 103 3.96 11.59 3.52
N THR A 104 2.85 11.27 2.91
CA THR A 104 2.87 10.25 1.83
C THR A 104 2.29 10.85 0.55
N VAL A 105 2.67 10.31 -0.59
CA VAL A 105 2.15 10.85 -1.87
C VAL A 105 1.40 9.75 -2.63
N ILE A 106 0.26 10.08 -3.20
CA ILE A 106 -0.52 9.08 -3.96
C ILE A 106 -0.99 9.66 -5.28
N GLU A 107 -0.83 8.95 -6.35
CA GLU A 107 -1.27 9.48 -7.66
C GLU A 107 -1.92 8.36 -8.50
N GLU A 108 -3.19 8.50 -8.78
CA GLU A 108 -3.92 7.47 -9.58
C GLU A 108 -3.90 7.84 -11.06
N CYS A 109 -3.83 6.86 -11.94
CA CYS A 109 -3.82 7.16 -13.39
C CYS A 109 -5.25 7.18 -13.94
N PHE A 110 -5.70 8.29 -14.45
CA PHE A 110 -7.07 8.36 -15.00
C PHE A 110 -7.04 8.39 -16.52
N ASP A 111 -7.83 7.58 -17.17
CA ASP A 111 -7.85 7.57 -18.66
C ASP A 111 -8.80 8.65 -19.18
N GLU A 112 -8.29 9.59 -19.92
CA GLU A 112 -9.18 10.67 -20.46
C GLU A 112 -9.46 10.43 -21.95
N SER A 113 -10.67 10.68 -22.37
CA SER A 113 -11.01 10.45 -23.81
C SER A 113 -11.63 11.72 -24.39
N ASN A 114 -11.54 11.88 -25.69
CA ASN A 114 -12.13 13.11 -26.33
C ASN A 114 -12.16 12.94 -27.85
N THR A 1 12.90 11.56 -4.01
CA THR A 1 11.86 10.50 -4.21
C THR A 1 12.36 9.46 -5.22
N ARG A 2 12.65 8.27 -4.75
CA ARG A 2 13.14 7.21 -5.68
C ARG A 2 12.05 6.91 -6.73
N PRO A 3 12.49 6.56 -7.92
CA PRO A 3 11.55 6.27 -9.03
C PRO A 3 10.86 4.91 -8.83
N ILE A 4 10.06 4.50 -9.79
CA ILE A 4 9.35 3.19 -9.64
C ILE A 4 10.31 2.01 -9.82
N PHE A 5 10.30 1.10 -8.89
CA PHE A 5 11.19 -0.10 -8.98
C PHE A 5 10.33 -1.37 -8.91
N ALA A 6 10.89 -2.49 -9.29
CA ALA A 6 10.11 -3.76 -9.23
C ALA A 6 9.56 -3.96 -7.81
N ILE A 7 8.47 -4.66 -7.67
CA ILE A 7 7.90 -4.86 -6.31
C ILE A 7 8.96 -5.42 -5.35
N GLU A 8 9.72 -6.39 -5.80
CA GLU A 8 10.77 -6.97 -4.91
C GLU A 8 11.80 -5.91 -4.51
N GLN A 9 12.04 -4.93 -5.34
CA GLN A 9 13.04 -3.88 -5.00
C GLN A 9 12.65 -3.14 -3.72
N LEU A 10 11.39 -3.20 -3.34
CA LEU A 10 10.93 -2.47 -2.12
C LEU A 10 11.86 -2.74 -0.93
N SER A 11 12.00 -1.77 -0.08
CA SER A 11 12.88 -1.94 1.12
C SER A 11 12.40 -1.05 2.26
N PRO A 12 12.48 -1.55 3.47
CA PRO A 12 12.05 -0.76 4.65
C PRO A 12 13.05 0.36 4.93
N TYR A 13 14.32 0.10 4.75
CA TYR A 13 15.34 1.15 5.02
C TYR A 13 15.15 2.34 4.09
N GLN A 14 14.85 2.10 2.84
CA GLN A 14 14.67 3.23 1.88
C GLN A 14 13.59 4.17 2.41
N ASN A 15 12.52 3.64 2.90
CA ASN A 15 11.43 4.51 3.46
C ASN A 15 11.03 5.60 2.46
N VAL A 16 11.23 5.36 1.18
CA VAL A 16 10.84 6.38 0.17
C VAL A 16 11.06 5.82 -1.24
N TRP A 17 10.03 5.25 -1.82
CA TRP A 17 10.17 4.70 -3.20
C TRP A 17 8.85 4.87 -3.95
N THR A 18 8.74 4.31 -5.12
CA THR A 18 7.48 4.45 -5.89
C THR A 18 7.02 3.08 -6.41
N ILE A 19 5.76 2.77 -6.25
CA ILE A 19 5.25 1.45 -6.75
C ILE A 19 3.90 1.66 -7.43
N LYS A 20 3.69 1.07 -8.56
CA LYS A 20 2.39 1.23 -9.26
C LYS A 20 1.67 -0.12 -9.39
N ALA A 21 0.36 -0.11 -9.34
CA ALA A 21 -0.37 -1.41 -9.46
C ALA A 21 -1.89 -1.17 -9.44
N ARG A 22 -2.65 -2.22 -9.56
CA ARG A 22 -4.14 -2.08 -9.54
C ARG A 22 -4.73 -2.86 -8.36
N VAL A 23 -5.84 -2.43 -7.84
CA VAL A 23 -6.44 -3.15 -6.67
C VAL A 23 -7.19 -4.41 -7.10
N SER A 24 -7.01 -5.47 -6.35
CA SER A 24 -7.70 -6.75 -6.68
C SER A 24 -8.72 -7.07 -5.58
N TYR A 25 -8.30 -7.01 -4.33
CA TYR A 25 -9.25 -7.31 -3.22
C TYR A 25 -9.18 -6.22 -2.14
N LYS A 26 -10.30 -5.81 -1.63
CA LYS A 26 -10.32 -4.75 -0.59
C LYS A 26 -10.52 -5.36 0.80
N GLY A 27 -9.72 -4.97 1.76
CA GLY A 27 -9.86 -5.53 3.14
C GLY A 27 -10.56 -4.52 4.06
N GLU A 28 -11.44 -3.72 3.49
CA GLU A 28 -12.20 -2.67 4.25
C GLU A 28 -11.36 -2.01 5.36
N ILE A 29 -12.00 -1.42 6.33
CA ILE A 29 -11.24 -0.74 7.42
C ILE A 29 -11.61 -1.30 8.80
N LYS A 30 -10.65 -1.79 9.55
CA LYS A 30 -10.92 -2.34 10.90
C LYS A 30 -10.13 -1.57 11.97
N THR A 31 -10.56 -1.66 13.20
CA THR A 31 -9.84 -0.92 14.29
C THR A 31 -8.73 -1.77 14.90
N TRP A 32 -7.82 -1.12 15.58
CA TRP A 32 -6.70 -1.84 16.24
C TRP A 32 -6.66 -1.47 17.72
N HIS A 33 -6.18 -2.35 18.56
CA HIS A 33 -6.13 -2.04 20.01
C HIS A 33 -4.71 -2.23 20.55
N ASN A 34 -4.23 -1.30 21.33
CA ASN A 34 -2.85 -1.43 21.89
C ASN A 34 -2.73 -0.61 23.18
N GLN A 35 -1.72 -0.86 23.96
CA GLN A 35 -1.54 -0.09 25.21
C GLN A 35 -1.48 1.42 24.91
N ARG A 36 -0.89 1.77 23.81
CA ARG A 36 -0.80 3.22 23.46
C ARG A 36 -2.18 3.81 23.15
N GLY A 37 -3.15 2.98 22.89
CA GLY A 37 -4.51 3.52 22.60
C GLY A 37 -5.15 2.68 21.47
N ASP A 38 -6.22 3.17 20.91
CA ASP A 38 -6.89 2.42 19.82
C ASP A 38 -7.25 3.38 18.66
N GLY A 39 -7.59 2.85 17.53
CA GLY A 39 -7.94 3.73 16.38
C GLY A 39 -8.49 2.88 15.22
N LYS A 40 -8.62 3.46 14.06
CA LYS A 40 -9.15 2.68 12.91
C LYS A 40 -8.00 2.31 11.96
N LEU A 41 -8.22 1.35 11.10
CA LEU A 41 -7.15 0.91 10.17
C LEU A 41 -7.74 0.44 8.84
N PHE A 42 -7.10 0.77 7.76
CA PHE A 42 -7.62 0.37 6.42
C PHE A 42 -6.66 -0.66 5.77
N ASN A 43 -7.19 -1.68 5.14
CA ASN A 43 -6.32 -2.70 4.48
C ASN A 43 -6.81 -3.04 3.08
N VAL A 44 -5.93 -3.06 2.11
CA VAL A 44 -6.35 -3.39 0.71
C VAL A 44 -5.29 -4.23 -0.02
N ASN A 45 -5.69 -5.01 -0.98
CA ASN A 45 -4.72 -5.85 -1.73
C ASN A 45 -4.54 -5.35 -3.16
N PHE A 46 -3.33 -5.18 -3.62
CA PHE A 46 -3.11 -4.70 -5.01
C PHE A 46 -2.33 -5.74 -5.82
N LEU A 47 -2.51 -5.76 -7.11
CA LEU A 47 -1.78 -6.75 -7.95
C LEU A 47 -0.82 -6.05 -8.89
N ASP A 48 0.34 -6.60 -9.08
CA ASP A 48 1.33 -5.98 -10.00
C ASP A 48 1.98 -7.05 -10.88
N THR A 49 2.35 -6.70 -12.08
CA THR A 49 2.97 -7.72 -12.99
C THR A 49 4.19 -8.36 -12.34
N SER A 50 5.02 -7.59 -11.69
CA SER A 50 6.22 -8.17 -11.04
C SER A 50 5.81 -9.18 -9.96
N GLY A 51 4.77 -8.88 -9.23
CA GLY A 51 4.31 -9.82 -8.15
C GLY A 51 3.02 -9.29 -7.53
N GLU A 52 2.59 -9.88 -6.45
CA GLU A 52 1.34 -9.41 -5.78
C GLU A 52 1.69 -8.68 -4.50
N ILE A 53 1.00 -7.60 -4.21
CA ILE A 53 1.32 -6.83 -2.98
C ILE A 53 0.03 -6.36 -2.29
N ARG A 54 0.12 -6.00 -1.05
CA ARG A 54 -1.08 -5.52 -0.32
C ARG A 54 -0.74 -4.24 0.45
N ALA A 55 -1.54 -3.22 0.31
CA ALA A 55 -1.26 -1.96 1.06
C ALA A 55 -2.21 -1.81 2.24
N THR A 56 -1.69 -1.36 3.35
CA THR A 56 -2.57 -1.18 4.55
C THR A 56 -2.35 0.20 5.17
N ALA A 57 -3.41 0.94 5.37
CA ALA A 57 -3.28 2.30 5.97
C ALA A 57 -3.85 2.32 7.39
N PHE A 58 -3.49 3.30 8.16
CA PHE A 58 -3.98 3.39 9.58
C PHE A 58 -5.29 4.19 9.67
N ASN A 59 -5.61 4.66 10.86
CA ASN A 59 -6.88 5.44 11.10
C ASN A 59 -7.01 6.66 10.15
N ASP A 60 -7.48 7.79 10.65
CA ASP A 60 -7.69 9.01 9.80
C ASP A 60 -6.66 9.16 8.67
N PHE A 61 -5.43 8.77 8.88
CA PHE A 61 -4.42 8.88 7.80
C PHE A 61 -4.95 8.15 6.56
N ALA A 62 -5.62 7.06 6.75
CA ALA A 62 -6.18 6.31 5.60
C ALA A 62 -7.41 7.05 5.04
N THR A 63 -8.11 7.79 5.86
CA THR A 63 -9.30 8.52 5.33
C THR A 63 -8.85 9.53 4.28
N LYS A 64 -7.77 10.21 4.55
CA LYS A 64 -7.24 11.20 3.58
C LYS A 64 -6.51 10.46 2.45
N PHE A 65 -6.01 9.29 2.73
CA PHE A 65 -5.28 8.51 1.68
C PHE A 65 -6.26 7.72 0.81
N ASN A 66 -7.26 7.12 1.40
CA ASN A 66 -8.22 6.31 0.60
C ASN A 66 -9.08 7.24 -0.24
N GLU A 67 -9.37 8.40 0.26
CA GLU A 67 -10.20 9.35 -0.52
C GLU A 67 -9.56 9.57 -1.89
N ILE A 68 -8.25 9.70 -1.91
CA ILE A 68 -7.54 9.91 -3.21
C ILE A 68 -7.35 8.55 -3.91
N LEU A 69 -7.26 7.50 -3.15
CA LEU A 69 -7.07 6.14 -3.77
C LEU A 69 -8.42 5.58 -4.20
N GLN A 70 -8.44 4.88 -5.30
CA GLN A 70 -9.71 4.30 -5.79
C GLN A 70 -9.60 2.80 -5.96
N GLU A 71 -10.50 2.22 -6.70
CA GLU A 71 -10.49 0.75 -6.89
C GLU A 71 -10.82 0.42 -8.35
N GLY A 72 -10.78 -0.84 -8.70
CA GLY A 72 -11.08 -1.24 -10.10
C GLY A 72 -10.17 -0.46 -11.05
N LYS A 73 -9.04 0.03 -10.59
CA LYS A 73 -8.15 0.80 -11.48
C LYS A 73 -6.68 0.63 -11.06
N VAL A 74 -5.79 1.21 -11.83
CA VAL A 74 -4.34 1.14 -11.50
C VAL A 74 -3.85 2.53 -11.10
N TYR A 75 -2.92 2.60 -10.17
CA TYR A 75 -2.44 3.94 -9.72
C TYR A 75 -1.01 3.83 -9.20
N TYR A 76 -0.51 4.89 -8.62
CA TYR A 76 0.88 4.86 -8.12
C TYR A 76 0.97 5.29 -6.66
N VAL A 77 1.88 4.72 -5.92
CA VAL A 77 2.05 5.07 -4.48
C VAL A 77 3.51 5.46 -4.21
N SER A 78 3.74 6.49 -3.45
CA SER A 78 5.15 6.87 -3.17
C SER A 78 5.34 7.23 -1.70
N LYS A 79 6.52 6.98 -1.18
CA LYS A 79 6.82 7.30 0.25
C LYS A 79 5.86 6.56 1.20
N ALA A 80 6.41 5.68 1.98
CA ALA A 80 5.56 4.90 2.95
C ALA A 80 6.40 3.84 3.64
N LYS A 81 5.88 3.20 4.65
CA LYS A 81 6.65 2.15 5.35
C LYS A 81 6.58 0.85 4.53
N LEU A 82 7.71 0.29 4.19
CA LEU A 82 7.71 -0.97 3.39
C LEU A 82 7.90 -2.19 4.30
N GLN A 83 7.00 -3.13 4.22
CA GLN A 83 7.12 -4.35 5.08
C GLN A 83 6.98 -5.62 4.22
N PRO A 84 8.08 -6.29 3.96
CA PRO A 84 8.05 -7.51 3.14
C PRO A 84 7.38 -8.67 3.89
N ALA A 85 6.57 -9.42 3.21
CA ALA A 85 5.88 -10.58 3.87
C ALA A 85 6.55 -11.90 3.45
N LYS A 86 6.49 -12.90 4.29
CA LYS A 86 7.12 -14.19 3.93
C LYS A 86 6.31 -14.88 2.83
N PRO A 87 6.98 -15.60 1.97
CA PRO A 87 6.29 -16.29 0.86
C PRO A 87 5.51 -17.50 1.38
N GLN A 88 6.17 -18.38 2.10
CA GLN A 88 5.45 -19.58 2.62
C GLN A 88 4.34 -19.14 3.59
N PHE A 89 4.56 -18.08 4.31
CA PHE A 89 3.52 -17.60 5.26
C PHE A 89 2.20 -17.33 4.54
N THR A 90 2.26 -16.79 3.35
CA THR A 90 1.00 -16.49 2.60
C THR A 90 0.92 -17.33 1.33
N ASN A 91 -0.24 -17.83 1.01
CA ASN A 91 -0.39 -18.66 -0.22
C ASN A 91 0.04 -17.86 -1.46
N LEU A 92 -0.07 -16.57 -1.41
CA LEU A 92 0.33 -15.74 -2.58
C LEU A 92 1.86 -15.71 -2.72
N THR A 93 2.35 -15.65 -3.93
CA THR A 93 3.82 -15.64 -4.13
C THR A 93 4.38 -14.22 -3.94
N HIS A 94 5.51 -14.09 -3.30
CA HIS A 94 6.11 -12.74 -3.08
C HIS A 94 5.09 -11.79 -2.46
N PRO A 95 4.55 -12.18 -1.34
CA PRO A 95 3.55 -11.34 -0.63
C PRO A 95 4.23 -10.11 -0.04
N TYR A 96 3.67 -8.95 -0.25
CA TYR A 96 4.28 -7.72 0.31
C TYR A 96 3.27 -6.96 1.17
N GLU A 97 3.70 -6.47 2.31
CA GLU A 97 2.77 -5.72 3.19
C GLU A 97 3.18 -4.25 3.22
N LEU A 98 2.22 -3.37 3.26
CA LEU A 98 2.57 -1.91 3.27
C LEU A 98 1.80 -1.18 4.38
N ASN A 99 2.47 -0.34 5.11
CA ASN A 99 1.77 0.40 6.20
C ASN A 99 1.75 1.91 5.89
N LEU A 100 0.60 2.49 5.77
CA LEU A 100 0.51 3.95 5.48
C LEU A 100 0.20 4.72 6.76
N ASP A 101 0.90 5.80 7.02
CA ASP A 101 0.64 6.58 8.25
C ASP A 101 1.21 7.99 8.12
N ARG A 102 2.46 8.09 7.76
CA ARG A 102 3.09 9.43 7.61
C ARG A 102 2.57 10.10 6.34
N ASP A 103 3.36 10.96 5.74
CA ASP A 103 2.89 11.64 4.51
C ASP A 103 3.21 10.80 3.28
N THR A 104 2.21 10.19 2.71
CA THR A 104 2.44 9.35 1.49
C THR A 104 1.77 10.00 0.28
N VAL A 105 2.29 9.76 -0.90
CA VAL A 105 1.67 10.37 -2.11
C VAL A 105 1.07 9.28 -3.00
N ILE A 106 -0.20 9.37 -3.29
CA ILE A 106 -0.86 8.36 -4.14
C ILE A 106 -1.75 9.05 -5.17
N GLU A 107 -1.88 8.50 -6.34
CA GLU A 107 -2.75 9.16 -7.36
C GLU A 107 -3.31 8.14 -8.35
N GLU A 108 -4.61 8.11 -8.51
CA GLU A 108 -5.25 7.16 -9.46
C GLU A 108 -5.00 7.62 -10.91
N CYS A 109 -4.82 6.71 -11.82
CA CYS A 109 -4.58 7.12 -13.23
C CYS A 109 -5.89 7.56 -13.87
N PHE A 110 -6.09 8.85 -14.00
CA PHE A 110 -7.36 9.36 -14.61
C PHE A 110 -7.10 9.89 -16.02
N ASP A 111 -7.88 9.46 -16.98
CA ASP A 111 -7.69 9.94 -18.38
C ASP A 111 -6.23 9.75 -18.81
N GLU A 112 -5.62 8.67 -18.44
CA GLU A 112 -4.19 8.44 -18.83
C GLU A 112 -3.34 9.64 -18.44
N SER A 113 -3.44 10.09 -17.22
CA SER A 113 -2.63 11.26 -16.80
C SER A 113 -1.70 10.88 -15.64
N ASN A 114 -0.49 11.38 -15.65
CA ASN A 114 0.47 11.05 -14.55
C ASN A 114 0.57 9.53 -14.39
N THR A 1 15.82 8.14 -5.86
CA THR A 1 16.44 7.46 -7.03
C THR A 1 15.96 6.01 -7.12
N ARG A 2 14.75 5.75 -6.73
CA ARG A 2 14.23 4.36 -6.79
C ARG A 2 12.90 4.32 -7.56
N PRO A 3 13.01 4.21 -8.85
CA PRO A 3 11.80 4.15 -9.73
C PRO A 3 11.01 2.87 -9.46
N ILE A 4 9.93 2.64 -10.18
CA ILE A 4 9.13 1.41 -9.93
C ILE A 4 10.01 0.17 -10.04
N PHE A 5 10.09 -0.56 -8.98
CA PHE A 5 10.92 -1.80 -8.97
C PHE A 5 10.08 -2.99 -8.55
N ALA A 6 10.56 -4.18 -8.79
CA ALA A 6 9.78 -5.38 -8.38
C ALA A 6 9.48 -5.32 -6.89
N ILE A 7 8.39 -5.91 -6.46
CA ILE A 7 8.04 -5.87 -5.01
C ILE A 7 9.22 -6.39 -4.18
N GLU A 8 9.88 -7.40 -4.65
CA GLU A 8 11.03 -7.97 -3.88
C GLU A 8 12.20 -6.99 -3.86
N GLN A 9 12.35 -6.19 -4.88
CA GLN A 9 13.48 -5.21 -4.92
C GLN A 9 13.32 -4.13 -3.85
N LEU A 10 12.12 -3.87 -3.43
CA LEU A 10 11.90 -2.81 -2.40
C LEU A 10 12.81 -3.01 -1.19
N SER A 11 12.81 -2.09 -0.28
CA SER A 11 13.67 -2.21 0.93
C SER A 11 12.98 -1.60 2.15
N PRO A 12 13.16 -2.22 3.29
CA PRO A 12 12.55 -1.70 4.54
C PRO A 12 13.29 -0.44 5.00
N TYR A 13 14.59 -0.43 4.92
CA TYR A 13 15.37 0.77 5.35
C TYR A 13 14.99 1.97 4.48
N GLN A 14 14.83 1.77 3.20
CA GLN A 14 14.48 2.91 2.31
C GLN A 14 13.00 3.26 2.51
N ASN A 15 12.71 4.32 3.21
CA ASN A 15 11.29 4.70 3.44
C ASN A 15 10.73 5.53 2.28
N VAL A 16 11.54 5.86 1.30
CA VAL A 16 11.00 6.65 0.16
C VAL A 16 11.48 6.07 -1.18
N TRP A 17 10.57 5.91 -2.10
CA TRP A 17 10.93 5.37 -3.44
C TRP A 17 9.74 5.53 -4.40
N THR A 18 9.73 4.82 -5.49
CA THR A 18 8.58 4.93 -6.44
C THR A 18 7.97 3.53 -6.58
N ILE A 19 6.69 3.40 -6.37
CA ILE A 19 6.07 2.04 -6.45
C ILE A 19 4.74 2.07 -7.23
N LYS A 20 4.62 1.28 -8.26
CA LYS A 20 3.37 1.27 -9.06
C LYS A 20 2.66 -0.09 -8.91
N ALA A 21 1.36 -0.09 -8.93
CA ALA A 21 0.60 -1.37 -8.80
C ALA A 21 -0.87 -1.17 -9.16
N ARG A 22 -1.61 -2.25 -9.29
CA ARG A 22 -3.06 -2.11 -9.65
C ARG A 22 -3.94 -2.68 -8.52
N VAL A 23 -5.09 -2.08 -8.30
CA VAL A 23 -5.99 -2.57 -7.20
C VAL A 23 -6.54 -3.96 -7.55
N SER A 24 -6.41 -4.89 -6.64
CA SER A 24 -6.94 -6.26 -6.89
C SER A 24 -8.12 -6.54 -5.97
N TYR A 25 -7.94 -6.33 -4.69
CA TYR A 25 -9.05 -6.58 -3.72
C TYR A 25 -9.13 -5.45 -2.69
N LYS A 26 -10.29 -5.26 -2.09
CA LYS A 26 -10.44 -4.16 -1.08
C LYS A 26 -10.23 -4.71 0.35
N GLY A 27 -9.45 -4.04 1.15
CA GLY A 27 -9.24 -4.52 2.55
C GLY A 27 -10.06 -3.67 3.53
N GLU A 28 -11.00 -2.89 3.04
CA GLU A 28 -11.86 -2.03 3.93
C GLU A 28 -11.05 -1.32 5.03
N ILE A 29 -11.72 -0.66 5.94
CA ILE A 29 -10.99 0.09 7.03
C ILE A 29 -11.39 -0.43 8.41
N LYS A 30 -10.50 -1.12 9.08
CA LYS A 30 -10.80 -1.63 10.45
C LYS A 30 -9.75 -1.12 11.42
N THR A 31 -9.98 -1.23 12.69
CA THR A 31 -8.98 -0.71 13.67
C THR A 31 -7.83 -1.69 13.88
N TRP A 32 -6.76 -1.20 14.43
CA TRP A 32 -5.56 -2.04 14.68
C TRP A 32 -5.88 -3.17 15.66
N HIS A 33 -5.20 -4.28 15.54
CA HIS A 33 -5.45 -5.41 16.46
C HIS A 33 -4.32 -5.50 17.49
N ASN A 34 -3.75 -4.38 17.87
CA ASN A 34 -2.63 -4.44 18.85
C ASN A 34 -3.14 -4.11 20.26
N GLN A 35 -2.73 -4.87 21.24
CA GLN A 35 -3.19 -4.60 22.63
C GLN A 35 -2.84 -3.16 23.00
N ARG A 36 -1.69 -2.70 22.57
CA ARG A 36 -1.28 -1.31 22.88
C ARG A 36 -1.44 -0.42 21.63
N GLY A 37 -1.75 -1.00 20.49
CA GLY A 37 -1.92 -0.18 19.26
C GLY A 37 -3.39 -0.13 18.86
N ASP A 38 -4.01 1.02 19.06
CA ASP A 38 -5.45 1.19 18.70
C ASP A 38 -5.60 2.29 17.66
N GLY A 39 -6.76 2.43 17.08
CA GLY A 39 -6.96 3.50 16.05
C GLY A 39 -7.60 2.86 14.80
N LYS A 40 -7.73 3.60 13.72
CA LYS A 40 -8.34 2.99 12.51
C LYS A 40 -7.27 2.65 11.47
N LEU A 41 -7.51 1.63 10.70
CA LEU A 41 -6.52 1.19 9.67
C LEU A 41 -7.21 0.77 8.38
N PHE A 42 -6.68 1.20 7.27
CA PHE A 42 -7.26 0.85 5.94
C PHE A 42 -6.28 -0.04 5.18
N ASN A 43 -6.76 -1.06 4.50
CA ASN A 43 -5.82 -1.94 3.75
C ASN A 43 -6.41 -2.33 2.38
N VAL A 44 -5.56 -2.62 1.44
CA VAL A 44 -6.04 -3.02 0.08
C VAL A 44 -5.01 -3.94 -0.57
N ASN A 45 -5.43 -4.85 -1.41
CA ASN A 45 -4.46 -5.77 -2.07
C ASN A 45 -4.23 -5.34 -3.51
N PHE A 46 -2.99 -5.27 -3.93
CA PHE A 46 -2.70 -4.86 -5.33
C PHE A 46 -1.90 -5.94 -6.05
N LEU A 47 -1.89 -5.90 -7.33
CA LEU A 47 -1.14 -6.91 -8.12
C LEU A 47 0.01 -6.25 -8.89
N ASP A 48 1.08 -6.95 -9.07
CA ASP A 48 2.24 -6.38 -9.82
C ASP A 48 2.87 -7.44 -10.72
N THR A 49 3.46 -7.04 -11.81
CA THR A 49 4.08 -8.03 -12.72
C THR A 49 5.11 -8.88 -11.95
N SER A 50 5.91 -8.26 -11.13
CA SER A 50 6.93 -9.02 -10.35
C SER A 50 6.25 -10.02 -9.41
N GLY A 51 5.16 -9.64 -8.82
CA GLY A 51 4.45 -10.57 -7.88
C GLY A 51 3.18 -9.91 -7.35
N GLU A 52 2.78 -10.27 -6.16
CA GLU A 52 1.55 -9.67 -5.57
C GLU A 52 1.93 -8.75 -4.41
N ILE A 53 1.23 -7.67 -4.23
CA ILE A 53 1.57 -6.74 -3.13
C ILE A 53 0.31 -6.20 -2.46
N ARG A 54 0.44 -5.69 -1.27
CA ARG A 54 -0.74 -5.13 -0.55
C ARG A 54 -0.34 -3.81 0.12
N ALA A 55 -1.14 -2.79 -0.01
CA ALA A 55 -0.80 -1.50 0.63
C ALA A 55 -1.74 -1.22 1.81
N THR A 56 -1.22 -0.66 2.87
CA THR A 56 -2.09 -0.38 4.04
C THR A 56 -1.90 1.05 4.55
N ALA A 57 -2.96 1.80 4.67
CA ALA A 57 -2.84 3.19 5.18
C ALA A 57 -3.39 3.29 6.61
N PHE A 58 -2.93 4.23 7.38
CA PHE A 58 -3.39 4.37 8.79
C PHE A 58 -4.84 4.85 8.88
N ASN A 59 -5.25 5.27 10.06
CA ASN A 59 -6.65 5.77 10.31
C ASN A 59 -7.02 6.94 9.37
N ASP A 60 -7.74 7.92 9.87
CA ASP A 60 -8.21 9.09 9.03
C ASP A 60 -7.20 9.50 7.94
N PHE A 61 -5.92 9.41 8.20
CA PHE A 61 -4.93 9.79 7.15
C PHE A 61 -5.24 8.98 5.89
N ALA A 62 -5.72 7.78 6.06
CA ALA A 62 -6.06 6.96 4.88
C ALA A 62 -7.33 7.52 4.23
N THR A 63 -8.19 8.12 4.99
CA THR A 63 -9.44 8.69 4.39
C THR A 63 -9.07 9.79 3.40
N LYS A 64 -8.12 10.60 3.76
CA LYS A 64 -7.69 11.69 2.85
C LYS A 64 -6.81 11.11 1.74
N PHE A 65 -6.18 9.99 2.00
CA PHE A 65 -5.31 9.39 0.97
C PHE A 65 -6.10 8.44 0.04
N ASN A 66 -7.00 7.66 0.59
CA ASN A 66 -7.78 6.73 -0.24
C ASN A 66 -8.73 7.50 -1.12
N GLU A 67 -9.22 8.61 -0.63
CA GLU A 67 -10.15 9.42 -1.45
C GLU A 67 -9.49 9.74 -2.80
N ILE A 68 -8.22 10.05 -2.76
CA ILE A 68 -7.48 10.34 -4.02
C ILE A 68 -7.24 9.02 -4.77
N LEU A 69 -7.11 7.93 -4.05
CA LEU A 69 -6.87 6.62 -4.70
C LEU A 69 -8.20 6.02 -5.18
N GLN A 70 -8.20 5.38 -6.32
CA GLN A 70 -9.46 4.81 -6.84
C GLN A 70 -9.39 3.29 -6.93
N GLU A 71 -10.28 2.72 -7.69
CA GLU A 71 -10.35 1.24 -7.83
C GLU A 71 -10.52 0.87 -9.30
N GLY A 72 -10.43 -0.39 -9.63
CA GLY A 72 -10.58 -0.80 -11.05
C GLY A 72 -9.55 -0.07 -11.92
N LYS A 73 -8.48 0.39 -11.34
CA LYS A 73 -7.44 1.11 -12.13
C LYS A 73 -6.05 0.88 -11.51
N VAL A 74 -5.02 1.37 -12.14
CA VAL A 74 -3.66 1.18 -11.57
C VAL A 74 -3.05 2.54 -11.20
N TYR A 75 -2.21 2.55 -10.21
CA TYR A 75 -1.59 3.84 -9.78
C TYR A 75 -0.22 3.61 -9.17
N TYR A 76 0.38 4.66 -8.68
CA TYR A 76 1.72 4.54 -8.07
C TYR A 76 1.84 5.47 -6.86
N VAL A 77 2.61 5.07 -5.88
CA VAL A 77 2.78 5.93 -4.68
C VAL A 77 4.26 6.12 -4.38
N SER A 78 4.61 7.18 -3.73
CA SER A 78 6.03 7.42 -3.41
C SER A 78 6.15 7.98 -1.99
N LYS A 79 7.26 7.71 -1.35
CA LYS A 79 7.50 8.21 0.04
C LYS A 79 6.58 7.50 1.03
N ALA A 80 6.64 6.21 1.02
CA ALA A 80 5.79 5.40 1.95
C ALA A 80 6.67 4.41 2.72
N LYS A 81 6.19 3.90 3.83
CA LYS A 81 7.01 2.94 4.63
C LYS A 81 6.95 1.55 3.98
N LEU A 82 8.08 0.92 3.79
CA LEU A 82 8.10 -0.42 3.17
C LEU A 82 8.43 -1.49 4.22
N GLN A 83 7.73 -2.59 4.23
CA GLN A 83 8.02 -3.65 5.23
C GLN A 83 7.61 -5.03 4.68
N PRO A 84 8.47 -6.00 4.82
CA PRO A 84 8.17 -7.37 4.32
C PRO A 84 7.19 -8.09 5.26
N ALA A 85 6.37 -8.94 4.71
CA ALA A 85 5.39 -9.69 5.56
C ALA A 85 5.85 -11.15 5.72
N LYS A 86 5.68 -11.71 6.88
CA LYS A 86 6.10 -13.14 7.08
C LYS A 86 4.97 -13.95 7.72
N PRO A 87 3.96 -14.21 6.93
CA PRO A 87 2.80 -14.99 7.42
C PRO A 87 3.15 -16.47 7.54
N GLN A 88 2.24 -17.27 8.02
CA GLN A 88 2.55 -18.73 8.16
C GLN A 88 2.15 -19.47 6.89
N PHE A 89 0.89 -19.45 6.55
CA PHE A 89 0.44 -20.16 5.31
C PHE A 89 1.16 -19.59 4.09
N THR A 90 1.44 -18.32 4.10
CA THR A 90 2.15 -17.71 2.94
C THR A 90 1.39 -18.00 1.65
N ASN A 91 0.09 -17.92 1.67
CA ASN A 91 -0.70 -18.21 0.44
C ASN A 91 -0.22 -17.34 -0.71
N LEU A 92 0.19 -16.13 -0.43
CA LEU A 92 0.68 -15.22 -1.51
C LEU A 92 2.20 -15.34 -1.62
N THR A 93 2.73 -15.30 -2.81
CA THR A 93 4.20 -15.40 -2.98
C THR A 93 4.88 -14.07 -2.64
N HIS A 94 5.90 -14.10 -1.82
CA HIS A 94 6.61 -12.84 -1.46
C HIS A 94 5.61 -11.79 -0.95
N PRO A 95 5.01 -12.08 0.17
CA PRO A 95 4.03 -11.15 0.78
C PRO A 95 4.73 -9.87 1.26
N TYR A 96 4.15 -8.73 0.98
CA TYR A 96 4.79 -7.46 1.41
C TYR A 96 3.77 -6.55 2.08
N GLU A 97 4.22 -5.67 2.94
CA GLU A 97 3.27 -4.74 3.61
C GLU A 97 3.65 -3.29 3.33
N LEU A 98 2.69 -2.42 3.32
CA LEU A 98 2.99 -0.98 3.05
C LEU A 98 2.23 -0.11 4.05
N ASN A 99 2.92 0.77 4.74
CA ASN A 99 2.23 1.63 5.74
C ASN A 99 2.22 3.10 5.30
N LEU A 100 1.06 3.68 5.19
CA LEU A 100 0.96 5.10 4.77
C LEU A 100 0.55 5.95 5.98
N ASP A 101 1.15 7.10 6.18
CA ASP A 101 0.77 7.93 7.35
C ASP A 101 1.39 9.32 7.24
N ARG A 102 2.66 9.39 7.01
CA ARG A 102 3.33 10.72 6.91
C ARG A 102 3.03 11.37 5.56
N ASP A 103 3.87 12.25 5.12
CA ASP A 103 3.64 12.92 3.81
C ASP A 103 4.01 11.97 2.67
N THR A 104 3.03 11.38 2.05
CA THR A 104 3.31 10.44 0.93
C THR A 104 2.73 10.99 -0.38
N VAL A 105 3.22 10.53 -1.49
CA VAL A 105 2.69 11.03 -2.80
C VAL A 105 2.00 9.88 -3.54
N ILE A 106 0.78 10.07 -3.95
CA ILE A 106 0.05 8.99 -4.68
C ILE A 106 -0.67 9.59 -5.89
N GLU A 107 -0.77 8.83 -6.94
CA GLU A 107 -1.46 9.35 -8.15
C GLU A 107 -2.20 8.22 -8.87
N GLU A 108 -3.50 8.33 -8.97
CA GLU A 108 -4.32 7.28 -9.65
C GLU A 108 -4.29 7.48 -11.17
N CYS A 109 -4.40 6.41 -11.93
CA CYS A 109 -4.39 6.55 -13.40
C CYS A 109 -5.72 7.15 -13.88
N PHE A 110 -5.66 8.08 -14.80
CA PHE A 110 -6.92 8.70 -15.32
C PHE A 110 -7.75 9.24 -14.15
N ASP A 111 -7.54 10.47 -13.79
CA ASP A 111 -8.31 11.06 -12.65
C ASP A 111 -9.66 11.59 -13.15
N GLU A 112 -10.74 11.09 -12.62
CA GLU A 112 -12.08 11.57 -13.06
C GLU A 112 -12.64 12.59 -12.06
N SER A 113 -13.28 13.62 -12.54
CA SER A 113 -13.84 14.64 -11.62
C SER A 113 -15.00 14.05 -10.81
N ASN A 114 -15.35 14.67 -9.72
CA ASN A 114 -16.49 14.14 -8.90
C ASN A 114 -16.24 12.67 -8.54
N THR A 1 13.45 8.77 -2.40
CA THR A 1 12.62 9.02 -3.61
C THR A 1 13.04 8.08 -4.75
N ARG A 2 13.28 6.83 -4.44
CA ARG A 2 13.70 5.87 -5.50
C ARG A 2 12.60 5.78 -6.58
N PRO A 3 13.02 5.53 -7.81
CA PRO A 3 12.07 5.42 -8.93
C PRO A 3 11.20 4.16 -8.79
N ILE A 4 10.33 3.92 -9.73
CA ILE A 4 9.45 2.72 -9.62
C ILE A 4 10.26 1.42 -9.79
N PHE A 5 10.23 0.58 -8.78
CA PHE A 5 10.97 -0.71 -8.86
C PHE A 5 10.02 -1.87 -8.62
N ALA A 6 10.42 -3.07 -8.96
CA ALA A 6 9.52 -4.23 -8.74
C ALA A 6 9.08 -4.27 -7.27
N ILE A 7 7.93 -4.81 -7.00
CA ILE A 7 7.46 -4.87 -5.58
C ILE A 7 8.51 -5.53 -4.69
N GLU A 8 9.12 -6.57 -5.16
CA GLU A 8 10.16 -7.26 -4.34
C GLU A 8 11.38 -6.36 -4.10
N GLN A 9 11.65 -5.46 -5.02
CA GLN A 9 12.82 -4.55 -4.86
C GLN A 9 12.67 -3.68 -3.61
N LEU A 10 11.47 -3.45 -3.16
CA LEU A 10 11.26 -2.59 -1.95
C LEU A 10 12.17 -3.02 -0.81
N SER A 11 12.44 -2.12 0.11
CA SER A 11 13.31 -2.45 1.26
C SER A 11 12.72 -1.87 2.55
N PRO A 12 12.96 -2.54 3.65
CA PRO A 12 12.44 -2.04 4.95
C PRO A 12 13.22 -0.81 5.38
N TYR A 13 14.52 -0.82 5.19
CA TYR A 13 15.35 0.35 5.60
C TYR A 13 14.99 1.56 4.74
N GLN A 14 14.74 1.36 3.47
CA GLN A 14 14.38 2.51 2.59
C GLN A 14 12.95 2.96 2.86
N ASN A 15 12.77 4.10 3.47
CA ASN A 15 11.40 4.59 3.76
C ASN A 15 10.86 5.49 2.65
N VAL A 16 11.61 5.70 1.60
CA VAL A 16 11.11 6.57 0.50
C VAL A 16 11.34 5.91 -0.87
N TRP A 17 10.33 5.92 -1.70
CA TRP A 17 10.47 5.33 -3.06
C TRP A 17 9.22 5.65 -3.89
N THR A 18 9.06 5.01 -5.02
CA THR A 18 7.86 5.28 -5.85
C THR A 18 7.25 3.94 -6.31
N ILE A 19 5.96 3.79 -6.20
CA ILE A 19 5.34 2.51 -6.63
C ILE A 19 4.03 2.78 -7.37
N LYS A 20 3.78 2.09 -8.44
CA LYS A 20 2.52 2.31 -9.21
C LYS A 20 1.83 0.97 -9.49
N ALA A 21 0.52 0.96 -9.50
CA ALA A 21 -0.21 -0.31 -9.78
C ALA A 21 -1.73 -0.08 -9.68
N ARG A 22 -2.52 -1.08 -9.96
CA ARG A 22 -4.00 -0.91 -9.89
C ARG A 22 -4.56 -1.69 -8.71
N VAL A 23 -5.79 -1.46 -8.35
CA VAL A 23 -6.37 -2.21 -7.19
C VAL A 23 -6.94 -3.56 -7.64
N SER A 24 -6.74 -4.57 -6.86
CA SER A 24 -7.29 -5.91 -7.22
C SER A 24 -8.35 -6.33 -6.21
N TYR A 25 -8.03 -6.23 -4.95
CA TYR A 25 -9.02 -6.60 -3.89
C TYR A 25 -8.99 -5.56 -2.76
N LYS A 26 -10.13 -5.10 -2.33
CA LYS A 26 -10.16 -4.09 -1.24
C LYS A 26 -10.44 -4.77 0.11
N GLY A 27 -9.71 -4.43 1.13
CA GLY A 27 -9.94 -5.07 2.44
C GLY A 27 -11.01 -4.28 3.20
N GLU A 28 -10.62 -3.56 4.22
CA GLU A 28 -11.61 -2.77 5.00
C GLU A 28 -10.88 -1.91 6.03
N ILE A 29 -11.57 -1.46 7.04
CA ILE A 29 -10.91 -0.61 8.09
C ILE A 29 -11.13 -1.23 9.48
N LYS A 30 -10.12 -1.86 10.02
CA LYS A 30 -10.25 -2.46 11.38
C LYS A 30 -9.19 -1.88 12.31
N THR A 31 -9.35 -2.01 13.59
CA THR A 31 -8.35 -1.43 14.53
C THR A 31 -7.13 -2.34 14.69
N TRP A 32 -6.05 -1.77 15.16
CA TRP A 32 -4.79 -2.53 15.35
C TRP A 32 -4.97 -3.64 16.38
N HIS A 33 -4.20 -4.68 16.28
CA HIS A 33 -4.30 -5.80 17.26
C HIS A 33 -3.09 -5.78 18.21
N ASN A 34 -2.58 -4.62 18.53
CA ASN A 34 -1.40 -4.57 19.44
C ASN A 34 -1.84 -4.23 20.86
N GLN A 35 -1.30 -4.93 21.84
CA GLN A 35 -1.68 -4.63 23.24
C GLN A 35 -1.38 -3.16 23.55
N ARG A 36 -0.30 -2.66 23.02
CA ARG A 36 0.05 -1.23 23.25
C ARG A 36 -0.27 -0.40 21.99
N GLY A 37 -0.62 -1.03 20.90
CA GLY A 37 -0.93 -0.27 19.67
C GLY A 37 -2.44 -0.33 19.39
N ASP A 38 -3.11 0.77 19.61
CA ASP A 38 -4.59 0.83 19.37
C ASP A 38 -4.88 1.91 18.32
N GLY A 39 -6.08 1.92 17.79
CA GLY A 39 -6.42 2.94 16.75
C GLY A 39 -7.07 2.24 15.57
N LYS A 40 -7.33 2.95 14.49
CA LYS A 40 -7.97 2.30 13.33
C LYS A 40 -6.96 2.03 12.21
N LEU A 41 -7.15 0.96 11.49
CA LEU A 41 -6.24 0.58 10.38
C LEU A 41 -7.03 0.12 9.16
N PHE A 42 -6.59 0.51 8.00
CA PHE A 42 -7.31 0.10 6.77
C PHE A 42 -6.34 -0.54 5.77
N ASN A 43 -6.80 -1.41 4.92
CA ASN A 43 -5.86 -2.06 3.95
C ASN A 43 -6.53 -2.33 2.59
N VAL A 44 -5.75 -2.32 1.54
CA VAL A 44 -6.28 -2.59 0.18
C VAL A 44 -5.25 -3.40 -0.62
N ASN A 45 -5.69 -4.18 -1.56
CA ASN A 45 -4.74 -5.01 -2.36
C ASN A 45 -4.62 -4.48 -3.79
N PHE A 46 -3.42 -4.37 -4.29
CA PHE A 46 -3.23 -3.86 -5.68
C PHE A 46 -2.41 -4.85 -6.50
N LEU A 47 -2.45 -4.71 -7.80
CA LEU A 47 -1.66 -5.62 -8.67
C LEU A 47 -0.61 -4.83 -9.44
N ASP A 48 0.52 -5.43 -9.69
CA ASP A 48 1.60 -4.72 -10.44
C ASP A 48 2.31 -5.68 -11.39
N THR A 49 2.91 -5.16 -12.44
CA THR A 49 3.60 -6.06 -13.41
C THR A 49 4.64 -6.92 -12.69
N SER A 50 5.35 -6.36 -11.75
CA SER A 50 6.38 -7.16 -11.02
C SER A 50 5.72 -8.35 -10.32
N GLY A 51 4.56 -8.15 -9.74
CA GLY A 51 3.86 -9.26 -9.05
C GLY A 51 2.58 -8.73 -8.41
N GLU A 52 2.36 -9.05 -7.16
CA GLU A 52 1.14 -8.56 -6.47
C GLU A 52 1.53 -7.74 -5.25
N ILE A 53 0.85 -6.65 -5.01
CA ILE A 53 1.21 -5.80 -3.84
C ILE A 53 -0.04 -5.37 -3.07
N ARG A 54 0.14 -4.98 -1.84
CA ARG A 54 -1.00 -4.53 -1.02
C ARG A 54 -0.61 -3.28 -0.24
N ALA A 55 -1.44 -2.28 -0.23
CA ALA A 55 -1.09 -1.04 0.53
C ALA A 55 -2.00 -0.89 1.75
N THR A 56 -1.45 -0.46 2.86
CA THR A 56 -2.29 -0.30 4.08
C THR A 56 -2.07 1.09 4.70
N ALA A 57 -3.13 1.78 5.00
CA ALA A 57 -2.96 3.14 5.61
C ALA A 57 -3.49 3.14 7.04
N PHE A 58 -2.97 4.00 7.87
CA PHE A 58 -3.41 4.06 9.31
C PHE A 58 -4.90 4.43 9.42
N ASN A 59 -5.30 4.80 10.61
CA ASN A 59 -6.73 5.18 10.91
C ASN A 59 -7.25 6.29 9.96
N ASP A 60 -8.01 7.25 10.48
CA ASP A 60 -8.60 8.34 9.64
C ASP A 60 -7.74 8.74 8.43
N PHE A 61 -6.44 8.71 8.54
CA PHE A 61 -5.58 9.07 7.37
C PHE A 61 -5.97 8.17 6.19
N ALA A 62 -6.27 6.93 6.46
CA ALA A 62 -6.67 6.02 5.36
C ALA A 62 -8.05 6.43 4.83
N THR A 63 -8.93 6.84 5.72
CA THR A 63 -10.30 7.26 5.27
C THR A 63 -10.22 8.48 4.36
N LYS A 64 -9.32 9.38 4.65
CA LYS A 64 -9.18 10.58 3.81
C LYS A 64 -8.50 10.19 2.50
N PHE A 65 -7.69 9.16 2.54
CA PHE A 65 -6.99 8.71 1.31
C PHE A 65 -7.88 7.78 0.49
N ASN A 66 -8.57 6.86 1.12
CA ASN A 66 -9.42 5.92 0.37
C ASN A 66 -10.57 6.68 -0.28
N GLU A 67 -11.06 7.68 0.39
CA GLU A 67 -12.17 8.47 -0.18
C GLU A 67 -11.71 9.03 -1.54
N ILE A 68 -10.49 9.47 -1.60
CA ILE A 68 -9.94 10.00 -2.88
C ILE A 68 -9.44 8.85 -3.78
N LEU A 69 -9.19 7.70 -3.20
CA LEU A 69 -8.68 6.55 -4.01
C LEU A 69 -9.83 5.93 -4.80
N GLN A 70 -9.56 5.45 -6.00
CA GLN A 70 -10.64 4.86 -6.81
C GLN A 70 -10.59 3.33 -6.78
N GLU A 71 -11.26 2.73 -7.72
CA GLU A 71 -11.33 1.25 -7.80
C GLU A 71 -11.15 0.81 -9.25
N GLY A 72 -10.66 -0.38 -9.47
CA GLY A 72 -10.46 -0.86 -10.87
C GLY A 72 -9.63 0.17 -11.64
N LYS A 73 -8.81 0.92 -10.96
CA LYS A 73 -7.98 1.95 -11.66
C LYS A 73 -6.51 1.82 -11.25
N VAL A 74 -5.66 2.57 -11.91
CA VAL A 74 -4.20 2.52 -11.59
C VAL A 74 -3.78 3.84 -10.93
N TYR A 75 -2.80 3.80 -10.07
CA TYR A 75 -2.36 5.04 -9.38
C TYR A 75 -0.89 4.95 -9.01
N TYR A 76 -0.38 5.99 -8.41
CA TYR A 76 1.06 6.01 -8.03
C TYR A 76 1.22 6.50 -6.59
N VAL A 77 2.08 5.87 -5.84
CA VAL A 77 2.30 6.31 -4.43
C VAL A 77 3.79 6.43 -4.13
N SER A 78 4.18 7.43 -3.40
CA SER A 78 5.63 7.61 -3.08
C SER A 78 5.80 7.95 -1.60
N LYS A 79 6.99 7.75 -1.07
CA LYS A 79 7.27 8.06 0.35
C LYS A 79 6.33 7.33 1.31
N ALA A 80 6.89 6.43 2.09
CA ALA A 80 6.06 5.66 3.07
C ALA A 80 6.93 4.60 3.75
N LYS A 81 6.47 4.03 4.83
CA LYS A 81 7.29 2.99 5.51
C LYS A 81 7.07 1.63 4.83
N LEU A 82 8.12 0.95 4.49
CA LEU A 82 7.96 -0.37 3.81
C LEU A 82 8.21 -1.52 4.80
N GLN A 83 7.27 -2.42 4.93
CA GLN A 83 7.46 -3.55 5.88
C GLN A 83 7.29 -4.89 5.12
N PRO A 84 8.27 -5.77 5.29
CA PRO A 84 8.20 -7.08 4.59
C PRO A 84 7.14 -7.97 5.24
N ALA A 85 6.41 -8.70 4.45
CA ALA A 85 5.37 -9.60 5.01
C ALA A 85 5.84 -11.05 4.96
N LYS A 86 5.40 -11.87 5.88
CA LYS A 86 5.84 -13.29 5.87
C LYS A 86 5.25 -14.00 4.64
N PRO A 87 6.02 -14.88 4.05
CA PRO A 87 5.55 -15.60 2.85
C PRO A 87 4.49 -16.64 3.23
N GLN A 88 4.78 -17.48 4.19
CA GLN A 88 3.79 -18.51 4.61
C GLN A 88 2.54 -17.84 5.19
N PHE A 89 2.70 -16.72 5.83
CA PHE A 89 1.52 -16.02 6.42
C PHE A 89 0.46 -15.75 5.35
N THR A 90 0.87 -15.40 4.16
CA THR A 90 -0.13 -15.13 3.08
C THR A 90 0.07 -16.11 1.92
N ASN A 91 -0.93 -16.25 1.09
CA ASN A 91 -0.80 -17.19 -0.07
C ASN A 91 -0.09 -16.51 -1.26
N LEU A 92 0.30 -15.27 -1.11
CA LEU A 92 1.00 -14.58 -2.24
C LEU A 92 2.51 -14.72 -2.09
N THR A 93 3.22 -14.85 -3.19
CA THR A 93 4.70 -14.98 -3.11
C THR A 93 5.35 -13.64 -2.82
N HIS A 94 6.28 -13.60 -1.91
CA HIS A 94 6.97 -12.32 -1.57
C HIS A 94 5.93 -11.24 -1.24
N PRO A 95 5.12 -11.52 -0.25
CA PRO A 95 4.08 -10.56 0.18
C PRO A 95 4.72 -9.34 0.84
N TYR A 96 4.18 -8.19 0.62
CA TYR A 96 4.75 -6.95 1.24
C TYR A 96 3.67 -6.15 1.94
N GLU A 97 4.05 -5.33 2.88
CA GLU A 97 3.04 -4.51 3.61
C GLU A 97 3.42 -3.03 3.48
N LEU A 98 2.46 -2.20 3.17
CA LEU A 98 2.75 -0.75 3.01
C LEU A 98 2.04 0.05 4.11
N ASN A 99 2.73 0.94 4.76
CA ASN A 99 2.07 1.72 5.86
C ASN A 99 2.02 3.22 5.53
N LEU A 100 0.85 3.81 5.57
CA LEU A 100 0.72 5.27 5.30
C LEU A 100 0.57 6.00 6.64
N ASP A 101 1.28 7.08 6.84
CA ASP A 101 1.15 7.83 8.12
C ASP A 101 1.93 9.14 8.06
N ARG A 102 3.17 9.08 7.64
CA ARG A 102 3.99 10.31 7.58
C ARG A 102 3.69 11.08 6.29
N ASP A 103 4.65 11.77 5.74
CA ASP A 103 4.39 12.53 4.48
C ASP A 103 4.44 11.60 3.28
N THR A 104 3.30 11.27 2.74
CA THR A 104 3.27 10.36 1.55
C THR A 104 2.42 10.98 0.44
N VAL A 105 2.68 10.63 -0.79
CA VAL A 105 1.89 11.21 -1.90
C VAL A 105 1.14 10.11 -2.65
N ILE A 106 -0.15 10.24 -2.82
CA ILE A 106 -0.92 9.20 -3.54
C ILE A 106 -1.88 9.86 -4.53
N GLU A 107 -1.85 9.45 -5.77
CA GLU A 107 -2.77 10.08 -6.77
C GLU A 107 -3.38 9.00 -7.68
N GLU A 108 -4.67 9.02 -7.85
CA GLU A 108 -5.33 8.01 -8.73
C GLU A 108 -5.35 8.52 -10.17
N CYS A 109 -5.36 7.62 -11.13
CA CYS A 109 -5.38 8.06 -12.56
C CYS A 109 -6.70 7.63 -13.21
N PHE A 110 -7.51 8.59 -13.57
CA PHE A 110 -8.81 8.25 -14.22
C PHE A 110 -8.58 7.49 -15.53
N ASP A 111 -7.62 7.91 -16.31
CA ASP A 111 -7.34 7.21 -17.58
C ASP A 111 -6.43 6.01 -17.35
N GLU A 112 -6.88 4.83 -17.70
CA GLU A 112 -6.05 3.62 -17.50
C GLU A 112 -4.70 3.77 -18.21
N SER A 113 -4.70 4.45 -19.33
CA SER A 113 -3.43 4.66 -20.08
C SER A 113 -2.74 3.30 -20.33
N ASN A 114 -2.99 2.69 -21.45
CA ASN A 114 -2.36 1.38 -21.74
C ASN A 114 -0.89 1.58 -22.13
N THR A 1 11.26 7.95 -3.02
CA THR A 1 12.49 8.46 -3.69
C THR A 1 12.88 7.56 -4.86
N ARG A 2 12.87 6.27 -4.66
CA ARG A 2 13.23 5.34 -5.77
C ARG A 2 12.13 5.34 -6.83
N PRO A 3 12.52 5.11 -8.06
CA PRO A 3 11.55 5.09 -9.19
C PRO A 3 10.64 3.86 -9.10
N ILE A 4 9.74 3.71 -10.03
CA ILE A 4 8.83 2.52 -9.99
C ILE A 4 9.62 1.23 -10.17
N PHE A 5 9.60 0.36 -9.18
CA PHE A 5 10.33 -0.93 -9.29
C PHE A 5 9.39 -2.10 -8.99
N ALA A 6 9.77 -3.29 -9.37
CA ALA A 6 8.90 -4.46 -9.10
C ALA A 6 8.70 -4.62 -7.59
N ILE A 7 7.59 -5.18 -7.19
CA ILE A 7 7.33 -5.36 -5.72
C ILE A 7 8.52 -6.06 -5.05
N GLU A 8 9.03 -7.08 -5.66
CA GLU A 8 10.17 -7.82 -5.07
C GLU A 8 11.46 -6.97 -5.07
N GLN A 9 11.47 -5.87 -5.78
CA GLN A 9 12.69 -5.02 -5.81
C GLN A 9 12.66 -3.97 -4.70
N LEU A 10 11.71 -4.03 -3.82
CA LEU A 10 11.62 -3.03 -2.72
C LEU A 10 12.44 -3.49 -1.52
N SER A 11 12.65 -2.61 -0.58
CA SER A 11 13.46 -2.99 0.63
C SER A 11 12.80 -2.46 1.90
N PRO A 12 13.05 -3.14 2.99
CA PRO A 12 12.49 -2.72 4.30
C PRO A 12 13.14 -1.43 4.78
N TYR A 13 14.44 -1.35 4.67
CA TYR A 13 15.16 -0.12 5.10
C TYR A 13 14.69 1.09 4.28
N GLN A 14 14.45 0.90 3.02
CA GLN A 14 14.01 2.04 2.17
C GLN A 14 12.65 2.56 2.66
N ASN A 15 12.65 3.59 3.45
CA ASN A 15 11.36 4.15 3.97
C ASN A 15 10.51 4.70 2.82
N VAL A 16 11.14 5.29 1.84
CA VAL A 16 10.36 5.87 0.71
C VAL A 16 10.77 5.25 -0.64
N TRP A 17 9.81 4.83 -1.40
CA TRP A 17 10.10 4.23 -2.74
C TRP A 17 8.88 4.44 -3.65
N THR A 18 8.95 4.02 -4.87
CA THR A 18 7.79 4.18 -5.79
C THR A 18 7.45 2.85 -6.45
N ILE A 19 6.18 2.51 -6.55
CA ILE A 19 5.81 1.23 -7.19
C ILE A 19 4.43 1.32 -7.84
N LYS A 20 4.24 0.69 -8.97
CA LYS A 20 2.92 0.75 -9.66
C LYS A 20 2.25 -0.63 -9.67
N ALA A 21 0.95 -0.68 -9.62
CA ALA A 21 0.25 -1.99 -9.62
C ALA A 21 -1.27 -1.81 -9.80
N ARG A 22 -2.00 -2.89 -9.84
CA ARG A 22 -3.49 -2.80 -10.01
C ARG A 22 -4.17 -3.29 -8.72
N VAL A 23 -5.37 -2.84 -8.45
CA VAL A 23 -6.05 -3.29 -7.19
C VAL A 23 -6.89 -4.54 -7.44
N SER A 24 -6.81 -5.50 -6.55
CA SER A 24 -7.61 -6.74 -6.71
C SER A 24 -8.69 -6.86 -5.63
N TYR A 25 -8.30 -6.89 -4.38
CA TYR A 25 -9.30 -7.01 -3.29
C TYR A 25 -9.11 -5.92 -2.24
N LYS A 26 -10.19 -5.30 -1.82
CA LYS A 26 -10.10 -4.23 -0.79
C LYS A 26 -10.51 -4.79 0.59
N GLY A 27 -9.76 -4.51 1.61
CA GLY A 27 -10.12 -5.01 2.96
C GLY A 27 -11.19 -4.12 3.57
N GLU A 28 -10.81 -3.29 4.51
CA GLU A 28 -11.80 -2.38 5.15
C GLU A 28 -11.08 -1.41 6.10
N ILE A 29 -11.79 -0.89 7.07
CA ILE A 29 -11.15 0.06 8.02
C ILE A 29 -11.39 -0.38 9.48
N LYS A 30 -10.34 -0.77 10.18
CA LYS A 30 -10.50 -1.19 11.60
C LYS A 30 -9.59 -0.36 12.50
N THR A 31 -9.91 -0.28 13.77
CA THR A 31 -9.09 0.55 14.70
C THR A 31 -7.81 -0.18 15.17
N TRP A 32 -6.87 0.57 15.69
CA TRP A 32 -5.59 -0.05 16.14
C TRP A 32 -5.29 0.38 17.59
N HIS A 33 -4.42 -0.35 18.26
CA HIS A 33 -4.07 -0.01 19.67
C HIS A 33 -5.34 0.14 20.51
N ASN A 34 -5.22 0.64 21.71
CA ASN A 34 -6.42 0.82 22.60
C ASN A 34 -6.02 1.36 23.97
N GLN A 35 -5.01 0.80 24.60
CA GLN A 35 -4.60 1.30 25.94
C GLN A 35 -3.74 2.56 25.81
N ARG A 36 -2.58 2.45 25.23
CA ARG A 36 -1.69 3.64 25.08
C ARG A 36 -2.33 4.67 24.12
N GLY A 37 -3.29 4.24 23.34
CA GLY A 37 -3.96 5.18 22.39
C GLY A 37 -4.89 4.39 21.50
N ASP A 38 -5.65 5.06 20.67
CA ASP A 38 -6.58 4.32 19.77
C ASP A 38 -6.90 5.16 18.53
N GLY A 39 -7.00 4.54 17.39
CA GLY A 39 -7.30 5.30 16.15
C GLY A 39 -7.93 4.36 15.11
N LYS A 40 -8.04 4.79 13.89
CA LYS A 40 -8.63 3.93 12.84
C LYS A 40 -7.54 3.45 11.87
N LEU A 41 -7.78 2.40 11.14
CA LEU A 41 -6.75 1.87 10.19
C LEU A 41 -7.41 1.17 9.00
N PHE A 42 -6.92 1.41 7.81
CA PHE A 42 -7.52 0.76 6.60
C PHE A 42 -6.53 -0.20 5.95
N ASN A 43 -7.02 -1.25 5.31
CA ASN A 43 -6.09 -2.23 4.65
C ASN A 43 -6.60 -2.64 3.26
N VAL A 44 -5.72 -2.68 2.28
CA VAL A 44 -6.16 -3.07 0.89
C VAL A 44 -5.10 -3.96 0.21
N ASN A 45 -5.53 -4.80 -0.69
CA ASN A 45 -4.56 -5.70 -1.40
C ASN A 45 -4.48 -5.32 -2.89
N PHE A 46 -3.29 -5.06 -3.38
CA PHE A 46 -3.16 -4.71 -4.83
C PHE A 46 -2.45 -5.83 -5.58
N LEU A 47 -2.96 -6.21 -6.73
CA LEU A 47 -2.30 -7.29 -7.50
C LEU A 47 -1.52 -6.67 -8.66
N ASP A 48 -0.36 -7.19 -8.93
CA ASP A 48 0.47 -6.65 -10.05
C ASP A 48 1.10 -7.79 -10.85
N THR A 49 1.26 -7.62 -12.12
CA THR A 49 1.87 -8.71 -12.95
C THR A 49 3.24 -9.08 -12.37
N SER A 50 4.00 -8.11 -11.95
CA SER A 50 5.34 -8.41 -11.37
C SER A 50 5.21 -9.29 -10.13
N GLY A 51 4.19 -9.08 -9.35
CA GLY A 51 4.01 -9.91 -8.12
C GLY A 51 2.75 -9.46 -7.37
N GLU A 52 2.55 -9.94 -6.18
CA GLU A 52 1.35 -9.55 -5.40
C GLU A 52 1.76 -8.60 -4.27
N ILE A 53 1.04 -7.53 -4.09
CA ILE A 53 1.41 -6.56 -3.03
C ILE A 53 0.16 -6.11 -2.26
N ARG A 54 0.33 -5.77 -1.02
CA ARG A 54 -0.83 -5.31 -0.20
C ARG A 54 -0.46 -4.01 0.50
N ALA A 55 -1.23 -2.98 0.31
CA ALA A 55 -0.92 -1.71 1.00
C ALA A 55 -1.93 -1.47 2.13
N THR A 56 -1.48 -0.97 3.23
CA THR A 56 -2.42 -0.73 4.37
C THR A 56 -2.34 0.71 4.85
N ALA A 57 -3.46 1.40 4.90
CA ALA A 57 -3.43 2.81 5.35
C ALA A 57 -3.88 2.95 6.82
N PHE A 58 -3.56 4.05 7.44
CA PHE A 58 -3.93 4.27 8.88
C PHE A 58 -5.29 4.97 9.02
N ASN A 59 -5.52 5.63 10.14
CA ASN A 59 -6.80 6.35 10.39
C ASN A 59 -7.10 7.41 9.31
N ASP A 60 -7.62 8.56 9.70
CA ASP A 60 -7.97 9.63 8.71
C ASP A 60 -6.98 9.70 7.53
N PHE A 61 -5.72 9.41 7.75
CA PHE A 61 -4.77 9.44 6.63
C PHE A 61 -5.26 8.52 5.51
N ALA A 62 -5.83 7.40 5.87
CA ALA A 62 -6.35 6.49 4.82
C ALA A 62 -7.57 7.12 4.14
N THR A 63 -8.30 7.95 4.83
CA THR A 63 -9.48 8.59 4.19
C THR A 63 -9.02 9.46 3.03
N LYS A 64 -7.97 10.20 3.24
CA LYS A 64 -7.44 11.07 2.17
C LYS A 64 -6.66 10.22 1.17
N PHE A 65 -6.20 9.08 1.59
CA PHE A 65 -5.41 8.21 0.67
C PHE A 65 -6.33 7.24 -0.11
N ASN A 66 -7.29 6.65 0.55
CA ASN A 66 -8.19 5.69 -0.14
C ASN A 66 -9.08 6.46 -1.11
N GLU A 67 -9.46 7.65 -0.77
CA GLU A 67 -10.33 8.44 -1.67
C GLU A 67 -9.64 8.65 -3.02
N ILE A 68 -8.37 8.98 -3.00
CA ILE A 68 -7.63 9.20 -4.28
C ILE A 68 -7.50 7.88 -5.05
N LEU A 69 -7.06 6.85 -4.38
CA LEU A 69 -6.91 5.54 -5.07
C LEU A 69 -8.28 4.93 -5.33
N GLN A 70 -8.37 4.06 -6.30
CA GLN A 70 -9.67 3.45 -6.63
C GLN A 70 -9.72 1.99 -6.20
N GLU A 71 -10.64 1.26 -6.75
CA GLU A 71 -10.80 -0.16 -6.36
C GLU A 71 -10.92 -1.03 -7.62
N GLY A 72 -10.48 -0.55 -8.74
CA GLY A 72 -10.57 -1.35 -10.00
C GLY A 72 -9.74 -0.67 -11.09
N LYS A 73 -8.56 -0.22 -10.77
CA LYS A 73 -7.72 0.45 -11.81
C LYS A 73 -6.23 0.22 -11.53
N VAL A 74 -5.39 0.80 -12.34
CA VAL A 74 -3.92 0.64 -12.15
C VAL A 74 -3.34 1.95 -11.59
N TYR A 75 -2.43 1.85 -10.67
CA TYR A 75 -1.85 3.09 -10.08
C TYR A 75 -0.52 2.80 -9.40
N TYR A 76 -0.07 3.72 -8.59
CA TYR A 76 1.22 3.51 -7.89
C TYR A 76 1.24 4.26 -6.56
N VAL A 77 2.05 3.82 -5.62
CA VAL A 77 2.11 4.50 -4.30
C VAL A 77 3.57 4.67 -3.87
N SER A 78 3.84 5.61 -3.01
CA SER A 78 5.25 5.82 -2.55
C SER A 78 5.28 6.47 -1.16
N LYS A 79 6.45 6.58 -0.59
CA LYS A 79 6.59 7.21 0.77
C LYS A 79 5.85 6.37 1.82
N ALA A 80 6.12 5.10 1.87
CA ALA A 80 5.44 4.22 2.86
C ALA A 80 6.42 3.19 3.43
N LYS A 81 6.08 2.59 4.53
CA LYS A 81 6.99 1.56 5.13
C LYS A 81 6.92 0.28 4.31
N LEU A 82 8.05 -0.29 4.00
CA LEU A 82 8.07 -1.54 3.19
C LEU A 82 8.10 -2.77 4.11
N GLN A 83 7.26 -3.74 3.85
CA GLN A 83 7.25 -4.97 4.69
C GLN A 83 6.94 -6.19 3.82
N PRO A 84 7.98 -6.88 3.42
CA PRO A 84 7.78 -8.07 2.57
C PRO A 84 7.17 -9.21 3.37
N ALA A 85 6.13 -9.82 2.85
CA ALA A 85 5.49 -10.95 3.58
C ALA A 85 6.47 -12.12 3.68
N LYS A 86 6.34 -12.95 4.67
CA LYS A 86 7.28 -14.09 4.80
C LYS A 86 7.17 -14.99 3.56
N PRO A 87 8.31 -15.41 3.05
CA PRO A 87 8.31 -16.27 1.84
C PRO A 87 7.88 -17.70 2.18
N GLN A 88 8.54 -18.31 3.13
CA GLN A 88 8.17 -19.71 3.50
C GLN A 88 6.73 -19.77 3.99
N PHE A 89 6.28 -18.73 4.67
CA PHE A 89 4.88 -18.73 5.17
C PHE A 89 3.89 -18.94 4.01
N THR A 90 4.20 -18.39 2.86
CA THR A 90 3.28 -18.55 1.70
C THR A 90 3.95 -19.41 0.61
N ASN A 91 3.17 -19.91 -0.31
CA ASN A 91 3.76 -20.75 -1.40
C ASN A 91 3.27 -20.24 -2.76
N LEU A 92 2.02 -19.89 -2.85
CA LEU A 92 1.45 -19.38 -4.13
C LEU A 92 2.33 -18.26 -4.69
N THR A 93 2.54 -17.22 -3.93
CA THR A 93 3.37 -16.09 -4.40
C THR A 93 4.02 -15.38 -3.21
N HIS A 94 4.66 -14.28 -3.45
CA HIS A 94 5.29 -13.53 -2.34
C HIS A 94 4.61 -12.18 -2.17
N PRO A 95 3.56 -12.18 -1.41
CA PRO A 95 2.77 -10.94 -1.18
C PRO A 95 3.59 -9.89 -0.41
N TYR A 96 3.21 -8.65 -0.51
CA TYR A 96 3.95 -7.56 0.18
C TYR A 96 3.03 -6.86 1.19
N GLU A 97 3.57 -5.97 1.98
CA GLU A 97 2.73 -5.24 2.97
C GLU A 97 3.32 -3.84 3.13
N LEU A 98 2.49 -2.83 3.08
CA LEU A 98 3.02 -1.45 3.22
C LEU A 98 2.19 -0.67 4.25
N ASN A 99 2.81 0.22 4.98
CA ASN A 99 2.05 0.98 6.00
C ASN A 99 1.98 2.47 5.63
N LEU A 100 0.79 3.01 5.52
CA LEU A 100 0.65 4.46 5.18
C LEU A 100 0.14 5.22 6.40
N ASP A 101 0.76 6.33 6.73
CA ASP A 101 0.29 7.11 7.92
C ASP A 101 0.72 8.57 7.81
N ARG A 102 1.99 8.80 7.60
CA ARG A 102 2.48 10.20 7.50
C ARG A 102 2.11 10.78 6.14
N ASP A 103 2.85 11.75 5.68
CA ASP A 103 2.53 12.35 4.35
C ASP A 103 3.08 11.46 3.25
N THR A 104 2.23 10.70 2.61
CA THR A 104 2.70 9.80 1.53
C THR A 104 2.21 10.30 0.17
N VAL A 105 2.70 9.73 -0.89
CA VAL A 105 2.24 10.17 -2.24
C VAL A 105 1.61 9.00 -3.00
N ILE A 106 0.39 9.15 -3.41
CA ILE A 106 -0.30 8.07 -4.17
C ILE A 106 -1.01 8.68 -5.38
N GLU A 107 -1.10 7.97 -6.46
CA GLU A 107 -1.78 8.55 -7.65
C GLU A 107 -2.46 7.46 -8.47
N GLU A 108 -3.75 7.60 -8.69
CA GLU A 108 -4.52 6.62 -9.50
C GLU A 108 -4.46 6.99 -10.99
N CYS A 109 -4.53 6.04 -11.87
CA CYS A 109 -4.47 6.37 -13.33
C CYS A 109 -5.73 7.12 -13.76
N PHE A 110 -5.84 8.37 -13.43
CA PHE A 110 -7.03 9.16 -13.82
C PHE A 110 -6.61 10.41 -14.59
N ASP A 111 -7.49 10.94 -15.41
CA ASP A 111 -7.13 12.16 -16.19
C ASP A 111 -7.28 13.40 -15.32
N GLU A 112 -6.22 14.14 -15.13
CA GLU A 112 -6.29 15.37 -14.30
C GLU A 112 -6.25 16.62 -15.18
N SER A 113 -7.00 17.62 -14.83
CA SER A 113 -7.01 18.87 -15.65
C SER A 113 -6.59 20.07 -14.80
N ASN A 114 -6.06 21.10 -15.42
CA ASN A 114 -5.64 22.30 -14.63
C ASN A 114 -4.65 21.88 -13.54
N THR A 1 12.70 10.76 -3.89
CA THR A 1 11.59 9.98 -4.52
C THR A 1 12.17 8.96 -5.52
N ARG A 2 12.40 7.75 -5.08
CA ARG A 2 12.96 6.72 -6.00
C ARG A 2 11.98 6.49 -7.17
N PRO A 3 12.53 6.09 -8.30
CA PRO A 3 11.71 5.84 -9.51
C PRO A 3 10.81 4.62 -9.30
N ILE A 4 9.79 4.47 -10.12
CA ILE A 4 8.87 3.30 -9.96
C ILE A 4 9.65 1.99 -10.04
N PHE A 5 9.46 1.14 -9.07
CA PHE A 5 10.18 -0.17 -9.07
C PHE A 5 9.19 -1.33 -9.03
N ALA A 6 9.59 -2.49 -9.48
CA ALA A 6 8.67 -3.66 -9.45
C ALA A 6 8.48 -4.14 -8.02
N ILE A 7 7.49 -4.97 -7.79
CA ILE A 7 7.24 -5.47 -6.40
C ILE A 7 8.52 -6.09 -5.83
N GLU A 8 9.16 -6.95 -6.57
CA GLU A 8 10.41 -7.59 -6.07
C GLU A 8 11.51 -6.55 -5.87
N GLN A 9 11.44 -5.43 -6.55
CA GLN A 9 12.50 -4.40 -6.40
C GLN A 9 12.29 -3.53 -5.15
N LEU A 10 11.30 -3.82 -4.34
CA LEU A 10 11.07 -3.00 -3.12
C LEU A 10 12.18 -3.21 -2.10
N SER A 11 12.41 -2.22 -1.27
CA SER A 11 13.49 -2.35 -0.24
C SER A 11 12.93 -2.02 1.15
N PRO A 12 13.46 -2.68 2.15
CA PRO A 12 13.01 -2.44 3.53
C PRO A 12 13.66 -1.16 4.09
N TYR A 13 14.93 -0.99 3.86
CA TYR A 13 15.63 0.22 4.38
C TYR A 13 15.02 1.49 3.77
N GLN A 14 14.71 1.48 2.50
CA GLN A 14 14.12 2.69 1.88
C GLN A 14 12.65 2.82 2.28
N ASN A 15 12.32 3.82 3.06
CA ASN A 15 10.90 3.99 3.48
C ASN A 15 10.10 4.75 2.42
N VAL A 16 10.72 5.14 1.33
CA VAL A 16 9.96 5.86 0.28
C VAL A 16 10.34 5.33 -1.11
N TRP A 17 9.38 4.86 -1.84
CA TRP A 17 9.66 4.33 -3.21
C TRP A 17 8.42 4.53 -4.09
N THR A 18 8.36 3.87 -5.20
CA THR A 18 7.17 4.04 -6.09
C THR A 18 6.75 2.70 -6.69
N ILE A 19 5.59 2.22 -6.37
CA ILE A 19 5.12 0.93 -6.94
C ILE A 19 3.71 1.10 -7.51
N LYS A 20 3.48 0.63 -8.70
CA LYS A 20 2.12 0.77 -9.30
C LYS A 20 1.37 -0.57 -9.24
N ALA A 21 0.09 -0.51 -9.00
CA ALA A 21 -0.71 -1.78 -8.93
C ALA A 21 -2.20 -1.46 -8.97
N ARG A 22 -3.03 -2.46 -9.04
CA ARG A 22 -4.51 -2.22 -9.08
C ARG A 22 -5.19 -2.95 -7.91
N VAL A 23 -6.26 -2.38 -7.39
CA VAL A 23 -6.94 -3.04 -6.24
C VAL A 23 -7.48 -4.41 -6.64
N SER A 24 -7.42 -5.36 -5.75
CA SER A 24 -7.93 -6.73 -6.06
C SER A 24 -8.88 -7.20 -4.95
N TYR A 25 -8.52 -6.97 -3.72
CA TYR A 25 -9.41 -7.41 -2.60
C TYR A 25 -9.48 -6.31 -1.52
N LYS A 26 -10.60 -6.20 -0.86
CA LYS A 26 -10.74 -5.15 0.20
C LYS A 26 -10.47 -5.75 1.59
N GLY A 27 -9.69 -5.09 2.40
CA GLY A 27 -9.40 -5.63 3.75
C GLY A 27 -10.27 -4.93 4.79
N GLU A 28 -11.33 -4.26 4.36
CA GLU A 28 -12.23 -3.55 5.32
C GLU A 28 -11.46 -2.57 6.22
N ILE A 29 -12.17 -1.73 6.93
CA ILE A 29 -11.51 -0.73 7.82
C ILE A 29 -11.94 -0.92 9.29
N LYS A 30 -11.01 -1.24 10.17
CA LYS A 30 -11.36 -1.42 11.61
C LYS A 30 -10.51 -0.49 12.48
N THR A 31 -10.92 -0.26 13.69
CA THR A 31 -10.14 0.65 14.57
C THR A 31 -9.14 -0.12 15.45
N TRP A 32 -8.16 0.59 15.97
CA TRP A 32 -7.14 -0.06 16.83
C TRP A 32 -7.04 0.71 18.16
N HIS A 33 -6.67 0.04 19.22
CA HIS A 33 -6.57 0.75 20.53
C HIS A 33 -5.16 0.55 21.13
N ASN A 34 -4.52 1.61 21.52
CA ASN A 34 -3.15 1.47 22.11
C ASN A 34 -2.86 2.65 23.05
N GLN A 35 -1.83 2.54 23.84
CA GLN A 35 -1.50 3.65 24.78
C GLN A 35 -1.30 4.94 24.00
N ARG A 36 -0.79 4.86 22.80
CA ARG A 36 -0.57 6.09 21.99
C ARG A 36 -1.91 6.73 21.61
N GLY A 37 -2.99 6.00 21.71
CA GLY A 37 -4.31 6.59 21.35
C GLY A 37 -5.11 5.59 20.51
N ASP A 38 -6.24 6.00 20.01
CA ASP A 38 -7.08 5.09 19.19
C ASP A 38 -7.29 5.70 17.80
N GLY A 39 -7.51 4.88 16.79
CA GLY A 39 -7.71 5.43 15.42
C GLY A 39 -8.31 4.35 14.51
N LYS A 40 -8.42 4.64 13.25
CA LYS A 40 -9.00 3.63 12.30
C LYS A 40 -7.87 2.98 11.48
N LEU A 41 -8.14 1.84 10.91
CA LEU A 41 -7.09 1.12 10.11
C LEU A 41 -7.73 0.21 9.07
N PHE A 42 -7.04 -0.10 8.01
CA PHE A 42 -7.64 -0.97 6.96
C PHE A 42 -6.55 -1.58 6.07
N ASN A 43 -6.84 -2.64 5.36
CA ASN A 43 -5.81 -3.26 4.48
C ASN A 43 -6.38 -3.51 3.08
N VAL A 44 -5.54 -3.51 2.07
CA VAL A 44 -6.02 -3.76 0.68
C VAL A 44 -5.00 -4.60 -0.10
N ASN A 45 -5.46 -5.47 -0.95
CA ASN A 45 -4.52 -6.30 -1.75
C ASN A 45 -4.45 -5.76 -3.18
N PHE A 46 -3.28 -5.48 -3.67
CA PHE A 46 -3.16 -4.96 -5.06
C PHE A 46 -2.44 -5.96 -5.96
N LEU A 47 -2.88 -6.10 -7.17
CA LEU A 47 -2.22 -7.06 -8.10
C LEU A 47 -1.36 -6.32 -9.12
N ASP A 48 -0.24 -6.87 -9.47
CA ASP A 48 0.65 -6.20 -10.46
C ASP A 48 1.25 -7.25 -11.40
N THR A 49 1.61 -6.85 -12.59
CA THR A 49 2.21 -7.84 -13.54
C THR A 49 3.49 -8.44 -12.96
N SER A 50 4.25 -7.65 -12.25
CA SER A 50 5.51 -8.18 -11.64
C SER A 50 5.18 -9.25 -10.61
N GLY A 51 4.07 -9.12 -9.94
CA GLY A 51 3.69 -10.13 -8.91
C GLY A 51 2.45 -9.65 -8.14
N GLU A 52 2.17 -10.26 -7.03
CA GLU A 52 0.99 -9.83 -6.22
C GLU A 52 1.47 -9.09 -4.97
N ILE A 53 0.83 -8.01 -4.64
CA ILE A 53 1.28 -7.22 -3.45
C ILE A 53 0.07 -6.73 -2.63
N ARG A 54 0.30 -6.41 -1.40
CA ARG A 54 -0.80 -5.91 -0.53
C ARG A 54 -0.33 -4.68 0.25
N ALA A 55 -1.17 -3.71 0.43
CA ALA A 55 -0.77 -2.50 1.19
C ALA A 55 -1.75 -2.23 2.33
N THR A 56 -1.29 -1.64 3.40
CA THR A 56 -2.21 -1.36 4.54
C THR A 56 -2.13 0.12 4.91
N ALA A 57 -3.18 0.69 5.46
CA ALA A 57 -3.13 2.12 5.84
C ALA A 57 -3.71 2.33 7.24
N PHE A 58 -3.38 3.44 7.85
CA PHE A 58 -3.87 3.72 9.24
C PHE A 58 -5.12 4.61 9.22
N ASN A 59 -5.40 5.27 10.32
CA ASN A 59 -6.61 6.13 10.48
C ASN A 59 -6.79 7.15 9.33
N ASP A 60 -7.21 8.37 9.64
CA ASP A 60 -7.46 9.42 8.60
C ASP A 60 -6.52 9.33 7.41
N PHE A 61 -5.29 8.94 7.60
CA PHE A 61 -4.38 8.83 6.42
C PHE A 61 -4.98 7.89 5.38
N ALA A 62 -5.56 6.81 5.81
CA ALA A 62 -6.19 5.87 4.84
C ALA A 62 -7.52 6.46 4.34
N THR A 63 -8.21 7.18 5.17
CA THR A 63 -9.50 7.77 4.73
C THR A 63 -9.27 8.74 3.59
N LYS A 64 -8.22 9.52 3.67
CA LYS A 64 -7.91 10.48 2.59
C LYS A 64 -7.29 9.73 1.40
N PHE A 65 -6.64 8.62 1.66
CA PHE A 65 -6.01 7.86 0.56
C PHE A 65 -7.02 6.91 -0.11
N ASN A 66 -7.84 6.24 0.66
CA ASN A 66 -8.81 5.29 0.05
C ASN A 66 -9.91 6.07 -0.66
N GLU A 67 -10.33 7.17 -0.10
CA GLU A 67 -11.39 7.96 -0.76
C GLU A 67 -10.92 8.32 -2.17
N ILE A 68 -9.68 8.73 -2.28
CA ILE A 68 -9.13 9.07 -3.62
C ILE A 68 -8.89 7.78 -4.41
N LEU A 69 -8.64 6.70 -3.72
CA LEU A 69 -8.40 5.40 -4.40
C LEU A 69 -9.71 4.90 -5.03
N GLN A 70 -9.61 4.19 -6.11
CA GLN A 70 -10.84 3.69 -6.77
C GLN A 70 -10.93 2.18 -6.68
N GLU A 71 -11.75 1.60 -7.50
CA GLU A 71 -11.95 0.14 -7.47
C GLU A 71 -11.77 -0.43 -8.89
N GLY A 72 -11.18 -1.58 -9.01
CA GLY A 72 -10.97 -2.17 -10.36
C GLY A 72 -10.08 -1.25 -11.20
N LYS A 73 -9.27 -0.45 -10.55
CA LYS A 73 -8.38 0.47 -11.32
C LYS A 73 -6.92 0.33 -10.86
N VAL A 74 -6.01 0.83 -11.64
CA VAL A 74 -4.57 0.74 -11.29
C VAL A 74 -4.07 2.12 -10.83
N TYR A 75 -3.08 2.16 -9.98
CA TYR A 75 -2.59 3.46 -9.49
C TYR A 75 -1.15 3.33 -9.00
N TYR A 76 -0.64 4.37 -8.41
CA TYR A 76 0.77 4.32 -7.93
C TYR A 76 0.85 4.60 -6.42
N VAL A 77 1.75 3.93 -5.75
CA VAL A 77 1.89 4.13 -4.27
C VAL A 77 3.33 4.53 -3.93
N SER A 78 3.51 5.46 -3.04
CA SER A 78 4.90 5.88 -2.69
C SER A 78 4.97 6.43 -1.27
N LYS A 79 6.16 6.61 -0.76
CA LYS A 79 6.33 7.18 0.61
C LYS A 79 5.65 6.27 1.66
N ALA A 80 5.95 5.00 1.65
CA ALA A 80 5.34 4.07 2.63
C ALA A 80 6.38 3.05 3.12
N LYS A 81 6.13 2.43 4.23
CA LYS A 81 7.11 1.43 4.77
C LYS A 81 7.00 0.10 3.99
N LEU A 82 8.11 -0.50 3.67
CA LEU A 82 8.09 -1.78 2.91
C LEU A 82 8.30 -2.98 3.86
N GLN A 83 7.39 -3.92 3.84
CA GLN A 83 7.54 -5.12 4.73
C GLN A 83 7.27 -6.40 3.92
N PRO A 84 8.28 -7.22 3.76
CA PRO A 84 8.13 -8.48 2.99
C PRO A 84 7.27 -9.49 3.76
N ALA A 85 6.43 -10.19 3.07
CA ALA A 85 5.57 -11.22 3.73
C ALA A 85 6.42 -12.43 4.12
N LYS A 86 5.99 -13.18 5.10
CA LYS A 86 6.78 -14.37 5.51
C LYS A 86 6.79 -15.40 4.37
N PRO A 87 7.93 -16.01 4.14
CA PRO A 87 8.04 -17.02 3.07
C PRO A 87 7.28 -18.30 3.44
N GLN A 88 7.21 -18.62 4.71
CA GLN A 88 6.50 -19.85 5.12
C GLN A 88 5.01 -19.74 4.78
N PHE A 89 4.45 -18.57 4.87
CA PHE A 89 3.01 -18.41 4.55
C PHE A 89 2.72 -18.85 3.11
N THR A 90 3.52 -18.42 2.18
CA THR A 90 3.29 -18.83 0.75
C THR A 90 4.63 -19.03 0.04
N ASN A 91 4.63 -19.80 -1.02
CA ASN A 91 5.90 -20.03 -1.76
C ASN A 91 5.68 -19.93 -3.29
N LEU A 92 4.53 -19.46 -3.71
CA LEU A 92 4.29 -19.36 -5.19
C LEU A 92 4.72 -17.99 -5.72
N THR A 93 4.80 -17.00 -4.87
CA THR A 93 5.20 -15.64 -5.34
C THR A 93 5.90 -14.89 -4.21
N HIS A 94 6.17 -13.63 -4.41
CA HIS A 94 6.84 -12.83 -3.34
C HIS A 94 5.95 -11.63 -2.97
N PRO A 95 4.92 -11.94 -2.22
CA PRO A 95 3.96 -10.90 -1.77
C PRO A 95 4.61 -9.91 -0.81
N TYR A 96 4.17 -8.69 -0.84
CA TYR A 96 4.76 -7.64 0.05
C TYR A 96 3.67 -7.06 0.96
N GLU A 97 4.06 -6.14 1.81
CA GLU A 97 3.09 -5.50 2.72
C GLU A 97 3.56 -4.07 2.95
N LEU A 98 2.68 -3.12 2.84
CA LEU A 98 3.09 -1.71 3.02
C LEU A 98 2.31 -1.06 4.17
N ASN A 99 2.97 -0.26 4.95
CA ASN A 99 2.26 0.40 6.09
C ASN A 99 2.17 1.92 5.87
N LEU A 100 1.00 2.42 5.64
CA LEU A 100 0.85 3.90 5.43
C LEU A 100 0.35 4.56 6.72
N ASP A 101 0.93 5.67 7.10
CA ASP A 101 0.49 6.36 8.35
C ASP A 101 1.12 7.75 8.42
N ARG A 102 2.40 7.81 8.24
CA ARG A 102 3.10 9.13 8.30
C ARG A 102 2.89 9.86 6.97
N ASP A 103 3.86 10.60 6.51
CA ASP A 103 3.69 11.32 5.22
C ASP A 103 3.72 10.32 4.08
N THR A 104 2.59 10.06 3.48
CA THR A 104 2.53 9.09 2.36
C THR A 104 1.99 9.77 1.09
N VAL A 105 2.23 9.18 -0.05
CA VAL A 105 1.73 9.80 -1.31
C VAL A 105 1.18 8.71 -2.24
N ILE A 106 -0.12 8.70 -2.43
CA ILE A 106 -0.74 7.68 -3.33
C ILE A 106 -1.76 8.37 -4.23
N GLU A 107 -1.82 8.00 -5.47
CA GLU A 107 -2.79 8.67 -6.37
C GLU A 107 -3.37 7.68 -7.39
N GLU A 108 -4.68 7.66 -7.53
CA GLU A 108 -5.32 6.74 -8.50
C GLU A 108 -4.87 7.12 -9.91
N CYS A 109 -4.81 6.18 -10.82
CA CYS A 109 -4.35 6.50 -12.20
C CYS A 109 -5.19 7.65 -12.78
N PHE A 110 -4.71 8.86 -12.68
CA PHE A 110 -5.47 10.02 -13.22
C PHE A 110 -4.54 10.94 -14.02
N ASP A 111 -5.06 11.69 -14.95
CA ASP A 111 -4.19 12.59 -15.75
C ASP A 111 -3.66 13.72 -14.87
N GLU A 112 -2.43 14.10 -15.06
CA GLU A 112 -1.85 15.20 -14.23
C GLU A 112 -1.82 16.51 -15.02
N SER A 113 -2.14 17.60 -14.37
CA SER A 113 -2.12 18.91 -15.08
C SER A 113 -1.35 19.95 -14.27
N ASN A 114 -0.86 20.98 -14.90
CA ASN A 114 -0.10 22.02 -14.15
C ASN A 114 -0.67 23.40 -14.44
N THR A 1 12.62 11.45 -4.21
CA THR A 1 11.62 10.37 -4.43
C THR A 1 12.09 9.42 -5.52
N ARG A 2 12.34 8.19 -5.19
CA ARG A 2 12.81 7.21 -6.23
C ARG A 2 11.69 6.93 -7.24
N PRO A 3 12.07 6.63 -8.45
CA PRO A 3 11.09 6.34 -9.52
C PRO A 3 10.34 5.04 -9.21
N ILE A 4 9.31 4.74 -9.95
CA ILE A 4 8.54 3.49 -9.68
C ILE A 4 9.42 2.25 -9.86
N PHE A 5 9.51 1.43 -8.84
CA PHE A 5 10.35 0.20 -8.93
C PHE A 5 9.50 -1.04 -8.64
N ALA A 6 10.00 -2.20 -8.97
CA ALA A 6 9.23 -3.45 -8.70
C ALA A 6 8.84 -3.51 -7.21
N ILE A 7 7.80 -4.22 -6.88
CA ILE A 7 7.38 -4.30 -5.45
C ILE A 7 8.52 -4.87 -4.60
N GLU A 8 9.22 -5.84 -5.11
CA GLU A 8 10.35 -6.44 -4.33
C GLU A 8 11.47 -5.41 -4.15
N GLN A 9 11.67 -4.57 -5.14
CA GLN A 9 12.76 -3.55 -5.06
C GLN A 9 12.51 -2.55 -3.91
N LEU A 10 11.29 -2.39 -3.46
CA LEU A 10 11.05 -1.42 -2.36
C LEU A 10 11.87 -1.78 -1.14
N SER A 11 12.07 -0.84 -0.27
CA SER A 11 12.87 -1.10 0.95
C SER A 11 12.47 -0.14 2.08
N PRO A 12 12.40 -0.66 3.29
CA PRO A 12 12.02 0.19 4.43
C PRO A 12 13.16 1.18 4.73
N TYR A 13 14.37 0.73 4.54
CA TYR A 13 15.54 1.63 4.80
C TYR A 13 15.62 2.70 3.71
N GLN A 14 15.08 2.46 2.55
CA GLN A 14 15.14 3.48 1.47
C GLN A 14 14.47 4.77 1.94
N ASN A 15 15.07 5.90 1.68
CA ASN A 15 14.48 7.18 2.14
C ASN A 15 13.05 7.33 1.60
N VAL A 16 12.82 6.91 0.38
CA VAL A 16 11.44 7.03 -0.19
C VAL A 16 11.40 6.51 -1.62
N TRP A 17 10.33 5.87 -2.00
CA TRP A 17 10.23 5.36 -3.40
C TRP A 17 8.78 5.38 -3.88
N THR A 18 8.54 4.99 -5.10
CA THR A 18 7.15 4.96 -5.61
C THR A 18 6.82 3.57 -6.15
N ILE A 19 5.58 3.18 -6.10
CA ILE A 19 5.19 1.84 -6.64
C ILE A 19 3.82 1.93 -7.30
N LYS A 20 3.67 1.31 -8.45
CA LYS A 20 2.35 1.36 -9.13
C LYS A 20 1.74 -0.03 -9.22
N ALA A 21 0.44 -0.11 -9.10
CA ALA A 21 -0.23 -1.45 -9.18
C ALA A 21 -1.75 -1.27 -9.25
N ARG A 22 -2.45 -2.32 -9.58
CA ARG A 22 -3.94 -2.22 -9.67
C ARG A 22 -4.58 -2.95 -8.49
N VAL A 23 -5.67 -2.45 -7.99
CA VAL A 23 -6.32 -3.11 -6.81
C VAL A 23 -6.87 -4.49 -7.22
N SER A 24 -6.58 -5.50 -6.46
CA SER A 24 -7.10 -6.86 -6.77
C SER A 24 -8.26 -7.19 -5.83
N TYR A 25 -8.04 -7.05 -4.56
CA TYR A 25 -9.11 -7.33 -3.56
C TYR A 25 -9.11 -6.25 -2.48
N LYS A 26 -10.26 -5.80 -2.06
CA LYS A 26 -10.31 -4.75 -1.01
C LYS A 26 -10.77 -5.35 0.33
N GLY A 27 -10.08 -5.03 1.39
CA GLY A 27 -10.49 -5.58 2.71
C GLY A 27 -11.56 -4.65 3.30
N GLU A 28 -11.18 -3.83 4.24
CA GLU A 28 -12.17 -2.91 4.85
C GLU A 28 -11.47 -1.98 5.85
N ILE A 29 -12.23 -1.29 6.65
CA ILE A 29 -11.64 -0.38 7.67
C ILE A 29 -12.15 -0.79 9.07
N LYS A 30 -11.26 -0.95 10.00
CA LYS A 30 -11.66 -1.35 11.38
C LYS A 30 -10.81 -0.56 12.37
N THR A 31 -11.11 -0.64 13.62
CA THR A 31 -10.29 0.13 14.61
C THR A 31 -9.34 -0.78 15.39
N TRP A 32 -8.33 -0.20 15.96
CA TRP A 32 -7.34 -0.99 16.75
C TRP A 32 -7.13 -0.33 18.11
N HIS A 33 -6.77 -1.09 19.11
CA HIS A 33 -6.55 -0.48 20.46
C HIS A 33 -5.14 -0.81 20.98
N ASN A 34 -4.43 0.19 21.42
CA ASN A 34 -3.05 -0.07 21.94
C ASN A 34 -2.65 1.01 22.94
N GLN A 35 -1.66 0.75 23.76
CA GLN A 35 -1.23 1.77 24.76
C GLN A 35 -0.85 3.07 24.06
N ARG A 36 -0.31 2.98 22.88
CA ARG A 36 0.10 4.22 22.14
C ARG A 36 -1.13 5.06 21.77
N GLY A 37 -2.30 4.48 21.79
CA GLY A 37 -3.52 5.28 21.45
C GLY A 37 -4.53 4.39 20.71
N ASP A 38 -5.54 4.99 20.15
CA ASP A 38 -6.57 4.22 19.41
C ASP A 38 -6.92 4.94 18.11
N GLY A 39 -7.12 4.21 17.04
CA GLY A 39 -7.46 4.89 15.77
C GLY A 39 -8.11 3.89 14.80
N LYS A 40 -8.15 4.22 13.55
CA LYS A 40 -8.77 3.30 12.55
C LYS A 40 -7.70 2.64 11.68
N LEU A 41 -7.99 1.51 11.13
CA LEU A 41 -7.01 0.78 10.28
C LEU A 41 -7.73 0.02 9.17
N PHE A 42 -7.17 -0.01 8.00
CA PHE A 42 -7.84 -0.73 6.87
C PHE A 42 -6.80 -1.45 6.02
N ASN A 43 -7.17 -2.53 5.37
CA ASN A 43 -6.17 -3.26 4.53
C ASN A 43 -6.72 -3.49 3.12
N VAL A 44 -5.87 -3.43 2.13
CA VAL A 44 -6.33 -3.65 0.72
C VAL A 44 -5.31 -4.50 -0.05
N ASN A 45 -5.75 -5.18 -1.07
CA ASN A 45 -4.81 -6.04 -1.86
C ASN A 45 -4.64 -5.51 -3.28
N PHE A 46 -3.42 -5.40 -3.75
CA PHE A 46 -3.19 -4.90 -5.14
C PHE A 46 -2.36 -5.90 -5.93
N LEU A 47 -2.37 -5.78 -7.22
CA LEU A 47 -1.58 -6.71 -8.06
C LEU A 47 -0.48 -5.95 -8.79
N ASP A 48 0.64 -6.58 -9.00
CA ASP A 48 1.76 -5.90 -9.72
C ASP A 48 2.48 -6.90 -10.64
N THR A 49 3.09 -6.42 -11.68
CA THR A 49 3.81 -7.34 -12.61
C THR A 49 4.81 -8.19 -11.85
N SER A 50 5.52 -7.61 -10.91
CA SER A 50 6.52 -8.40 -10.12
C SER A 50 5.81 -9.56 -9.40
N GLY A 51 4.65 -9.32 -8.88
CA GLY A 51 3.92 -10.40 -8.16
C GLY A 51 2.63 -9.83 -7.55
N GLU A 52 2.28 -10.27 -6.38
CA GLU A 52 1.05 -9.76 -5.73
C GLU A 52 1.43 -8.95 -4.49
N ILE A 53 0.75 -7.87 -4.25
CA ILE A 53 1.10 -7.03 -3.06
C ILE A 53 -0.16 -6.58 -2.32
N ARG A 54 0.00 -6.22 -1.07
CA ARG A 54 -1.17 -5.76 -0.27
C ARG A 54 -0.77 -4.51 0.52
N ALA A 55 -1.66 -3.56 0.63
CA ALA A 55 -1.30 -2.33 1.39
C ALA A 55 -2.23 -2.13 2.58
N THR A 56 -1.74 -1.50 3.62
CA THR A 56 -2.61 -1.25 4.81
C THR A 56 -2.54 0.23 5.18
N ALA A 57 -3.61 0.78 5.68
CA ALA A 57 -3.59 2.23 6.07
C ALA A 57 -4.04 2.42 7.52
N PHE A 58 -3.52 3.43 8.17
CA PHE A 58 -3.88 3.70 9.59
C PHE A 58 -5.09 4.64 9.70
N ASN A 59 -5.29 5.18 10.89
CA ASN A 59 -6.43 6.11 11.21
C ASN A 59 -6.67 7.22 10.15
N ASP A 60 -7.00 8.42 10.59
CA ASP A 60 -7.30 9.55 9.66
C ASP A 60 -6.43 9.54 8.38
N PHE A 61 -5.21 9.09 8.47
CA PHE A 61 -4.37 9.05 7.24
C PHE A 61 -5.10 8.23 6.17
N ALA A 62 -5.77 7.19 6.56
CA ALA A 62 -6.52 6.38 5.57
C ALA A 62 -7.65 7.20 4.95
N THR A 63 -8.18 8.15 5.69
CA THR A 63 -9.29 8.99 5.13
C THR A 63 -8.75 9.81 3.96
N LYS A 64 -7.59 10.38 4.13
CA LYS A 64 -6.99 11.19 3.04
C LYS A 64 -6.39 10.26 1.99
N PHE A 65 -6.04 9.05 2.40
CA PHE A 65 -5.43 8.10 1.43
C PHE A 65 -6.52 7.37 0.63
N ASN A 66 -7.57 6.94 1.29
CA ASN A 66 -8.64 6.20 0.57
C ASN A 66 -9.40 7.15 -0.34
N GLU A 67 -9.59 8.35 0.10
CA GLU A 67 -10.32 9.32 -0.74
C GLU A 67 -9.62 9.45 -2.10
N ILE A 68 -8.32 9.43 -2.10
CA ILE A 68 -7.56 9.53 -3.38
C ILE A 68 -7.43 8.16 -4.04
N LEU A 69 -7.42 7.10 -3.27
CA LEU A 69 -7.28 5.74 -3.86
C LEU A 69 -8.65 5.22 -4.29
N GLN A 70 -8.73 4.59 -5.42
CA GLN A 70 -10.02 4.08 -5.91
C GLN A 70 -10.01 2.56 -6.08
N GLU A 71 -10.95 2.06 -6.83
CA GLU A 71 -11.07 0.60 -7.04
C GLU A 71 -11.17 0.29 -8.54
N GLY A 72 -11.01 -0.95 -8.92
CA GLY A 72 -11.11 -1.32 -10.36
C GLY A 72 -10.18 -0.44 -11.20
N LYS A 73 -9.14 0.10 -10.61
CA LYS A 73 -8.21 0.96 -11.41
C LYS A 73 -6.76 0.76 -10.94
N VAL A 74 -5.84 1.37 -11.64
CA VAL A 74 -4.41 1.24 -11.26
C VAL A 74 -3.90 2.61 -10.79
N TYR A 75 -3.00 2.63 -9.85
CA TYR A 75 -2.49 3.93 -9.35
C TYR A 75 -1.07 3.81 -8.83
N TYR A 76 -0.56 4.85 -8.27
CA TYR A 76 0.83 4.81 -7.77
C TYR A 76 0.90 5.21 -6.29
N VAL A 77 1.82 4.65 -5.57
CA VAL A 77 1.95 4.98 -4.12
C VAL A 77 3.39 5.41 -3.82
N SER A 78 3.56 6.47 -3.07
CA SER A 78 4.95 6.92 -2.75
C SER A 78 5.12 7.06 -1.25
N LYS A 79 6.32 6.85 -0.76
CA LYS A 79 6.59 6.96 0.71
C LYS A 79 5.76 5.92 1.47
N ALA A 80 6.42 5.00 2.10
CA ALA A 80 5.70 3.95 2.88
C ALA A 80 6.69 2.97 3.51
N LYS A 81 6.23 2.15 4.42
CA LYS A 81 7.15 1.18 5.07
C LYS A 81 7.11 -0.15 4.30
N LEU A 82 8.26 -0.66 3.91
CA LEU A 82 8.29 -1.94 3.16
C LEU A 82 8.73 -3.07 4.10
N GLN A 83 8.07 -4.19 4.05
CA GLN A 83 8.46 -5.32 4.95
C GLN A 83 8.12 -6.66 4.28
N PRO A 84 8.94 -7.66 4.55
CA PRO A 84 8.72 -9.00 3.97
C PRO A 84 7.61 -9.74 4.72
N ALA A 85 6.88 -10.58 4.04
CA ALA A 85 5.79 -11.35 4.70
C ALA A 85 6.19 -12.82 4.83
N LYS A 86 5.70 -13.49 5.84
CA LYS A 86 6.07 -14.93 6.02
C LYS A 86 4.81 -15.79 6.10
N PRO A 87 4.14 -15.90 4.98
CA PRO A 87 2.90 -16.73 4.91
C PRO A 87 3.24 -18.21 4.95
N GLN A 88 2.38 -19.02 5.49
CA GLN A 88 2.67 -20.48 5.52
C GLN A 88 2.15 -21.17 4.26
N PHE A 89 1.17 -20.60 3.61
CA PHE A 89 0.64 -21.22 2.36
C PHE A 89 1.71 -21.18 1.28
N THR A 90 2.51 -20.15 1.25
CA THR A 90 3.58 -20.03 0.22
C THR A 90 2.98 -19.95 -1.19
N ASN A 91 1.70 -19.71 -1.32
CA ASN A 91 1.10 -19.62 -2.67
C ASN A 91 1.78 -18.51 -3.48
N LEU A 92 2.12 -17.43 -2.83
CA LEU A 92 2.80 -16.31 -3.56
C LEU A 92 4.31 -16.37 -3.33
N THR A 93 5.08 -16.06 -4.33
CA THR A 93 6.56 -16.10 -4.16
C THR A 93 7.08 -14.73 -3.73
N HIS A 94 7.95 -14.70 -2.76
CA HIS A 94 8.50 -13.38 -2.30
C HIS A 94 7.36 -12.43 -1.93
N PRO A 95 6.60 -12.80 -0.94
CA PRO A 95 5.47 -11.96 -0.48
C PRO A 95 5.97 -10.65 0.12
N TYR A 96 5.34 -9.56 -0.19
CA TYR A 96 5.78 -8.25 0.36
C TYR A 96 4.65 -7.56 1.12
N GLU A 97 4.98 -6.87 2.18
CA GLU A 97 3.92 -6.17 2.97
C GLU A 97 4.13 -4.66 2.91
N LEU A 98 3.07 -3.91 2.85
CA LEU A 98 3.19 -2.42 2.77
C LEU A 98 2.33 -1.79 3.88
N ASN A 99 2.90 -0.89 4.64
CA ASN A 99 2.12 -0.24 5.74
C ASN A 99 2.05 1.28 5.52
N LEU A 100 0.85 1.81 5.46
CA LEU A 100 0.70 3.28 5.25
C LEU A 100 0.26 3.94 6.58
N ASP A 101 0.88 5.04 6.95
CA ASP A 101 0.51 5.71 8.22
C ASP A 101 0.97 7.16 8.21
N ARG A 102 2.23 7.37 7.93
CA ARG A 102 2.76 8.76 7.92
C ARG A 102 2.21 9.51 6.71
N ASP A 103 2.92 10.49 6.23
CA ASP A 103 2.42 11.26 5.05
C ASP A 103 2.84 10.56 3.76
N THR A 104 1.92 9.89 3.12
CA THR A 104 2.26 9.19 1.85
C THR A 104 1.56 9.88 0.67
N VAL A 105 2.06 9.71 -0.52
CA VAL A 105 1.41 10.35 -1.69
C VAL A 105 0.90 9.26 -2.64
N ILE A 106 -0.37 9.28 -2.93
CA ILE A 106 -0.95 8.25 -3.85
C ILE A 106 -1.88 8.94 -4.84
N GLU A 107 -1.96 8.44 -6.04
CA GLU A 107 -2.86 9.09 -7.03
C GLU A 107 -3.41 8.08 -8.05
N GLU A 108 -4.70 8.05 -8.24
CA GLU A 108 -5.30 7.10 -9.21
C GLU A 108 -4.97 7.54 -10.64
N CYS A 109 -4.94 6.64 -11.57
CA CYS A 109 -4.61 7.02 -12.98
C CYS A 109 -5.85 7.60 -13.67
N PHE A 110 -5.70 8.74 -14.28
CA PHE A 110 -6.85 9.37 -14.99
C PHE A 110 -6.59 9.43 -16.49
N ASP A 111 -7.63 9.42 -17.29
CA ASP A 111 -7.43 9.47 -18.77
C ASP A 111 -6.61 10.71 -19.14
N GLU A 112 -6.80 11.78 -18.43
CA GLU A 112 -6.04 13.02 -18.73
C GLU A 112 -4.54 12.77 -18.58
N SER A 113 -4.15 11.93 -17.66
CA SER A 113 -2.71 11.65 -17.46
C SER A 113 -1.91 12.94 -17.32
N ASN A 114 -1.71 13.40 -16.11
CA ASN A 114 -0.95 14.67 -15.92
C ASN A 114 0.55 14.42 -16.19
N THR A 1 9.26 10.85 -4.10
CA THR A 1 10.69 11.19 -4.34
C THR A 1 11.35 10.10 -5.20
N ARG A 2 11.49 8.92 -4.66
CA ARG A 2 12.12 7.82 -5.47
C ARG A 2 11.21 7.43 -6.63
N PRO A 3 11.82 6.90 -7.67
CA PRO A 3 11.06 6.49 -8.88
C PRO A 3 10.28 5.19 -8.61
N ILE A 4 9.38 4.83 -9.50
CA ILE A 4 8.60 3.58 -9.30
C ILE A 4 9.50 2.35 -9.47
N PHE A 5 9.43 1.42 -8.56
CA PHE A 5 10.28 0.20 -8.67
C PHE A 5 9.39 -1.04 -8.85
N ALA A 6 9.93 -2.09 -9.38
CA ALA A 6 9.12 -3.33 -9.57
C ALA A 6 8.47 -3.74 -8.25
N ILE A 7 7.31 -4.31 -8.30
CA ILE A 7 6.63 -4.74 -7.05
C ILE A 7 7.51 -5.74 -6.29
N GLU A 8 8.31 -6.49 -7.00
CA GLU A 8 9.19 -7.49 -6.33
C GLU A 8 10.53 -6.86 -5.90
N GLN A 9 10.63 -5.56 -5.89
CA GLN A 9 11.93 -4.93 -5.49
C GLN A 9 11.70 -3.97 -4.31
N LEU A 10 11.21 -2.78 -4.58
CA LEU A 10 10.95 -1.81 -3.48
C LEU A 10 12.14 -1.71 -2.52
N SER A 11 11.93 -1.10 -1.38
CA SER A 11 13.04 -0.96 -0.39
C SER A 11 12.48 -0.77 1.02
N PRO A 12 12.58 -1.79 1.83
CA PRO A 12 12.08 -1.68 3.23
C PRO A 12 12.93 -0.67 4.00
N TYR A 13 14.20 -0.62 3.72
CA TYR A 13 15.08 0.35 4.42
C TYR A 13 14.69 1.78 4.07
N GLN A 14 14.30 2.01 2.84
CA GLN A 14 13.91 3.38 2.43
C GLN A 14 12.53 3.72 2.99
N ASN A 15 12.48 4.62 3.93
CA ASN A 15 11.18 5.01 4.54
C ASN A 15 10.25 5.57 3.47
N VAL A 16 10.79 6.25 2.49
CA VAL A 16 9.92 6.84 1.43
C VAL A 16 10.34 6.37 0.03
N TRP A 17 9.39 5.89 -0.73
CA TRP A 17 9.68 5.44 -2.12
C TRP A 17 8.43 5.61 -2.97
N THR A 18 8.44 5.13 -4.19
CA THR A 18 7.23 5.25 -5.04
C THR A 18 6.90 3.89 -5.67
N ILE A 19 5.64 3.50 -5.65
CA ILE A 19 5.28 2.17 -6.25
C ILE A 19 3.89 2.24 -6.87
N LYS A 20 3.70 1.61 -8.00
CA LYS A 20 2.35 1.64 -8.64
C LYS A 20 1.68 0.26 -8.58
N ALA A 21 0.38 0.23 -8.46
CA ALA A 21 -0.36 -1.07 -8.39
C ALA A 21 -1.86 -0.86 -8.63
N ARG A 22 -2.59 -1.91 -8.85
CA ARG A 22 -4.06 -1.78 -9.09
C ARG A 22 -4.83 -2.44 -7.94
N VAL A 23 -6.01 -1.96 -7.63
CA VAL A 23 -6.77 -2.57 -6.50
C VAL A 23 -7.42 -3.90 -6.92
N SER A 24 -7.40 -4.88 -6.05
CA SER A 24 -8.00 -6.20 -6.39
C SER A 24 -9.09 -6.54 -5.37
N TYR A 25 -8.75 -6.56 -4.10
CA TYR A 25 -9.77 -6.89 -3.05
C TYR A 25 -9.72 -5.86 -1.92
N LYS A 26 -10.83 -5.59 -1.31
CA LYS A 26 -10.85 -4.59 -0.20
C LYS A 26 -10.75 -5.28 1.16
N GLY A 27 -9.91 -4.80 2.03
CA GLY A 27 -9.79 -5.42 3.38
C GLY A 27 -10.54 -4.55 4.40
N GLU A 28 -11.35 -3.62 3.95
CA GLU A 28 -12.12 -2.73 4.86
C GLU A 28 -11.24 -2.08 5.94
N ILE A 29 -11.82 -1.18 6.68
CA ILE A 29 -11.06 -0.47 7.76
C ILE A 29 -11.62 -0.91 9.13
N LYS A 30 -10.75 -1.25 10.04
CA LYS A 30 -11.22 -1.69 11.39
C LYS A 30 -10.33 -1.09 12.47
N THR A 31 -10.70 -1.22 13.71
CA THR A 31 -9.87 -0.62 14.80
C THR A 31 -8.82 -1.60 15.33
N TRP A 32 -7.82 -1.08 15.99
CA TRP A 32 -6.74 -1.92 16.56
C TRP A 32 -6.52 -1.54 18.03
N HIS A 33 -6.08 -2.47 18.84
CA HIS A 33 -5.85 -2.13 20.27
C HIS A 33 -4.43 -2.51 20.69
N ASN A 34 -3.73 -1.62 21.34
CA ASN A 34 -2.34 -1.92 21.78
C ASN A 34 -1.94 -1.01 22.94
N GLN A 35 -0.86 -1.33 23.61
CA GLN A 35 -0.43 -0.46 24.75
C GLN A 35 -0.17 0.96 24.26
N ARG A 36 0.26 1.11 23.04
CA ARG A 36 0.53 2.47 22.50
C ARG A 36 -0.78 3.27 22.37
N GLY A 37 -1.91 2.61 22.38
CA GLY A 37 -3.19 3.33 22.25
C GLY A 37 -4.12 2.56 21.32
N ASP A 38 -5.15 3.21 20.83
CA ASP A 38 -6.09 2.53 19.90
C ASP A 38 -6.57 3.50 18.83
N GLY A 39 -7.06 2.99 17.74
CA GLY A 39 -7.54 3.89 16.65
C GLY A 39 -8.09 3.04 15.49
N LYS A 40 -8.18 3.61 14.32
CA LYS A 40 -8.70 2.83 13.18
C LYS A 40 -7.57 2.39 12.25
N LEU A 41 -7.78 1.34 11.52
CA LEU A 41 -6.74 0.82 10.60
C LEU A 41 -7.37 0.34 9.29
N PHE A 42 -6.70 0.58 8.20
CA PHE A 42 -7.25 0.18 6.87
C PHE A 42 -6.32 -0.82 6.17
N ASN A 43 -6.85 -1.73 5.39
CA ASN A 43 -5.98 -2.72 4.68
C ASN A 43 -6.63 -3.14 3.35
N VAL A 44 -5.90 -3.09 2.27
CA VAL A 44 -6.48 -3.50 0.95
C VAL A 44 -5.46 -4.28 0.12
N ASN A 45 -5.92 -5.19 -0.69
CA ASN A 45 -4.98 -5.99 -1.53
C ASN A 45 -4.95 -5.43 -2.95
N PHE A 46 -3.79 -5.26 -3.51
CA PHE A 46 -3.69 -4.71 -4.89
C PHE A 46 -3.00 -5.71 -5.82
N LEU A 47 -3.41 -5.75 -7.06
CA LEU A 47 -2.78 -6.71 -8.02
C LEU A 47 -1.92 -5.95 -9.03
N ASP A 48 -0.76 -6.45 -9.33
CA ASP A 48 0.12 -5.77 -10.32
C ASP A 48 0.72 -6.79 -11.29
N THR A 49 0.98 -6.40 -12.50
CA THR A 49 1.56 -7.38 -13.47
C THR A 49 2.84 -7.99 -12.91
N SER A 50 3.66 -7.20 -12.28
CA SER A 50 4.92 -7.75 -11.70
C SER A 50 4.60 -8.83 -10.66
N GLY A 51 3.51 -8.66 -9.94
CA GLY A 51 3.14 -9.68 -8.91
C GLY A 51 1.94 -9.16 -8.11
N GLU A 52 1.63 -9.78 -7.01
CA GLU A 52 0.48 -9.31 -6.19
C GLU A 52 1.00 -8.62 -4.93
N ILE A 53 0.36 -7.55 -4.54
CA ILE A 53 0.83 -6.81 -3.34
C ILE A 53 -0.37 -6.33 -2.51
N ARG A 54 -0.13 -5.99 -1.28
CA ARG A 54 -1.25 -5.50 -0.40
C ARG A 54 -0.83 -4.21 0.31
N ALA A 55 -1.71 -3.24 0.37
CA ALA A 55 -1.36 -1.98 1.06
C ALA A 55 -2.14 -1.85 2.37
N THR A 56 -1.50 -1.36 3.39
CA THR A 56 -2.19 -1.20 4.70
C THR A 56 -1.97 0.21 5.25
N ALA A 57 -3.00 0.82 5.77
CA ALA A 57 -2.85 2.20 6.31
C ALA A 57 -3.40 2.30 7.74
N PHE A 58 -3.18 3.40 8.39
CA PHE A 58 -3.66 3.58 9.79
C PHE A 58 -5.01 4.30 9.83
N ASN A 59 -5.36 4.83 10.97
CA ASN A 59 -6.67 5.55 11.17
C ASN A 59 -6.86 6.71 10.15
N ASP A 60 -7.42 7.82 10.59
CA ASP A 60 -7.70 8.99 9.68
C ASP A 60 -6.67 9.14 8.54
N PHE A 61 -5.42 8.85 8.75
CA PHE A 61 -4.44 8.98 7.65
C PHE A 61 -4.90 8.15 6.46
N ALA A 62 -5.51 7.02 6.70
CA ALA A 62 -6.00 6.18 5.58
C ALA A 62 -7.26 6.81 4.96
N THR A 63 -8.06 7.47 5.75
CA THR A 63 -9.29 8.09 5.19
C THR A 63 -8.92 9.16 4.18
N LYS A 64 -7.89 9.90 4.46
CA LYS A 64 -7.45 10.96 3.52
C LYS A 64 -6.67 10.31 2.37
N PHE A 65 -6.06 9.19 2.61
CA PHE A 65 -5.29 8.50 1.54
C PHE A 65 -6.22 7.65 0.66
N ASN A 66 -7.18 7.00 1.26
CA ASN A 66 -8.10 6.14 0.46
C ASN A 66 -9.05 7.01 -0.33
N GLU A 67 -9.39 8.16 0.18
CA GLU A 67 -10.31 9.06 -0.55
C GLU A 67 -9.74 9.31 -1.95
N ILE A 68 -8.46 9.51 -2.05
CA ILE A 68 -7.82 9.72 -3.37
C ILE A 68 -7.75 8.38 -4.12
N LEU A 69 -7.64 7.31 -3.40
CA LEU A 69 -7.56 5.97 -4.05
C LEU A 69 -8.90 5.61 -4.68
N GLN A 70 -8.88 4.99 -5.82
CA GLN A 70 -10.15 4.63 -6.48
C GLN A 70 -10.34 3.12 -6.52
N GLU A 71 -11.19 2.66 -7.38
CA GLU A 71 -11.48 1.21 -7.47
C GLU A 71 -11.43 0.74 -8.92
N GLY A 72 -10.98 -0.46 -9.17
CA GLY A 72 -10.91 -0.95 -10.56
C GLY A 72 -9.92 -0.11 -11.36
N LYS A 73 -8.96 0.49 -10.70
CA LYS A 73 -7.97 1.33 -11.45
C LYS A 73 -6.56 1.09 -10.93
N VAL A 74 -5.58 1.63 -11.61
CA VAL A 74 -4.17 1.46 -11.21
C VAL A 74 -3.63 2.79 -10.65
N TYR A 75 -2.87 2.73 -9.59
CA TYR A 75 -2.31 3.99 -9.01
C TYR A 75 -1.02 3.73 -8.30
N TYR A 76 -0.50 4.70 -7.61
CA TYR A 76 0.77 4.48 -6.90
C TYR A 76 0.81 5.25 -5.58
N VAL A 77 1.56 4.76 -4.63
CA VAL A 77 1.65 5.44 -3.31
C VAL A 77 3.12 5.65 -2.93
N SER A 78 3.40 6.64 -2.12
CA SER A 78 4.81 6.88 -1.71
C SER A 78 4.88 7.45 -0.29
N LYS A 79 6.06 7.54 0.25
CA LYS A 79 6.24 8.08 1.63
C LYS A 79 5.53 7.17 2.65
N ALA A 80 5.87 5.92 2.62
CA ALA A 80 5.24 4.95 3.57
C ALA A 80 6.26 3.88 3.97
N LYS A 81 6.04 3.22 5.08
CA LYS A 81 7.01 2.17 5.51
C LYS A 81 6.77 0.87 4.73
N LEU A 82 7.82 0.28 4.22
CA LEU A 82 7.65 -0.98 3.44
C LEU A 82 8.26 -2.18 4.18
N GLN A 83 7.64 -3.33 4.05
CA GLN A 83 8.16 -4.54 4.73
C GLN A 83 7.81 -5.78 3.89
N PRO A 84 8.70 -6.74 3.86
CA PRO A 84 8.46 -7.98 3.09
C PRO A 84 7.49 -8.90 3.82
N ALA A 85 6.72 -9.67 3.11
CA ALA A 85 5.76 -10.60 3.76
C ALA A 85 6.42 -11.98 3.94
N LYS A 86 5.97 -12.74 4.90
CA LYS A 86 6.58 -14.08 5.12
C LYS A 86 6.22 -15.02 3.96
N PRO A 87 7.21 -15.74 3.48
CA PRO A 87 6.96 -16.68 2.35
C PRO A 87 6.28 -17.97 2.83
N GLN A 88 6.16 -18.16 4.12
CA GLN A 88 5.52 -19.41 4.62
C GLN A 88 4.09 -19.54 4.07
N PHE A 89 3.40 -18.46 3.92
CA PHE A 89 2.01 -18.54 3.38
C PHE A 89 2.03 -19.20 2.00
N THR A 90 3.05 -18.96 1.23
CA THR A 90 3.14 -19.57 -0.13
C THR A 90 1.85 -19.32 -0.91
N ASN A 91 1.14 -18.27 -0.60
CA ASN A 91 -0.12 -17.98 -1.34
C ASN A 91 0.17 -17.06 -2.52
N LEU A 92 0.64 -15.87 -2.27
CA LEU A 92 0.94 -14.94 -3.38
C LEU A 92 2.45 -14.88 -3.63
N THR A 93 2.86 -14.74 -4.86
CA THR A 93 4.32 -14.67 -5.17
C THR A 93 4.88 -13.30 -4.81
N HIS A 94 6.01 -13.27 -4.15
CA HIS A 94 6.63 -11.96 -3.77
C HIS A 94 5.61 -11.07 -3.06
N PRO A 95 5.07 -11.57 -1.97
CA PRO A 95 4.08 -10.81 -1.19
C PRO A 95 4.76 -9.65 -0.46
N TYR A 96 4.14 -8.50 -0.46
CA TYR A 96 4.74 -7.32 0.23
C TYR A 96 3.77 -6.75 1.26
N GLU A 97 4.21 -5.77 2.02
CA GLU A 97 3.33 -5.15 3.03
C GLU A 97 3.67 -3.66 3.12
N LEU A 98 2.69 -2.82 3.11
CA LEU A 98 2.97 -1.36 3.18
C LEU A 98 2.20 -0.73 4.34
N ASN A 99 2.85 0.08 5.14
CA ASN A 99 2.13 0.71 6.29
C ASN A 99 2.03 2.23 6.10
N LEU A 100 0.85 2.72 5.89
CA LEU A 100 0.65 4.19 5.71
C LEU A 100 0.19 4.80 7.03
N ASP A 101 0.73 5.93 7.40
CA ASP A 101 0.31 6.57 8.69
C ASP A 101 0.80 8.01 8.74
N ARG A 102 2.06 8.20 8.53
CA ARG A 102 2.63 9.58 8.56
C ARG A 102 2.21 10.33 7.31
N ASP A 103 3.04 11.22 6.81
CA ASP A 103 2.67 11.96 5.58
C ASP A 103 2.84 11.05 4.36
N THR A 104 1.74 10.59 3.81
CA THR A 104 1.84 9.70 2.62
C THR A 104 1.21 10.35 1.39
N VAL A 105 1.61 9.96 0.22
CA VAL A 105 1.04 10.56 -1.02
C VAL A 105 0.48 9.47 -1.94
N ILE A 106 -0.70 9.67 -2.44
CA ILE A 106 -1.30 8.65 -3.35
C ILE A 106 -1.94 9.33 -4.56
N GLU A 107 -1.87 8.73 -5.71
CA GLU A 107 -2.47 9.36 -6.90
C GLU A 107 -2.99 8.30 -7.88
N GLU A 108 -4.25 8.38 -8.24
CA GLU A 108 -4.83 7.38 -9.19
C GLU A 108 -4.56 7.82 -10.63
N CYS A 109 -4.27 6.89 -11.49
CA CYS A 109 -3.98 7.25 -12.91
C CYS A 109 -5.04 6.65 -13.84
N PHE A 110 -5.79 7.49 -14.51
CA PHE A 110 -6.85 6.97 -15.44
C PHE A 110 -6.21 6.14 -16.55
N ASP A 111 -5.13 6.61 -17.11
CA ASP A 111 -4.47 5.85 -18.21
C ASP A 111 -2.97 6.19 -18.26
N GLU A 112 -2.22 5.48 -19.07
CA GLU A 112 -0.77 5.76 -19.16
C GLU A 112 -0.53 7.21 -19.61
N SER A 113 0.49 7.84 -19.10
CA SER A 113 0.77 9.25 -19.49
C SER A 113 2.13 9.35 -20.18
N ASN A 114 2.26 10.19 -21.17
CA ASN A 114 3.56 10.33 -21.87
C ASN A 114 4.67 10.69 -20.88
N THR A 1 12.77 10.59 -4.22
CA THR A 1 11.60 9.74 -4.60
C THR A 1 11.99 8.78 -5.73
N ARG A 2 12.22 7.54 -5.41
CA ARG A 2 12.61 6.56 -6.47
C ARG A 2 11.45 6.37 -7.46
N PRO A 3 11.80 6.17 -8.71
CA PRO A 3 10.77 5.98 -9.76
C PRO A 3 10.01 4.66 -9.56
N ILE A 4 9.02 4.39 -10.37
CA ILE A 4 8.25 3.13 -10.21
C ILE A 4 9.12 1.90 -10.44
N PHE A 5 9.15 1.01 -9.49
CA PHE A 5 9.97 -0.23 -9.63
C PHE A 5 9.09 -1.48 -9.48
N ALA A 6 9.57 -2.60 -9.93
CA ALA A 6 8.78 -3.85 -9.81
C ALA A 6 8.46 -4.11 -8.34
N ILE A 7 7.39 -4.82 -8.06
CA ILE A 7 7.03 -5.10 -6.64
C ILE A 7 8.21 -5.76 -5.92
N GLU A 8 8.88 -6.67 -6.57
CA GLU A 8 10.04 -7.35 -5.93
C GLU A 8 11.20 -6.37 -5.67
N GLN A 9 11.24 -5.28 -6.37
CA GLN A 9 12.35 -4.30 -6.17
C GLN A 9 12.10 -3.41 -4.95
N LEU A 10 11.04 -3.63 -4.21
CA LEU A 10 10.76 -2.78 -3.02
C LEU A 10 11.86 -2.97 -1.97
N SER A 11 12.16 -1.94 -1.23
CA SER A 11 13.23 -2.06 -0.18
C SER A 11 12.70 -1.58 1.18
N PRO A 12 13.08 -2.27 2.22
CA PRO A 12 12.65 -1.88 3.58
C PRO A 12 13.46 -0.67 4.06
N TYR A 13 14.74 -0.67 3.81
CA TYR A 13 15.59 0.48 4.24
C TYR A 13 15.13 1.77 3.58
N GLN A 14 14.76 1.72 2.33
CA GLN A 14 14.31 2.95 1.63
C GLN A 14 12.89 3.30 2.05
N ASN A 15 12.71 4.39 2.75
CA ASN A 15 11.34 4.77 3.20
C ASN A 15 10.64 5.66 2.15
N VAL A 16 11.24 5.88 1.02
CA VAL A 16 10.57 6.73 0.00
C VAL A 16 10.82 6.16 -1.41
N TRP A 17 9.83 5.53 -1.98
CA TRP A 17 9.99 4.97 -3.35
C TRP A 17 8.66 5.04 -4.08
N THR A 18 8.62 4.66 -5.32
CA THR A 18 7.33 4.70 -6.07
C THR A 18 7.01 3.31 -6.63
N ILE A 19 5.77 2.92 -6.60
CA ILE A 19 5.39 1.58 -7.13
C ILE A 19 3.95 1.64 -7.67
N LYS A 20 3.66 0.87 -8.68
CA LYS A 20 2.27 0.90 -9.23
C LYS A 20 1.66 -0.51 -9.24
N ALA A 21 0.37 -0.61 -9.03
CA ALA A 21 -0.28 -1.96 -9.02
C ALA A 21 -1.80 -1.81 -9.16
N ARG A 22 -2.49 -2.90 -9.40
CA ARG A 22 -3.97 -2.84 -9.54
C ARG A 22 -4.63 -3.54 -8.35
N VAL A 23 -5.77 -3.06 -7.94
CA VAL A 23 -6.45 -3.70 -6.76
C VAL A 23 -6.77 -5.17 -7.04
N SER A 24 -6.53 -6.03 -6.09
CA SER A 24 -6.82 -7.48 -6.29
C SER A 24 -7.89 -7.94 -5.29
N TYR A 25 -7.64 -7.77 -4.02
CA TYR A 25 -8.64 -8.19 -3.01
C TYR A 25 -8.80 -7.09 -1.95
N LYS A 26 -9.98 -6.94 -1.40
CA LYS A 26 -10.20 -5.88 -0.37
C LYS A 26 -10.10 -6.45 1.05
N GLY A 27 -9.39 -5.80 1.92
CA GLY A 27 -9.27 -6.29 3.32
C GLY A 27 -10.14 -5.42 4.23
N GLU A 28 -10.99 -4.59 3.68
CA GLU A 28 -11.89 -3.71 4.48
C GLU A 28 -11.11 -2.87 5.52
N ILE A 29 -11.77 -1.93 6.13
CA ILE A 29 -11.13 -1.06 7.15
C ILE A 29 -11.68 -1.44 8.53
N LYS A 30 -10.83 -1.51 9.51
CA LYS A 30 -11.30 -1.87 10.89
C LYS A 30 -10.60 -0.98 11.90
N THR A 31 -11.00 -1.03 13.13
CA THR A 31 -10.35 -0.15 14.15
C THR A 31 -9.39 -0.94 15.03
N TRP A 32 -8.49 -0.24 15.67
CA TRP A 32 -7.50 -0.91 16.58
C TRP A 32 -7.48 -0.20 17.93
N HIS A 33 -7.10 -0.88 18.97
CA HIS A 33 -7.05 -0.23 20.31
C HIS A 33 -5.73 -0.52 21.01
N ASN A 34 -5.00 0.50 21.36
CA ASN A 34 -3.69 0.28 22.05
C ASN A 34 -3.36 1.47 22.97
N GLN A 35 -2.37 1.33 23.80
CA GLN A 35 -2.00 2.46 24.71
C GLN A 35 -1.65 3.71 23.90
N ARG A 36 -1.14 3.54 22.72
CA ARG A 36 -0.77 4.73 21.90
C ARG A 36 -2.04 5.52 21.50
N GLY A 37 -3.19 4.92 21.59
CA GLY A 37 -4.43 5.63 21.21
C GLY A 37 -5.37 4.69 20.44
N ASP A 38 -6.43 5.22 19.91
CA ASP A 38 -7.37 4.36 19.14
C ASP A 38 -7.73 5.04 17.82
N GLY A 39 -7.77 4.31 16.75
CA GLY A 39 -8.10 4.95 15.44
C GLY A 39 -8.59 3.87 14.47
N LYS A 40 -8.60 4.19 13.20
CA LYS A 40 -9.07 3.19 12.20
C LYS A 40 -7.88 2.57 11.45
N LEU A 41 -8.11 1.47 10.81
CA LEU A 41 -7.03 0.78 10.06
C LEU A 41 -7.57 0.20 8.75
N PHE A 42 -6.90 0.48 7.67
CA PHE A 42 -7.36 -0.01 6.33
C PHE A 42 -6.36 -1.04 5.78
N ASN A 43 -6.84 -2.08 5.15
CA ASN A 43 -5.91 -3.11 4.58
C ASN A 43 -6.45 -3.66 3.26
N VAL A 44 -5.68 -3.60 2.21
CA VAL A 44 -6.15 -4.14 0.89
C VAL A 44 -5.01 -4.81 0.13
N ASN A 45 -5.32 -5.82 -0.64
CA ASN A 45 -4.26 -6.52 -1.42
C ASN A 45 -4.28 -6.07 -2.88
N PHE A 46 -3.16 -5.69 -3.43
CA PHE A 46 -3.14 -5.24 -4.85
C PHE A 46 -2.28 -6.18 -5.71
N LEU A 47 -2.70 -6.45 -6.91
CA LEU A 47 -1.91 -7.35 -7.78
C LEU A 47 -1.24 -6.54 -8.91
N ASP A 48 -0.04 -6.88 -9.26
CA ASP A 48 0.67 -6.16 -10.34
C ASP A 48 1.37 -7.15 -11.27
N THR A 49 1.52 -6.81 -12.52
CA THR A 49 2.20 -7.74 -13.47
C THR A 49 3.58 -8.12 -12.94
N SER A 50 4.29 -7.16 -12.40
CA SER A 50 5.64 -7.46 -11.86
C SER A 50 5.55 -8.49 -10.73
N GLY A 51 4.50 -8.41 -9.94
CA GLY A 51 4.34 -9.38 -8.82
C GLY A 51 3.09 -9.02 -8.02
N GLU A 52 2.90 -9.61 -6.88
CA GLU A 52 1.72 -9.30 -6.05
C GLU A 52 2.14 -8.46 -4.84
N ILE A 53 1.33 -7.51 -4.46
CA ILE A 53 1.69 -6.64 -3.31
C ILE A 53 0.44 -6.37 -2.46
N ARG A 54 0.64 -5.93 -1.25
CA ARG A 54 -0.53 -5.63 -0.38
C ARG A 54 -0.34 -4.27 0.30
N ALA A 55 -1.34 -3.44 0.31
CA ALA A 55 -1.19 -2.12 0.96
C ALA A 55 -2.03 -2.05 2.23
N THR A 56 -1.49 -1.50 3.29
CA THR A 56 -2.27 -1.38 4.55
C THR A 56 -2.07 0.03 5.10
N ALA A 57 -3.14 0.67 5.51
CA ALA A 57 -3.01 2.06 6.05
C ALA A 57 -3.64 2.19 7.44
N PHE A 58 -3.26 3.22 8.14
CA PHE A 58 -3.79 3.44 9.53
C PHE A 58 -5.02 4.36 9.51
N ASN A 59 -5.34 4.94 10.65
CA ASN A 59 -6.53 5.85 10.82
C ASN A 59 -6.61 6.96 9.74
N ASP A 60 -6.99 8.17 10.12
CA ASP A 60 -7.16 9.31 9.14
C ASP A 60 -6.17 9.24 7.95
N PHE A 61 -4.97 8.79 8.16
CA PHE A 61 -4.02 8.70 7.02
C PHE A 61 -4.66 7.86 5.90
N ALA A 62 -5.36 6.82 6.25
CA ALA A 62 -6.03 6.00 5.20
C ALA A 62 -7.24 6.73 4.62
N THR A 63 -7.87 7.57 5.40
CA THR A 63 -9.06 8.31 4.88
C THR A 63 -8.63 9.21 3.72
N LYS A 64 -7.50 9.86 3.86
CA LYS A 64 -7.00 10.74 2.80
C LYS A 64 -6.38 9.89 1.69
N PHE A 65 -5.89 8.72 2.03
CA PHE A 65 -5.27 7.84 1.01
C PHE A 65 -6.33 7.04 0.26
N ASN A 66 -7.33 6.56 0.93
CA ASN A 66 -8.37 5.74 0.27
C ASN A 66 -9.27 6.63 -0.57
N GLU A 67 -9.52 7.82 -0.12
CA GLU A 67 -10.39 8.72 -0.91
C GLU A 67 -9.79 8.90 -2.30
N ILE A 68 -8.49 9.05 -2.38
CA ILE A 68 -7.83 9.21 -3.70
C ILE A 68 -7.68 7.84 -4.38
N LEU A 69 -7.58 6.79 -3.60
CA LEU A 69 -7.43 5.43 -4.19
C LEU A 69 -8.80 4.84 -4.53
N GLN A 70 -8.92 4.16 -5.63
CA GLN A 70 -10.21 3.58 -6.02
C GLN A 70 -10.15 2.06 -6.14
N GLU A 71 -11.10 1.51 -6.82
CA GLU A 71 -11.16 0.04 -6.96
C GLU A 71 -11.31 -0.34 -8.44
N GLY A 72 -11.12 -1.59 -8.76
CA GLY A 72 -11.23 -2.02 -10.19
C GLY A 72 -10.33 -1.15 -11.07
N LYS A 73 -9.28 -0.59 -10.51
CA LYS A 73 -8.38 0.27 -11.33
C LYS A 73 -6.92 0.13 -10.89
N VAL A 74 -6.03 0.75 -11.61
CA VAL A 74 -4.58 0.68 -11.27
C VAL A 74 -4.12 2.03 -10.68
N TYR A 75 -3.20 1.99 -9.76
CA TYR A 75 -2.73 3.26 -9.14
C TYR A 75 -1.26 3.19 -8.75
N TYR A 76 -0.78 4.22 -8.13
CA TYR A 76 0.64 4.25 -7.73
C TYR A 76 0.79 4.65 -6.26
N VAL A 77 1.78 4.14 -5.59
CA VAL A 77 1.98 4.48 -4.15
C VAL A 77 3.35 5.10 -3.93
N SER A 78 3.45 6.10 -3.09
CA SER A 78 4.78 6.74 -2.85
C SER A 78 4.91 7.17 -1.38
N LYS A 79 6.12 7.17 -0.87
CA LYS A 79 6.35 7.58 0.55
C LYS A 79 5.62 6.67 1.52
N ALA A 80 6.02 5.43 1.58
CA ALA A 80 5.36 4.47 2.51
C ALA A 80 6.40 3.50 3.08
N LYS A 81 6.10 2.90 4.21
CA LYS A 81 7.07 1.94 4.82
C LYS A 81 6.95 0.57 4.14
N LEU A 82 8.05 -0.02 3.77
CA LEU A 82 7.99 -1.34 3.09
C LEU A 82 8.41 -2.46 4.05
N GLN A 83 7.57 -3.46 4.20
CA GLN A 83 7.91 -4.59 5.11
C GLN A 83 7.69 -5.93 4.38
N PRO A 84 8.65 -6.81 4.48
CA PRO A 84 8.53 -8.13 3.80
C PRO A 84 7.53 -9.03 4.53
N ALA A 85 6.77 -9.79 3.80
CA ALA A 85 5.77 -10.69 4.43
C ALA A 85 6.24 -12.15 4.30
N LYS A 86 5.82 -13.00 5.21
CA LYS A 86 6.26 -14.43 5.13
C LYS A 86 5.60 -15.11 3.92
N PRO A 87 6.33 -15.98 3.28
CA PRO A 87 5.79 -16.70 2.10
C PRO A 87 4.76 -17.74 2.50
N GLN A 88 5.12 -18.62 3.41
CA GLN A 88 4.16 -19.68 3.84
C GLN A 88 2.92 -19.04 4.47
N PHE A 89 3.09 -17.92 5.12
CA PHE A 89 1.93 -17.25 5.77
C PHE A 89 0.82 -16.97 4.72
N THR A 90 1.19 -16.59 3.54
CA THR A 90 0.16 -16.31 2.50
C THR A 90 0.34 -17.22 1.28
N ASN A 91 -0.73 -17.68 0.71
CA ASN A 91 -0.63 -18.58 -0.48
C ASN A 91 0.19 -17.91 -1.57
N LEU A 92 0.15 -16.61 -1.64
CA LEU A 92 0.92 -15.89 -2.69
C LEU A 92 2.43 -15.94 -2.38
N THR A 93 3.25 -16.03 -3.39
CA THR A 93 4.71 -16.07 -3.15
C THR A 93 5.27 -14.65 -3.07
N HIS A 94 6.35 -14.47 -2.35
CA HIS A 94 6.95 -13.11 -2.21
C HIS A 94 5.89 -12.07 -1.84
N PRO A 95 5.18 -12.34 -0.76
CA PRO A 95 4.12 -11.40 -0.31
C PRO A 95 4.76 -10.15 0.29
N TYR A 96 4.13 -9.02 0.12
CA TYR A 96 4.71 -7.76 0.68
C TYR A 96 3.68 -7.04 1.56
N GLU A 97 4.15 -6.31 2.55
CA GLU A 97 3.21 -5.57 3.44
C GLU A 97 3.53 -4.08 3.39
N LEU A 98 2.53 -3.24 3.36
CA LEU A 98 2.80 -1.78 3.31
C LEU A 98 2.16 -1.08 4.51
N ASN A 99 2.92 -0.31 5.24
CA ASN A 99 2.33 0.38 6.43
C ASN A 99 2.20 1.88 6.16
N LEU A 100 1.00 2.41 6.19
CA LEU A 100 0.81 3.86 5.96
C LEU A 100 0.49 4.57 7.28
N ASP A 101 1.14 5.68 7.54
CA ASP A 101 0.87 6.41 8.82
C ASP A 101 1.34 7.86 8.70
N ARG A 102 2.54 8.06 8.23
CA ARG A 102 3.06 9.43 8.08
C ARG A 102 2.48 10.08 6.84
N ASP A 103 3.19 10.99 6.23
CA ASP A 103 2.66 11.65 5.01
C ASP A 103 2.98 10.80 3.78
N THR A 104 2.00 10.12 3.26
CA THR A 104 2.24 9.26 2.06
C THR A 104 1.53 9.84 0.85
N VAL A 105 1.98 9.52 -0.33
CA VAL A 105 1.31 10.05 -1.55
C VAL A 105 0.82 8.89 -2.42
N ILE A 106 -0.45 8.66 -2.45
CA ILE A 106 -1.00 7.55 -3.27
C ILE A 106 -2.19 8.05 -4.09
N GLU A 107 -2.25 7.72 -5.35
CA GLU A 107 -3.40 8.21 -6.18
C GLU A 107 -3.68 7.28 -7.36
N GLU A 108 -4.93 7.16 -7.74
CA GLU A 108 -5.28 6.29 -8.91
C GLU A 108 -4.55 6.80 -10.16
N CYS A 109 -4.29 5.93 -11.09
CA CYS A 109 -3.56 6.34 -12.33
C CYS A 109 -4.21 7.58 -12.95
N PHE A 110 -3.69 8.75 -12.67
CA PHE A 110 -4.28 9.98 -13.25
C PHE A 110 -3.21 10.75 -14.02
N ASP A 111 -3.59 11.56 -14.96
CA ASP A 111 -2.60 12.34 -15.75
C ASP A 111 -2.10 13.54 -14.93
N GLU A 112 -0.84 13.57 -14.62
CA GLU A 112 -0.30 14.72 -13.83
C GLU A 112 -0.55 16.04 -14.57
N SER A 113 -0.53 16.02 -15.87
CA SER A 113 -0.77 17.28 -16.64
C SER A 113 -2.23 17.72 -16.47
N ASN A 114 -2.51 18.97 -16.74
CA ASN A 114 -3.91 19.46 -16.60
C ASN A 114 -4.32 20.27 -17.83
N THR A 1 16.26 8.91 -7.58
CA THR A 1 14.78 8.80 -7.35
C THR A 1 14.36 7.33 -7.36
N ARG A 2 13.14 7.06 -7.00
CA ARG A 2 12.67 5.64 -6.98
C ARG A 2 11.39 5.50 -7.84
N PRO A 3 11.61 5.31 -9.12
CA PRO A 3 10.47 5.16 -10.07
C PRO A 3 9.71 3.86 -9.79
N ILE A 4 8.82 3.48 -10.68
CA ILE A 4 8.03 2.23 -10.45
C ILE A 4 8.89 0.99 -10.64
N PHE A 5 8.92 0.14 -9.65
CA PHE A 5 9.73 -1.12 -9.76
C PHE A 5 8.83 -2.33 -9.53
N ALA A 6 9.27 -3.49 -9.94
CA ALA A 6 8.46 -4.72 -9.73
C ALA A 6 8.12 -4.87 -8.25
N ILE A 7 7.05 -5.55 -7.94
CA ILE A 7 6.66 -5.73 -6.50
C ILE A 7 7.82 -6.35 -5.71
N GLU A 8 8.59 -7.21 -6.31
CA GLU A 8 9.73 -7.84 -5.58
C GLU A 8 10.99 -6.97 -5.63
N GLN A 9 10.89 -5.74 -6.07
CA GLN A 9 12.10 -4.87 -6.11
C GLN A 9 12.02 -3.76 -5.05
N LEU A 10 11.06 -3.84 -4.17
CA LEU A 10 10.92 -2.80 -3.13
C LEU A 10 11.91 -3.03 -1.99
N SER A 11 12.34 -1.99 -1.36
CA SER A 11 13.33 -2.14 -0.23
C SER A 11 12.66 -1.77 1.09
N PRO A 12 13.02 -2.47 2.13
CA PRO A 12 12.46 -2.18 3.47
C PRO A 12 13.03 -0.86 4.00
N TYR A 13 14.28 -0.62 3.77
CA TYR A 13 14.91 0.65 4.24
C TYR A 13 14.38 1.85 3.47
N GLN A 14 14.15 1.72 2.19
CA GLN A 14 13.65 2.88 1.40
C GLN A 14 12.28 3.33 1.91
N ASN A 15 12.26 4.40 2.66
CA ASN A 15 10.96 4.91 3.20
C ASN A 15 10.08 5.42 2.06
N VAL A 16 10.67 5.98 1.05
CA VAL A 16 9.86 6.52 -0.08
C VAL A 16 10.20 5.81 -1.40
N TRP A 17 9.19 5.39 -2.12
CA TRP A 17 9.42 4.70 -3.43
C TRP A 17 8.18 4.83 -4.30
N THR A 18 8.16 4.19 -5.43
CA THR A 18 6.97 4.26 -6.31
C THR A 18 6.61 2.85 -6.79
N ILE A 19 5.37 2.46 -6.67
CA ILE A 19 4.99 1.10 -7.13
C ILE A 19 3.56 1.10 -7.65
N LYS A 20 3.30 0.46 -8.76
CA LYS A 20 1.92 0.48 -9.33
C LYS A 20 1.22 -0.89 -9.19
N ALA A 21 -0.08 -0.86 -9.01
CA ALA A 21 -0.84 -2.15 -8.86
C ALA A 21 -2.35 -1.87 -9.02
N ARG A 22 -3.14 -2.91 -9.22
CA ARG A 22 -4.61 -2.72 -9.38
C ARG A 22 -5.36 -3.38 -8.22
N VAL A 23 -6.43 -2.76 -7.77
CA VAL A 23 -7.19 -3.34 -6.61
C VAL A 23 -7.72 -4.73 -6.92
N SER A 24 -7.60 -5.64 -5.99
CA SER A 24 -8.10 -7.02 -6.22
C SER A 24 -9.05 -7.43 -5.08
N TYR A 25 -8.66 -7.17 -3.85
CA TYR A 25 -9.54 -7.55 -2.70
C TYR A 25 -9.71 -6.36 -1.76
N LYS A 26 -10.82 -6.30 -1.07
CA LYS A 26 -11.08 -5.16 -0.13
C LYS A 26 -11.01 -5.61 1.33
N GLY A 27 -10.34 -4.84 2.15
CA GLY A 27 -10.26 -5.18 3.60
C GLY A 27 -11.07 -4.15 4.40
N GLU A 28 -11.47 -3.07 3.76
CA GLU A 28 -12.28 -2.02 4.42
C GLU A 28 -11.50 -1.34 5.55
N ILE A 29 -12.22 -0.82 6.52
CA ILE A 29 -11.57 -0.10 7.64
C ILE A 29 -11.91 -0.74 8.99
N LYS A 30 -10.95 -1.31 9.66
CA LYS A 30 -11.20 -1.94 10.99
C LYS A 30 -10.41 -1.20 12.07
N THR A 31 -10.65 -1.46 13.32
CA THR A 31 -9.90 -0.73 14.38
C THR A 31 -9.01 -1.67 15.19
N TRP A 32 -8.03 -1.12 15.86
CA TRP A 32 -7.11 -1.95 16.69
C TRP A 32 -7.12 -1.41 18.13
N HIS A 33 -7.12 -2.29 19.10
CA HIS A 33 -7.14 -1.84 20.52
C HIS A 33 -5.94 -2.40 21.28
N ASN A 34 -5.10 -1.53 21.81
CA ASN A 34 -3.91 -2.01 22.57
C ASN A 34 -3.51 -0.99 23.63
N GLN A 35 -2.68 -1.38 24.55
CA GLN A 35 -2.24 -0.43 25.62
C GLN A 35 -1.59 0.80 24.98
N ARG A 36 -0.95 0.63 23.86
CA ARG A 36 -0.28 1.77 23.18
C ARG A 36 -1.30 2.81 22.71
N GLY A 37 -2.55 2.44 22.61
CA GLY A 37 -3.57 3.43 22.17
C GLY A 37 -4.64 2.72 21.33
N ASP A 38 -5.55 3.47 20.77
CA ASP A 38 -6.62 2.85 19.93
C ASP A 38 -6.88 3.73 18.70
N GLY A 39 -7.13 3.13 17.57
CA GLY A 39 -7.38 3.95 16.34
C GLY A 39 -8.03 3.08 15.27
N LYS A 40 -8.22 3.62 14.11
CA LYS A 40 -8.84 2.85 13.00
C LYS A 40 -7.76 2.48 11.96
N LEU A 41 -8.01 1.46 11.18
CA LEU A 41 -7.00 1.04 10.17
C LEU A 41 -7.69 0.38 8.96
N PHE A 42 -7.24 0.71 7.77
CA PHE A 42 -7.86 0.10 6.56
C PHE A 42 -6.84 -0.80 5.83
N ASN A 43 -7.30 -1.89 5.25
CA ASN A 43 -6.36 -2.80 4.54
C ASN A 43 -6.93 -3.21 3.17
N VAL A 44 -6.08 -3.29 2.17
CA VAL A 44 -6.55 -3.70 0.81
C VAL A 44 -5.44 -4.44 0.06
N ASN A 45 -5.80 -5.30 -0.86
CA ASN A 45 -4.76 -6.04 -1.62
C ASN A 45 -4.76 -5.61 -3.10
N PHE A 46 -3.62 -5.25 -3.63
CA PHE A 46 -3.55 -4.84 -5.06
C PHE A 46 -2.78 -5.88 -5.88
N LEU A 47 -3.21 -6.16 -7.08
CA LEU A 47 -2.50 -7.17 -7.91
C LEU A 47 -1.72 -6.46 -9.04
N ASP A 48 -0.55 -6.94 -9.35
CA ASP A 48 0.25 -6.32 -10.43
C ASP A 48 0.92 -7.40 -11.29
N THR A 49 1.06 -7.16 -12.56
CA THR A 49 1.70 -8.20 -13.43
C THR A 49 3.09 -8.55 -12.89
N SER A 50 3.83 -7.58 -12.45
CA SER A 50 5.18 -7.85 -11.90
C SER A 50 5.09 -8.79 -10.69
N GLY A 51 4.08 -8.64 -9.88
CA GLY A 51 3.93 -9.51 -8.69
C GLY A 51 2.68 -9.12 -7.91
N GLU A 52 2.52 -9.62 -6.72
CA GLU A 52 1.32 -9.27 -5.90
C GLU A 52 1.72 -8.32 -4.78
N ILE A 53 0.91 -7.34 -4.51
CA ILE A 53 1.23 -6.37 -3.43
C ILE A 53 -0.02 -6.06 -2.61
N ARG A 54 0.15 -5.57 -1.43
CA ARG A 54 -1.04 -5.25 -0.58
C ARG A 54 -0.82 -3.91 0.12
N ALA A 55 -1.76 -3.01 0.01
CA ALA A 55 -1.57 -1.69 0.69
C ALA A 55 -2.46 -1.60 1.93
N THR A 56 -1.95 -1.07 3.00
CA THR A 56 -2.78 -0.95 4.23
C THR A 56 -2.64 0.46 4.80
N ALA A 57 -3.73 1.09 5.14
CA ALA A 57 -3.64 2.48 5.70
C ALA A 57 -4.11 2.53 7.17
N PHE A 58 -3.64 3.52 7.89
CA PHE A 58 -4.02 3.66 9.34
C PHE A 58 -5.35 4.41 9.51
N ASN A 59 -5.58 4.94 10.68
CA ASN A 59 -6.85 5.67 10.99
C ASN A 59 -7.10 6.84 10.00
N ASP A 60 -7.58 7.98 10.48
CA ASP A 60 -7.89 9.16 9.59
C ASP A 60 -6.93 9.28 8.39
N PHE A 61 -5.68 8.93 8.55
CA PHE A 61 -4.75 9.03 7.40
C PHE A 61 -5.31 8.23 6.23
N ALA A 62 -5.97 7.14 6.51
CA ALA A 62 -6.57 6.34 5.41
C ALA A 62 -7.79 7.04 4.85
N THR A 63 -8.47 7.82 5.64
CA THR A 63 -9.66 8.54 5.12
C THR A 63 -9.24 9.50 4.01
N LYS A 64 -8.15 10.18 4.22
CA LYS A 64 -7.63 11.12 3.21
C LYS A 64 -6.95 10.32 2.09
N PHE A 65 -6.44 9.16 2.40
CA PHE A 65 -5.75 8.33 1.38
C PHE A 65 -6.76 7.54 0.54
N ASN A 66 -7.76 6.99 1.16
CA ASN A 66 -8.75 6.18 0.41
C ASN A 66 -9.64 7.07 -0.43
N GLU A 67 -9.92 8.25 0.06
CA GLU A 67 -10.79 9.17 -0.72
C GLU A 67 -10.18 9.39 -2.10
N ILE A 68 -8.89 9.55 -2.17
CA ILE A 68 -8.23 9.76 -3.49
C ILE A 68 -8.14 8.44 -4.24
N LEU A 69 -7.94 7.36 -3.53
CA LEU A 69 -7.83 6.03 -4.19
C LEU A 69 -9.20 5.58 -4.71
N GLN A 70 -9.21 4.67 -5.64
CA GLN A 70 -10.50 4.18 -6.18
C GLN A 70 -10.80 2.79 -5.64
N GLU A 71 -11.69 2.09 -6.28
CA GLU A 71 -12.05 0.73 -5.79
C GLU A 71 -12.09 -0.28 -6.94
N GLY A 72 -11.69 0.13 -8.13
CA GLY A 72 -11.72 -0.80 -9.29
C GLY A 72 -10.83 -0.24 -10.40
N LYS A 73 -9.62 0.12 -10.08
CA LYS A 73 -8.71 0.69 -11.11
C LYS A 73 -7.25 0.33 -10.81
N VAL A 74 -6.36 0.74 -11.66
CA VAL A 74 -4.92 0.47 -11.44
C VAL A 74 -4.20 1.78 -11.13
N TYR A 75 -3.27 1.76 -10.22
CA TYR A 75 -2.56 3.01 -9.88
C TYR A 75 -1.28 2.73 -9.12
N TYR A 76 -0.73 3.72 -8.47
CA TYR A 76 0.53 3.50 -7.72
C TYR A 76 0.60 4.38 -6.48
N VAL A 77 1.44 4.03 -5.54
CA VAL A 77 1.58 4.85 -4.29
C VAL A 77 3.05 5.11 -3.99
N SER A 78 3.33 6.07 -3.16
CA SER A 78 4.75 6.37 -2.82
C SER A 78 4.83 7.01 -1.43
N LYS A 79 6.03 7.21 -0.94
CA LYS A 79 6.23 7.82 0.41
C LYS A 79 5.52 6.98 1.49
N ALA A 80 5.56 5.68 1.36
CA ALA A 80 4.90 4.81 2.38
C ALA A 80 5.94 3.86 2.99
N LYS A 81 5.65 3.30 4.14
CA LYS A 81 6.63 2.37 4.78
C LYS A 81 6.65 1.03 4.04
N LEU A 82 7.82 0.53 3.75
CA LEU A 82 7.94 -0.76 3.02
C LEU A 82 8.15 -1.91 4.01
N GLN A 83 7.32 -2.92 3.96
CA GLN A 83 7.49 -4.06 4.91
C GLN A 83 7.34 -5.39 4.18
N PRO A 84 8.41 -5.87 3.65
CA PRO A 84 8.38 -7.15 2.91
C PRO A 84 8.09 -8.31 3.86
N ALA A 85 6.94 -8.91 3.74
CA ALA A 85 6.58 -10.04 4.62
C ALA A 85 7.43 -11.27 4.29
N LYS A 86 7.61 -12.16 5.23
CA LYS A 86 8.43 -13.38 4.95
C LYS A 86 7.68 -14.28 3.98
N PRO A 87 8.41 -15.03 3.19
CA PRO A 87 7.79 -15.93 2.20
C PRO A 87 7.06 -17.10 2.90
N GLN A 88 7.70 -17.72 3.85
CA GLN A 88 7.05 -18.86 4.55
C GLN A 88 5.82 -18.36 5.32
N PHE A 89 5.88 -17.17 5.84
CA PHE A 89 4.73 -16.62 6.62
C PHE A 89 3.47 -16.58 5.75
N THR A 90 3.59 -16.20 4.50
CA THR A 90 2.38 -16.12 3.63
C THR A 90 2.49 -17.12 2.47
N ASN A 91 1.40 -17.72 2.11
CA ASN A 91 1.42 -18.70 0.98
C ASN A 91 1.97 -18.05 -0.28
N LEU A 92 1.76 -16.77 -0.45
CA LEU A 92 2.28 -16.08 -1.67
C LEU A 92 3.79 -15.92 -1.59
N THR A 93 4.47 -15.99 -2.69
CA THR A 93 5.96 -15.84 -2.68
C THR A 93 6.35 -14.36 -2.63
N HIS A 94 7.34 -14.03 -1.85
CA HIS A 94 7.79 -12.61 -1.75
C HIS A 94 6.60 -11.71 -1.38
N PRO A 95 5.97 -12.02 -0.28
CA PRO A 95 4.82 -11.21 0.19
C PRO A 95 5.29 -9.84 0.67
N TYR A 96 4.54 -8.82 0.38
CA TYR A 96 4.94 -7.45 0.81
C TYR A 96 3.81 -6.78 1.60
N GLU A 97 4.15 -6.02 2.61
CA GLU A 97 3.12 -5.33 3.41
C GLU A 97 3.37 -3.82 3.37
N LEU A 98 2.34 -3.04 3.19
CA LEU A 98 2.54 -1.56 3.10
C LEU A 98 1.86 -0.86 4.28
N ASN A 99 2.58 -0.01 4.98
CA ASN A 99 1.94 0.69 6.13
C ASN A 99 1.90 2.21 5.88
N LEU A 100 0.72 2.75 5.67
CA LEU A 100 0.59 4.22 5.44
C LEU A 100 0.13 4.91 6.73
N ASP A 101 0.73 6.02 7.08
CA ASP A 101 0.33 6.72 8.33
C ASP A 101 0.86 8.14 8.35
N ARG A 102 2.14 8.29 8.13
CA ARG A 102 2.74 9.66 8.14
C ARG A 102 2.44 10.35 6.80
N ASP A 103 3.36 11.12 6.28
CA ASP A 103 3.09 11.81 4.99
C ASP A 103 3.27 10.83 3.83
N THR A 104 2.19 10.44 3.22
CA THR A 104 2.28 9.48 2.08
C THR A 104 1.68 10.11 0.82
N VAL A 105 2.05 9.61 -0.33
CA VAL A 105 1.51 10.16 -1.60
C VAL A 105 0.95 9.04 -2.47
N ILE A 106 -0.27 9.17 -2.92
CA ILE A 106 -0.90 8.12 -3.77
C ILE A 106 -1.60 8.77 -4.94
N GLU A 107 -1.65 8.12 -6.06
CA GLU A 107 -2.34 8.72 -7.23
C GLU A 107 -3.00 7.63 -8.07
N GLU A 108 -4.29 7.77 -8.30
CA GLU A 108 -5.04 6.77 -9.12
C GLU A 108 -4.59 6.86 -10.59
N CYS A 109 -4.88 5.87 -11.41
CA CYS A 109 -4.45 5.90 -12.85
C CYS A 109 -4.63 7.29 -13.46
N PHE A 110 -3.58 8.07 -13.50
CA PHE A 110 -3.66 9.43 -14.09
C PHE A 110 -2.33 9.82 -14.73
N ASP A 111 -2.30 10.86 -15.51
CA ASP A 111 -1.03 11.27 -16.17
C ASP A 111 -0.11 11.95 -15.13
N GLU A 112 1.05 11.40 -14.93
CA GLU A 112 1.99 12.00 -13.94
C GLU A 112 2.28 13.46 -14.29
N SER A 113 2.30 13.78 -15.56
CA SER A 113 2.57 15.19 -15.97
C SER A 113 1.40 16.09 -15.55
N ASN A 114 1.62 17.38 -15.49
CA ASN A 114 0.53 18.31 -15.10
C ASN A 114 -0.09 17.86 -13.77
N THR A 1 11.20 12.47 -5.83
CA THR A 1 10.69 11.11 -5.50
C THR A 1 11.20 10.08 -6.52
N ARG A 2 11.69 8.96 -6.06
CA ARG A 2 12.18 7.94 -7.01
C ARG A 2 11.06 7.50 -7.95
N PRO A 3 11.43 7.08 -9.14
CA PRO A 3 10.42 6.65 -10.14
C PRO A 3 9.72 5.37 -9.71
N ILE A 4 8.67 4.99 -10.39
CA ILE A 4 7.93 3.75 -10.00
C ILE A 4 8.81 2.51 -10.17
N PHE A 5 8.86 1.68 -9.16
CA PHE A 5 9.69 0.45 -9.24
C PHE A 5 8.80 -0.79 -9.05
N ALA A 6 9.23 -1.91 -9.54
CA ALA A 6 8.42 -3.16 -9.40
C ALA A 6 8.43 -3.64 -7.94
N ILE A 7 7.49 -4.47 -7.57
CA ILE A 7 7.46 -4.98 -6.17
C ILE A 7 8.81 -5.58 -5.79
N GLU A 8 9.43 -6.26 -6.71
CA GLU A 8 10.76 -6.87 -6.41
C GLU A 8 11.80 -5.78 -6.17
N GLN A 9 11.57 -4.59 -6.67
CA GLN A 9 12.55 -3.48 -6.47
C GLN A 9 12.22 -2.68 -5.21
N LEU A 10 11.25 -3.09 -4.44
CA LEU A 10 10.90 -2.31 -3.21
C LEU A 10 11.91 -2.62 -2.10
N SER A 11 12.32 -1.62 -1.38
CA SER A 11 13.31 -1.85 -0.29
C SER A 11 13.09 -0.86 0.86
N PRO A 12 13.42 -1.29 2.05
CA PRO A 12 13.25 -0.42 3.24
C PRO A 12 14.35 0.66 3.25
N TYR A 13 15.51 0.32 2.74
CA TYR A 13 16.62 1.31 2.71
C TYR A 13 16.26 2.48 1.81
N GLN A 14 15.57 2.22 0.73
CA GLN A 14 15.19 3.31 -0.20
C GLN A 14 14.32 4.32 0.56
N ASN A 15 14.88 5.42 0.96
CA ASN A 15 14.09 6.43 1.72
C ASN A 15 12.84 6.84 0.94
N VAL A 16 12.95 6.97 -0.34
CA VAL A 16 11.76 7.37 -1.14
C VAL A 16 11.66 6.52 -2.41
N TRP A 17 10.47 6.13 -2.77
CA TRP A 17 10.27 5.31 -4.00
C TRP A 17 8.80 5.18 -4.31
N THR A 18 8.46 4.81 -5.52
CA THR A 18 7.02 4.68 -5.85
C THR A 18 6.72 3.33 -6.51
N ILE A 19 5.49 2.89 -6.43
CA ILE A 19 5.11 1.60 -7.08
C ILE A 19 3.68 1.71 -7.63
N LYS A 20 3.48 1.31 -8.85
CA LYS A 20 2.09 1.40 -9.43
C LYS A 20 1.44 0.02 -9.41
N ALA A 21 0.17 -0.05 -9.13
CA ALA A 21 -0.52 -1.37 -9.10
C ALA A 21 -2.04 -1.20 -9.28
N ARG A 22 -2.73 -2.27 -9.58
CA ARG A 22 -4.20 -2.18 -9.76
C ARG A 22 -4.90 -2.87 -8.59
N VAL A 23 -6.03 -2.37 -8.17
CA VAL A 23 -6.74 -3.01 -7.02
C VAL A 23 -7.10 -4.46 -7.33
N SER A 24 -6.88 -5.36 -6.41
CA SER A 24 -7.21 -6.79 -6.65
C SER A 24 -8.26 -7.26 -5.65
N TYR A 25 -7.99 -7.13 -4.38
CA TYR A 25 -8.97 -7.59 -3.35
C TYR A 25 -9.09 -6.55 -2.24
N LYS A 26 -10.24 -6.44 -1.63
CA LYS A 26 -10.43 -5.43 -0.53
C LYS A 26 -10.20 -6.07 0.84
N GLY A 27 -9.44 -5.43 1.69
CA GLY A 27 -9.20 -6.00 3.05
C GLY A 27 -10.09 -5.27 4.07
N GLU A 28 -11.09 -4.53 3.61
CA GLU A 28 -12.02 -3.80 4.52
C GLU A 28 -11.26 -2.98 5.59
N ILE A 29 -11.99 -2.23 6.36
CA ILE A 29 -11.37 -1.38 7.43
C ILE A 29 -11.85 -1.86 8.81
N LYS A 30 -10.94 -2.04 9.72
CA LYS A 30 -11.31 -2.50 11.10
C LYS A 30 -10.54 -1.69 12.13
N THR A 31 -10.83 -1.85 13.37
CA THR A 31 -10.10 -1.06 14.41
C THR A 31 -9.10 -1.92 15.18
N TRP A 32 -8.14 -1.28 15.80
CA TRP A 32 -7.12 -2.02 16.61
C TRP A 32 -7.01 -1.39 18.00
N HIS A 33 -6.67 -2.18 18.99
CA HIS A 33 -6.56 -1.62 20.37
C HIS A 33 -5.24 -2.03 21.01
N ASN A 34 -4.58 -1.11 21.68
CA ASN A 34 -3.28 -1.44 22.35
C ASN A 34 -3.00 -0.43 23.46
N GLN A 35 -1.89 -0.56 24.13
CA GLN A 35 -1.55 0.40 25.23
C GLN A 35 -1.46 1.83 24.69
N ARG A 36 -0.96 2.00 23.49
CA ARG A 36 -0.84 3.38 22.93
C ARG A 36 -2.23 3.99 22.67
N GLY A 37 -3.27 3.18 22.64
CA GLY A 37 -4.63 3.73 22.40
C GLY A 37 -5.35 2.87 21.36
N ASP A 38 -6.24 3.45 20.62
CA ASP A 38 -6.98 2.68 19.58
C ASP A 38 -7.14 3.50 18.30
N GLY A 39 -7.53 2.88 17.23
CA GLY A 39 -7.71 3.63 15.95
C GLY A 39 -8.26 2.68 14.88
N LYS A 40 -8.31 3.14 13.65
CA LYS A 40 -8.84 2.27 12.56
C LYS A 40 -7.70 1.76 11.68
N LEU A 41 -7.93 0.68 10.98
CA LEU A 41 -6.88 0.09 10.10
C LEU A 41 -7.52 -0.71 8.97
N PHE A 42 -6.95 -0.67 7.80
CA PHE A 42 -7.54 -1.44 6.66
C PHE A 42 -6.42 -2.02 5.78
N ASN A 43 -6.72 -3.01 5.00
CA ASN A 43 -5.66 -3.59 4.12
C ASN A 43 -6.19 -3.76 2.68
N VAL A 44 -5.33 -3.67 1.71
CA VAL A 44 -5.79 -3.82 0.29
C VAL A 44 -4.76 -4.65 -0.49
N ASN A 45 -5.21 -5.55 -1.31
CA ASN A 45 -4.24 -6.37 -2.11
C ASN A 45 -4.13 -5.81 -3.53
N PHE A 46 -2.95 -5.40 -3.92
CA PHE A 46 -2.77 -4.84 -5.29
C PHE A 46 -1.92 -5.79 -6.14
N LEU A 47 -2.27 -5.97 -7.38
CA LEU A 47 -1.48 -6.89 -8.25
C LEU A 47 -0.66 -6.06 -9.26
N ASP A 48 0.52 -6.50 -9.54
CA ASP A 48 1.38 -5.76 -10.51
C ASP A 48 2.14 -6.74 -11.40
N THR A 49 2.56 -6.32 -12.56
CA THR A 49 3.32 -7.24 -13.46
C THR A 49 4.51 -7.84 -12.72
N SER A 50 5.18 -7.05 -11.92
CA SER A 50 6.35 -7.59 -11.16
C SER A 50 5.91 -8.69 -10.20
N GLY A 51 4.70 -8.64 -9.74
CA GLY A 51 4.22 -9.69 -8.78
C GLY A 51 2.97 -9.19 -8.06
N GLU A 52 2.66 -9.78 -6.94
CA GLU A 52 1.47 -9.34 -6.17
C GLU A 52 1.91 -8.61 -4.90
N ILE A 53 1.24 -7.55 -4.57
CA ILE A 53 1.62 -6.77 -3.36
C ILE A 53 0.37 -6.38 -2.56
N ARG A 54 0.54 -6.03 -1.32
CA ARG A 54 -0.64 -5.64 -0.49
C ARG A 54 -0.30 -4.39 0.32
N ALA A 55 -1.20 -3.44 0.39
CA ALA A 55 -0.92 -2.21 1.18
C ALA A 55 -1.85 -2.11 2.39
N THR A 56 -1.36 -1.59 3.48
CA THR A 56 -2.22 -1.47 4.69
C THR A 56 -2.21 -0.02 5.19
N ALA A 57 -3.31 0.45 5.73
CA ALA A 57 -3.33 1.87 6.23
C ALA A 57 -3.79 1.93 7.69
N PHE A 58 -3.43 2.99 8.36
CA PHE A 58 -3.80 3.15 9.80
C PHE A 58 -5.11 3.93 9.96
N ASN A 59 -5.37 4.41 11.16
CA ASN A 59 -6.63 5.17 11.51
C ASN A 59 -6.96 6.30 10.49
N ASP A 60 -7.46 7.43 10.97
CA ASP A 60 -7.86 8.57 10.06
C ASP A 60 -6.89 8.73 8.90
N PHE A 61 -5.63 8.42 9.07
CA PHE A 61 -4.67 8.55 7.96
C PHE A 61 -5.19 7.75 6.76
N ALA A 62 -5.84 6.65 7.02
CA ALA A 62 -6.40 5.85 5.88
C ALA A 62 -7.61 6.58 5.29
N THR A 63 -8.31 7.35 6.08
CA THR A 63 -9.49 8.09 5.55
C THR A 63 -9.03 9.10 4.51
N LYS A 64 -7.95 9.76 4.77
CA LYS A 64 -7.43 10.76 3.81
C LYS A 64 -6.71 10.02 2.66
N PHE A 65 -6.21 8.85 2.93
CA PHE A 65 -5.50 8.08 1.88
C PHE A 65 -6.48 7.30 1.01
N ASN A 66 -7.50 6.72 1.60
CA ASN A 66 -8.46 5.92 0.81
C ASN A 66 -9.35 6.85 0.01
N GLU A 67 -9.68 7.97 0.55
CA GLU A 67 -10.55 8.92 -0.20
C GLU A 67 -9.89 9.26 -1.53
N ILE A 68 -8.60 9.49 -1.52
CA ILE A 68 -7.88 9.81 -2.79
C ILE A 68 -7.72 8.53 -3.62
N LEU A 69 -7.63 7.40 -2.96
CA LEU A 69 -7.48 6.11 -3.71
C LEU A 69 -8.84 5.62 -4.20
N GLN A 70 -8.88 5.02 -5.35
CA GLN A 70 -10.15 4.52 -5.90
C GLN A 70 -10.10 3.00 -6.07
N GLU A 71 -10.99 2.48 -6.86
CA GLU A 71 -11.02 1.01 -7.07
C GLU A 71 -11.30 0.69 -8.54
N GLY A 72 -11.29 -0.56 -8.88
CA GLY A 72 -11.54 -0.95 -10.30
C GLY A 72 -10.59 -0.18 -11.23
N LYS A 73 -9.47 0.28 -10.73
CA LYS A 73 -8.54 1.04 -11.60
C LYS A 73 -7.08 0.85 -11.17
N VAL A 74 -6.17 1.46 -11.89
CA VAL A 74 -4.72 1.35 -11.55
C VAL A 74 -4.23 2.70 -11.00
N TYR A 75 -3.36 2.68 -10.02
CA TYR A 75 -2.87 3.96 -9.46
C TYR A 75 -1.41 3.87 -9.07
N TYR A 76 -0.89 4.90 -8.47
CA TYR A 76 0.54 4.90 -8.08
C TYR A 76 0.72 5.28 -6.61
N VAL A 77 1.76 4.79 -6.01
CA VAL A 77 2.04 5.08 -4.57
C VAL A 77 3.43 5.70 -4.43
N SER A 78 3.61 6.64 -3.54
CA SER A 78 4.96 7.24 -3.36
C SER A 78 5.31 7.28 -1.88
N LYS A 79 6.57 7.12 -1.54
CA LYS A 79 7.02 7.15 -0.11
C LYS A 79 6.27 6.10 0.73
N ALA A 80 6.98 5.25 1.41
CA ALA A 80 6.30 4.21 2.24
C ALA A 80 7.31 3.29 2.92
N LYS A 81 6.90 2.60 3.96
CA LYS A 81 7.82 1.67 4.66
C LYS A 81 7.73 0.29 4.01
N LEU A 82 8.83 -0.25 3.59
CA LEU A 82 8.81 -1.59 2.92
C LEU A 82 9.33 -2.67 3.87
N GLN A 83 8.57 -3.72 4.07
CA GLN A 83 9.03 -4.81 4.99
C GLN A 83 8.66 -6.18 4.41
N PRO A 84 9.42 -7.18 4.79
CA PRO A 84 9.17 -8.56 4.31
C PRO A 84 8.09 -9.24 5.16
N ALA A 85 7.31 -10.10 4.57
CA ALA A 85 6.24 -10.81 5.34
C ALA A 85 6.58 -12.29 5.51
N LYS A 86 6.27 -12.86 6.64
CA LYS A 86 6.56 -14.31 6.87
C LYS A 86 5.37 -14.99 7.56
N PRO A 87 4.30 -15.14 6.81
CA PRO A 87 3.07 -15.77 7.35
C PRO A 87 3.24 -17.29 7.46
N GLN A 88 2.32 -17.94 8.15
CA GLN A 88 2.43 -19.42 8.28
C GLN A 88 1.55 -20.14 7.26
N PHE A 89 0.61 -19.44 6.66
CA PHE A 89 -0.27 -20.11 5.65
C PHE A 89 0.57 -20.76 4.55
N THR A 90 1.61 -20.08 4.12
CA THR A 90 2.47 -20.65 3.03
C THR A 90 1.66 -20.86 1.75
N ASN A 91 2.34 -20.93 0.62
CA ASN A 91 1.69 -21.11 -0.72
C ASN A 91 1.14 -19.76 -1.24
N LEU A 92 0.49 -19.01 -0.40
CA LEU A 92 -0.03 -17.67 -0.84
C LEU A 92 1.06 -16.84 -1.51
N THR A 93 0.72 -15.66 -1.97
CA THR A 93 1.76 -14.80 -2.63
C THR A 93 1.69 -13.38 -2.08
N HIS A 94 2.53 -13.07 -1.12
CA HIS A 94 2.54 -11.69 -0.53
C HIS A 94 3.71 -11.55 0.45
N PRO A 95 4.89 -11.79 -0.06
CA PRO A 95 6.11 -11.70 0.78
C PRO A 95 6.46 -10.24 1.13
N TYR A 96 5.83 -9.28 0.50
CA TYR A 96 6.15 -7.87 0.80
C TYR A 96 5.03 -7.17 1.55
N GLU A 97 5.37 -6.43 2.55
CA GLU A 97 4.34 -5.69 3.35
C GLU A 97 4.54 -4.19 3.19
N LEU A 98 3.47 -3.45 3.17
CA LEU A 98 3.60 -1.97 3.00
C LEU A 98 2.82 -1.24 4.10
N ASN A 99 3.44 -0.30 4.77
CA ASN A 99 2.71 0.44 5.84
C ASN A 99 2.26 1.81 5.31
N LEU A 100 0.98 2.10 5.39
CA LEU A 100 0.49 3.41 4.89
C LEU A 100 -0.01 4.30 6.03
N ASP A 101 0.57 5.45 6.18
CA ASP A 101 0.13 6.38 7.25
C ASP A 101 -0.06 7.78 6.66
N ARG A 102 0.93 8.64 6.76
CA ARG A 102 0.78 10.01 6.19
C ARG A 102 1.88 10.28 5.17
N ASP A 103 3.07 9.82 5.45
CA ASP A 103 4.21 10.07 4.53
C ASP A 103 3.93 9.50 3.13
N THR A 104 3.21 8.42 3.02
CA THR A 104 2.94 7.85 1.67
C THR A 104 1.83 8.60 0.95
N VAL A 105 1.99 8.80 -0.33
CA VAL A 105 0.95 9.50 -1.12
C VAL A 105 0.32 8.52 -2.11
N ILE A 106 -0.98 8.39 -2.09
CA ILE A 106 -1.65 7.44 -3.03
C ILE A 106 -2.66 8.18 -3.90
N GLU A 107 -2.65 7.94 -5.18
CA GLU A 107 -3.63 8.64 -6.05
C GLU A 107 -3.87 7.87 -7.35
N GLU A 108 -5.10 7.79 -7.79
CA GLU A 108 -5.39 7.08 -9.06
C GLU A 108 -4.56 7.69 -10.20
N CYS A 109 -4.25 6.92 -11.21
CA CYS A 109 -3.42 7.46 -12.32
C CYS A 109 -4.20 8.48 -13.16
N PHE A 110 -3.71 9.69 -13.21
CA PHE A 110 -4.39 10.75 -14.02
C PHE A 110 -3.44 11.27 -15.11
N ASP A 111 -3.97 11.81 -16.17
CA ASP A 111 -3.08 12.33 -17.25
C ASP A 111 -2.36 13.59 -16.78
N GLU A 112 -1.10 13.71 -17.08
CA GLU A 112 -0.34 14.91 -16.64
C GLU A 112 0.07 15.77 -17.85
N SER A 113 0.19 17.05 -17.67
CA SER A 113 0.59 17.92 -18.81
C SER A 113 2.00 17.56 -19.30
N ASN A 114 2.81 17.04 -18.43
CA ASN A 114 4.20 16.66 -18.85
C ASN A 114 4.90 17.87 -19.50
N THR A 1 13.29 10.89 -4.84
CA THR A 1 12.51 9.63 -4.66
C THR A 1 12.83 8.64 -5.79
N ARG A 2 13.00 7.39 -5.47
CA ARG A 2 13.32 6.38 -6.51
C ARG A 2 12.16 6.29 -7.52
N PRO A 3 12.48 5.98 -8.75
CA PRO A 3 11.45 5.87 -9.82
C PRO A 3 10.58 4.62 -9.60
N ILE A 4 9.56 4.45 -10.42
CA ILE A 4 8.67 3.26 -10.25
C ILE A 4 9.47 1.95 -10.36
N PHE A 5 9.39 1.12 -9.36
CA PHE A 5 10.13 -0.17 -9.40
C PHE A 5 9.16 -1.35 -9.19
N ALA A 6 9.56 -2.52 -9.60
CA ALA A 6 8.67 -3.71 -9.42
C ALA A 6 8.52 -4.03 -7.92
N ILE A 7 7.48 -4.71 -7.55
CA ILE A 7 7.28 -5.03 -6.10
C ILE A 7 8.51 -5.80 -5.58
N GLU A 8 9.14 -6.57 -6.43
CA GLU A 8 10.34 -7.34 -5.99
C GLU A 8 11.52 -6.39 -5.72
N GLN A 9 11.54 -5.26 -6.38
CA GLN A 9 12.67 -4.31 -6.18
C GLN A 9 12.42 -3.39 -4.98
N LEU A 10 11.36 -3.61 -4.24
CA LEU A 10 11.08 -2.73 -3.06
C LEU A 10 11.93 -3.16 -1.86
N SER A 11 12.36 -2.21 -1.08
CA SER A 11 13.20 -2.55 0.11
C SER A 11 12.61 -1.91 1.37
N PRO A 12 12.82 -2.56 2.49
CA PRO A 12 12.30 -2.03 3.77
C PRO A 12 13.15 -0.84 4.23
N TYR A 13 14.43 -0.87 3.96
CA TYR A 13 15.32 0.25 4.37
C TYR A 13 14.94 1.52 3.62
N GLN A 14 14.60 1.41 2.36
CA GLN A 14 14.22 2.61 1.58
C GLN A 14 12.94 3.21 2.16
N ASN A 15 13.07 4.18 3.03
CA ASN A 15 11.86 4.80 3.65
C ASN A 15 10.89 5.29 2.58
N VAL A 16 11.38 5.81 1.49
CA VAL A 16 10.45 6.30 0.43
C VAL A 16 10.86 5.75 -0.94
N TRP A 17 9.89 5.36 -1.72
CA TRP A 17 10.19 4.83 -3.08
C TRP A 17 9.00 5.05 -4.00
N THR A 18 9.00 4.47 -5.16
CA THR A 18 7.86 4.66 -6.09
C THR A 18 7.44 3.32 -6.72
N ILE A 19 6.17 3.00 -6.71
CA ILE A 19 5.73 1.71 -7.32
C ILE A 19 4.32 1.83 -7.87
N LYS A 20 4.05 1.21 -8.99
CA LYS A 20 2.68 1.28 -9.57
C LYS A 20 2.00 -0.08 -9.56
N ALA A 21 0.71 -0.11 -9.36
CA ALA A 21 -0.02 -1.42 -9.34
C ALA A 21 -1.54 -1.18 -9.39
N ARG A 22 -2.31 -2.22 -9.53
CA ARG A 22 -3.79 -2.05 -9.60
C ARG A 22 -4.48 -2.77 -8.42
N VAL A 23 -5.74 -2.52 -8.22
CA VAL A 23 -6.44 -3.20 -7.08
C VAL A 23 -7.13 -4.48 -7.55
N SER A 24 -7.16 -5.48 -6.71
CA SER A 24 -7.83 -6.75 -7.09
C SER A 24 -8.86 -7.13 -6.01
N TYR A 25 -8.48 -7.02 -4.77
CA TYR A 25 -9.43 -7.37 -3.66
C TYR A 25 -9.34 -6.32 -2.54
N LYS A 26 -10.45 -5.98 -1.95
CA LYS A 26 -10.45 -4.98 -0.84
C LYS A 26 -10.59 -5.67 0.51
N GLY A 27 -9.80 -5.29 1.48
CA GLY A 27 -9.90 -5.95 2.81
C GLY A 27 -11.01 -5.27 3.61
N GLU A 28 -10.64 -4.43 4.55
CA GLU A 28 -11.67 -3.74 5.37
C GLU A 28 -10.99 -2.72 6.30
N ILE A 29 -11.74 -2.12 7.18
CA ILE A 29 -11.15 -1.12 8.12
C ILE A 29 -11.40 -1.54 9.59
N LYS A 30 -10.36 -1.71 10.36
CA LYS A 30 -10.54 -2.10 11.80
C LYS A 30 -9.76 -1.17 12.70
N THR A 31 -9.96 -1.29 13.98
CA THR A 31 -9.23 -0.39 14.93
C THR A 31 -8.15 -1.15 15.69
N TRP A 32 -7.20 -0.41 16.23
CA TRP A 32 -6.10 -1.03 17.01
C TRP A 32 -5.92 -0.28 18.34
N HIS A 33 -5.37 -0.93 19.33
CA HIS A 33 -5.17 -0.24 20.65
C HIS A 33 -3.74 -0.43 21.14
N ASN A 34 -2.98 0.63 21.23
CA ASN A 34 -1.57 0.50 21.72
C ASN A 34 -1.27 1.60 22.74
N GLN A 35 -0.23 1.43 23.52
CA GLN A 35 0.12 2.47 24.53
C GLN A 35 0.24 3.83 23.86
N ARG A 36 0.74 3.86 22.65
CA ARG A 36 0.89 5.16 21.94
C ARG A 36 -0.48 5.78 21.64
N GLY A 37 -1.53 5.00 21.70
CA GLY A 37 -2.89 5.56 21.43
C GLY A 37 -3.67 4.58 20.54
N ASP A 38 -4.92 4.90 20.26
CA ASP A 38 -5.74 3.99 19.40
C ASP A 38 -6.14 4.72 18.11
N GLY A 39 -6.60 3.98 17.14
CA GLY A 39 -7.01 4.62 15.85
C GLY A 39 -7.63 3.56 14.95
N LYS A 40 -7.78 3.87 13.69
CA LYS A 40 -8.38 2.88 12.76
C LYS A 40 -7.33 2.48 11.71
N LEU A 41 -7.45 1.29 11.20
CA LEU A 41 -6.47 0.79 10.19
C LEU A 41 -7.20 -0.13 9.20
N PHE A 42 -6.91 -0.02 7.94
CA PHE A 42 -7.59 -0.88 6.94
C PHE A 42 -6.58 -1.48 5.96
N ASN A 43 -6.97 -2.46 5.20
CA ASN A 43 -6.00 -3.09 4.25
C ASN A 43 -6.61 -3.27 2.84
N VAL A 44 -5.80 -3.27 1.83
CA VAL A 44 -6.30 -3.47 0.43
C VAL A 44 -5.37 -4.40 -0.34
N ASN A 45 -5.90 -5.13 -1.29
CA ASN A 45 -5.04 -6.05 -2.08
C ASN A 45 -4.79 -5.48 -3.48
N PHE A 46 -3.56 -5.37 -3.88
CA PHE A 46 -3.27 -4.83 -5.24
C PHE A 46 -2.54 -5.86 -6.09
N LEU A 47 -2.75 -5.84 -7.38
CA LEU A 47 -2.06 -6.82 -8.27
C LEU A 47 -1.02 -6.10 -9.13
N ASP A 48 0.08 -6.76 -9.39
CA ASP A 48 1.15 -6.12 -10.22
C ASP A 48 1.71 -7.15 -11.22
N THR A 49 2.18 -6.70 -12.34
CA THR A 49 2.74 -7.65 -13.34
C THR A 49 3.85 -8.49 -12.70
N SER A 50 4.69 -7.88 -11.91
CA SER A 50 5.78 -8.65 -11.24
C SER A 50 5.18 -9.70 -10.29
N GLY A 51 4.09 -9.39 -9.65
CA GLY A 51 3.46 -10.36 -8.71
C GLY A 51 2.25 -9.71 -8.05
N GLU A 52 1.78 -10.27 -6.96
CA GLU A 52 0.61 -9.68 -6.26
C GLU A 52 1.08 -9.01 -4.97
N ILE A 53 0.48 -7.92 -4.61
CA ILE A 53 0.91 -7.20 -3.38
C ILE A 53 -0.30 -6.68 -2.61
N ARG A 54 -0.11 -6.35 -1.37
CA ARG A 54 -1.23 -5.82 -0.55
C ARG A 54 -0.74 -4.62 0.27
N ALA A 55 -1.53 -3.59 0.38
CA ALA A 55 -1.09 -2.41 1.17
C ALA A 55 -2.07 -2.10 2.29
N THR A 56 -1.60 -1.47 3.33
CA THR A 56 -2.52 -1.14 4.47
C THR A 56 -2.37 0.33 4.84
N ALA A 57 -3.41 0.93 5.37
CA ALA A 57 -3.32 2.37 5.76
C ALA A 57 -3.88 2.59 7.17
N PHE A 58 -3.46 3.66 7.79
CA PHE A 58 -3.91 3.97 9.19
C PHE A 58 -5.29 4.65 9.21
N ASN A 59 -5.59 5.32 10.31
CA ASN A 59 -6.91 6.03 10.50
C ASN A 59 -7.31 6.92 9.30
N ASP A 60 -7.88 8.10 9.55
CA ASP A 60 -8.33 9.01 8.44
C ASP A 60 -7.37 8.98 7.25
N PHE A 61 -6.10 8.78 7.46
CA PHE A 61 -5.16 8.74 6.31
C PHE A 61 -5.64 7.68 5.32
N ALA A 62 -6.13 6.57 5.80
CA ALA A 62 -6.64 5.53 4.86
C ALA A 62 -7.96 6.00 4.25
N THR A 63 -8.75 6.69 5.02
CA THR A 63 -10.06 7.18 4.49
C THR A 63 -9.82 8.19 3.37
N LYS A 64 -8.81 9.00 3.50
CA LYS A 64 -8.52 10.01 2.45
C LYS A 64 -7.84 9.31 1.28
N PHE A 65 -7.14 8.23 1.53
CA PHE A 65 -6.44 7.52 0.44
C PHE A 65 -7.37 6.49 -0.23
N ASN A 66 -8.10 5.73 0.55
CA ASN A 66 -8.98 4.69 -0.05
C ASN A 66 -10.13 5.37 -0.79
N GLU A 67 -10.66 6.42 -0.23
CA GLU A 67 -11.77 7.12 -0.90
C GLU A 67 -11.30 7.63 -2.27
N ILE A 68 -10.11 8.17 -2.31
CA ILE A 68 -9.56 8.67 -3.61
C ILE A 68 -9.14 7.49 -4.49
N LEU A 69 -8.80 6.38 -3.90
CA LEU A 69 -8.38 5.20 -4.72
C LEU A 69 -9.58 4.65 -5.47
N GLN A 70 -9.37 4.13 -6.64
CA GLN A 70 -10.48 3.59 -7.44
C GLN A 70 -10.50 2.07 -7.43
N GLU A 71 -11.19 1.49 -8.35
CA GLU A 71 -11.29 0.02 -8.41
C GLU A 71 -11.04 -0.47 -9.83
N GLY A 72 -10.53 -1.66 -10.00
CA GLY A 72 -10.26 -2.16 -11.37
C GLY A 72 -9.34 -1.17 -12.11
N LYS A 73 -8.59 -0.39 -11.38
CA LYS A 73 -7.68 0.59 -12.05
C LYS A 73 -6.25 0.45 -11.53
N VAL A 74 -5.32 1.09 -12.18
CA VAL A 74 -3.89 1.01 -11.75
C VAL A 74 -3.45 2.35 -11.15
N TYR A 75 -2.63 2.31 -10.14
CA TYR A 75 -2.16 3.57 -9.50
C TYR A 75 -0.74 3.42 -8.98
N TYR A 76 -0.24 4.44 -8.35
CA TYR A 76 1.14 4.39 -7.82
C TYR A 76 1.23 5.08 -6.46
N VAL A 77 2.07 4.57 -5.59
CA VAL A 77 2.23 5.20 -4.25
C VAL A 77 3.71 5.42 -3.94
N SER A 78 4.01 6.29 -3.02
CA SER A 78 5.43 6.55 -2.67
C SER A 78 5.56 7.04 -1.23
N LYS A 79 6.77 7.12 -0.73
CA LYS A 79 6.98 7.59 0.68
C LYS A 79 6.22 6.70 1.66
N ALA A 80 6.23 5.43 1.43
CA ALA A 80 5.50 4.48 2.34
C ALA A 80 6.48 3.47 2.94
N LYS A 81 6.12 2.88 4.05
CA LYS A 81 7.02 1.88 4.68
C LYS A 81 6.89 0.53 3.97
N LEU A 82 7.99 -0.08 3.62
CA LEU A 82 7.94 -1.38 2.91
C LEU A 82 8.31 -2.52 3.88
N GLN A 83 7.57 -3.60 3.85
CA GLN A 83 7.88 -4.73 4.77
C GLN A 83 7.60 -6.08 4.07
N PRO A 84 8.61 -6.91 3.97
CA PRO A 84 8.43 -8.23 3.32
C PRO A 84 7.62 -9.17 4.22
N ALA A 85 6.79 -9.99 3.64
CA ALA A 85 5.97 -10.92 4.45
C ALA A 85 6.53 -12.35 4.34
N LYS A 86 6.35 -13.16 5.34
CA LYS A 86 6.87 -14.56 5.27
C LYS A 86 6.01 -15.36 4.30
N PRO A 87 6.63 -16.34 3.67
CA PRO A 87 5.89 -17.18 2.69
C PRO A 87 4.87 -18.08 3.40
N GLN A 88 5.24 -18.65 4.50
CA GLN A 88 4.27 -19.53 5.23
C GLN A 88 3.10 -18.70 5.74
N PHE A 89 3.34 -17.48 6.12
CA PHE A 89 2.24 -16.61 6.63
C PHE A 89 1.13 -16.46 5.59
N THR A 90 1.49 -16.29 4.35
CA THR A 90 0.45 -16.12 3.30
C THR A 90 0.53 -17.26 2.26
N ASN A 91 -0.60 -17.75 1.83
CA ASN A 91 -0.59 -18.85 0.82
C ASN A 91 0.08 -18.38 -0.47
N LEU A 92 -0.02 -17.11 -0.76
CA LEU A 92 0.59 -16.57 -2.00
C LEU A 92 2.11 -16.58 -1.89
N THR A 93 2.80 -16.83 -2.97
CA THR A 93 4.29 -16.86 -2.92
C THR A 93 4.86 -15.44 -2.91
N HIS A 94 5.86 -15.20 -2.11
CA HIS A 94 6.47 -13.84 -2.04
C HIS A 94 5.43 -12.79 -1.65
N PRO A 95 4.86 -12.98 -0.49
CA PRO A 95 3.85 -12.02 0.02
C PRO A 95 4.52 -10.69 0.37
N TYR A 96 3.84 -9.60 0.13
CA TYR A 96 4.45 -8.27 0.45
C TYR A 96 3.51 -7.46 1.34
N GLU A 97 4.05 -6.72 2.28
CA GLU A 97 3.19 -5.90 3.17
C GLU A 97 3.53 -4.41 2.99
N LEU A 98 2.54 -3.56 3.09
CA LEU A 98 2.79 -2.10 2.92
C LEU A 98 2.05 -1.30 4.00
N ASN A 99 2.69 -0.33 4.60
CA ASN A 99 1.99 0.46 5.65
C ASN A 99 1.91 1.95 5.26
N LEU A 100 0.70 2.47 5.14
CA LEU A 100 0.55 3.91 4.77
C LEU A 100 0.21 4.73 6.02
N ASP A 101 0.86 5.84 6.22
CA ASP A 101 0.56 6.68 7.41
C ASP A 101 0.25 8.12 6.98
N ARG A 102 1.24 8.97 6.85
CA ARG A 102 0.97 10.37 6.45
C ARG A 102 1.84 10.79 5.26
N ASP A 103 3.14 10.70 5.42
CA ASP A 103 4.06 11.10 4.32
C ASP A 103 3.78 10.31 3.04
N THR A 104 3.30 9.10 3.16
CA THR A 104 3.04 8.29 1.93
C THR A 104 2.12 9.04 0.96
N VAL A 105 2.45 9.01 -0.30
CA VAL A 105 1.63 9.72 -1.32
C VAL A 105 0.95 8.69 -2.24
N ILE A 106 -0.32 8.87 -2.51
CA ILE A 106 -1.03 7.89 -3.38
C ILE A 106 -1.79 8.62 -4.49
N GLU A 107 -1.77 8.10 -5.67
CA GLU A 107 -2.51 8.77 -6.78
C GLU A 107 -3.06 7.73 -7.76
N GLU A 108 -4.35 7.74 -7.96
CA GLU A 108 -4.98 6.77 -8.91
C GLU A 108 -4.73 7.20 -10.35
N CYS A 109 -4.68 6.27 -11.27
CA CYS A 109 -4.43 6.65 -12.69
C CYS A 109 -5.55 7.56 -13.21
N PHE A 110 -5.29 8.84 -13.31
CA PHE A 110 -6.34 9.77 -13.80
C PHE A 110 -5.72 11.14 -14.12
N ASP A 111 -5.24 11.82 -13.12
CA ASP A 111 -4.61 13.16 -13.36
C ASP A 111 -3.32 13.29 -12.56
N GLU A 112 -2.33 13.92 -13.12
CA GLU A 112 -1.03 14.08 -12.39
C GLU A 112 -1.26 14.82 -11.08
N SER A 113 -0.53 14.46 -10.05
CA SER A 113 -0.71 15.15 -8.74
C SER A 113 0.60 15.82 -8.32
N ASN A 114 0.52 16.97 -7.71
CA ASN A 114 1.76 17.67 -7.28
C ASN A 114 2.62 16.75 -6.41
N THR A 1 11.87 11.07 -4.10
CA THR A 1 11.75 9.64 -3.68
C THR A 1 12.29 8.72 -4.79
N ARG A 2 12.50 7.47 -4.48
CA ARG A 2 13.02 6.53 -5.52
C ARG A 2 11.95 6.34 -6.62
N PRO A 3 12.42 6.12 -7.82
CA PRO A 3 11.49 5.92 -8.97
C PRO A 3 10.70 4.61 -8.82
N ILE A 4 9.80 4.34 -9.73
CA ILE A 4 9.00 3.09 -9.62
C ILE A 4 9.91 1.86 -9.76
N PHE A 5 9.95 1.04 -8.74
CA PHE A 5 10.80 -0.18 -8.80
C PHE A 5 9.94 -1.43 -8.57
N ALA A 6 10.42 -2.57 -8.95
CA ALA A 6 9.63 -3.82 -8.73
C ALA A 6 9.36 -4.01 -7.24
N ILE A 7 8.26 -4.63 -6.89
CA ILE A 7 7.95 -4.83 -5.44
C ILE A 7 9.11 -5.57 -4.77
N GLU A 8 9.80 -6.40 -5.50
CA GLU A 8 10.94 -7.15 -4.90
C GLU A 8 12.12 -6.21 -4.61
N GLN A 9 12.29 -5.19 -5.41
CA GLN A 9 13.41 -4.23 -5.20
C GLN A 9 13.19 -3.40 -3.95
N LEU A 10 11.95 -3.20 -3.58
CA LEU A 10 11.66 -2.38 -2.37
C LEU A 10 12.44 -2.89 -1.15
N SER A 11 12.70 -2.03 -0.21
CA SER A 11 13.45 -2.45 1.01
C SER A 11 12.85 -1.82 2.26
N PRO A 12 13.04 -2.49 3.38
CA PRO A 12 12.52 -1.98 4.67
C PRO A 12 13.35 -0.77 5.12
N TYR A 13 14.62 -0.75 4.78
CA TYR A 13 15.48 0.39 5.18
C TYR A 13 15.10 1.65 4.41
N GLN A 14 14.54 1.50 3.24
CA GLN A 14 14.15 2.69 2.45
C GLN A 14 12.85 3.29 3.00
N ASN A 15 12.95 4.37 3.73
CA ASN A 15 11.73 4.99 4.33
C ASN A 15 10.72 5.38 3.24
N VAL A 16 11.18 5.87 2.13
CA VAL A 16 10.23 6.28 1.06
C VAL A 16 10.65 5.72 -0.30
N TRP A 17 9.70 5.44 -1.15
CA TRP A 17 10.01 4.91 -2.51
C TRP A 17 8.78 5.07 -3.40
N THR A 18 8.83 4.56 -4.60
CA THR A 18 7.64 4.67 -5.50
C THR A 18 7.35 3.31 -6.13
N ILE A 19 6.09 2.94 -6.22
CA ILE A 19 5.75 1.62 -6.83
C ILE A 19 4.37 1.68 -7.47
N LYS A 20 4.23 1.14 -8.65
CA LYS A 20 2.91 1.18 -9.33
C LYS A 20 2.20 -0.19 -9.25
N ALA A 21 0.90 -0.18 -9.15
CA ALA A 21 0.14 -1.47 -9.08
C ALA A 21 -1.37 -1.19 -9.20
N ARG A 22 -2.15 -2.19 -9.49
CA ARG A 22 -3.62 -1.99 -9.61
C ARG A 22 -4.33 -2.68 -8.44
N VAL A 23 -5.45 -2.17 -8.00
CA VAL A 23 -6.14 -2.83 -6.84
C VAL A 23 -6.88 -4.09 -7.30
N SER A 24 -6.89 -5.10 -6.46
CA SER A 24 -7.60 -6.36 -6.83
C SER A 24 -8.66 -6.70 -5.78
N TYR A 25 -8.35 -6.50 -4.53
CA TYR A 25 -9.33 -6.83 -3.44
C TYR A 25 -9.34 -5.74 -2.36
N LYS A 26 -10.45 -5.56 -1.70
CA LYS A 26 -10.54 -4.53 -0.61
C LYS A 26 -10.41 -5.20 0.76
N GLY A 27 -9.61 -4.65 1.64
CA GLY A 27 -9.44 -5.26 2.98
C GLY A 27 -10.30 -4.51 4.01
N GLU A 28 -11.23 -3.69 3.57
CA GLU A 28 -12.12 -2.93 4.50
C GLU A 28 -11.33 -2.18 5.59
N ILE A 29 -12.01 -1.38 6.37
CA ILE A 29 -11.34 -0.61 7.46
C ILE A 29 -11.86 -1.06 8.83
N LYS A 30 -10.97 -1.31 9.75
CA LYS A 30 -11.39 -1.77 11.10
C LYS A 30 -10.57 -1.03 12.16
N THR A 31 -10.90 -1.19 13.40
CA THR A 31 -10.14 -0.48 14.47
C THR A 31 -9.23 -1.44 15.25
N TRP A 32 -8.26 -0.90 15.92
CA TRP A 32 -7.32 -1.72 16.72
C TRP A 32 -7.17 -1.14 18.12
N HIS A 33 -6.77 -1.93 19.08
CA HIS A 33 -6.61 -1.40 20.47
C HIS A 33 -5.20 -1.67 21.00
N ASN A 34 -4.60 -0.70 21.62
CA ASN A 34 -3.22 -0.90 22.17
C ASN A 34 -3.02 -0.02 23.40
N GLN A 35 -2.03 -0.31 24.20
CA GLN A 35 -1.79 0.53 25.42
C GLN A 35 -1.57 1.99 25.02
N ARG A 36 -0.93 2.22 23.91
CA ARG A 36 -0.69 3.63 23.47
C ARG A 36 -2.00 4.31 23.08
N GLY A 37 -3.05 3.56 22.85
CA GLY A 37 -4.35 4.18 22.48
C GLY A 37 -5.03 3.34 21.41
N ASP A 38 -6.05 3.87 20.78
CA ASP A 38 -6.76 3.09 19.72
C ASP A 38 -6.95 3.95 18.47
N GLY A 39 -7.22 3.33 17.35
CA GLY A 39 -7.43 4.11 16.11
C GLY A 39 -8.02 3.21 15.03
N LYS A 40 -8.13 3.69 13.83
CA LYS A 40 -8.70 2.84 12.73
C LYS A 40 -7.59 2.38 11.79
N LEU A 41 -7.84 1.30 11.08
CA LEU A 41 -6.80 0.78 10.14
C LEU A 41 -7.47 -0.05 9.03
N PHE A 42 -6.96 0.05 7.83
CA PHE A 42 -7.56 -0.73 6.70
C PHE A 42 -6.46 -1.23 5.76
N ASN A 43 -6.74 -2.22 4.96
CA ASN A 43 -5.70 -2.72 4.02
C ASN A 43 -6.30 -2.99 2.64
N VAL A 44 -5.48 -2.93 1.61
CA VAL A 44 -6.01 -3.18 0.24
C VAL A 44 -5.05 -4.10 -0.52
N ASN A 45 -5.56 -4.93 -1.38
CA ASN A 45 -4.68 -5.84 -2.16
C ASN A 45 -4.38 -5.25 -3.54
N PHE A 46 -3.12 -5.07 -3.86
CA PHE A 46 -2.77 -4.51 -5.18
C PHE A 46 -2.00 -5.55 -6.02
N LEU A 47 -2.22 -5.57 -7.30
CA LEU A 47 -1.51 -6.56 -8.15
C LEU A 47 -0.39 -5.86 -8.93
N ASP A 48 0.71 -6.53 -9.11
CA ASP A 48 1.85 -5.92 -9.86
C ASP A 48 2.51 -6.97 -10.76
N THR A 49 3.09 -6.55 -11.85
CA THR A 49 3.74 -7.52 -12.77
C THR A 49 4.81 -8.31 -12.01
N SER A 50 5.57 -7.67 -11.17
CA SER A 50 6.61 -8.40 -10.40
C SER A 50 5.98 -9.50 -9.53
N GLY A 51 4.84 -9.22 -8.96
CA GLY A 51 4.17 -10.24 -8.10
C GLY A 51 2.89 -9.64 -7.51
N GLU A 52 2.43 -10.17 -6.42
CA GLU A 52 1.19 -9.64 -5.77
C GLU A 52 1.58 -8.85 -4.52
N ILE A 53 0.96 -7.74 -4.31
CA ILE A 53 1.32 -6.93 -3.10
C ILE A 53 0.08 -6.37 -2.42
N ARG A 54 0.19 -6.07 -1.16
CA ARG A 54 -0.97 -5.51 -0.41
C ARG A 54 -0.49 -4.33 0.46
N ALA A 55 -1.19 -3.23 0.44
CA ALA A 55 -0.75 -2.06 1.26
C ALA A 55 -1.73 -1.83 2.42
N THR A 56 -1.22 -1.42 3.55
CA THR A 56 -2.11 -1.16 4.72
C THR A 56 -1.93 0.28 5.21
N ALA A 57 -3.01 0.96 5.47
CA ALA A 57 -2.90 2.37 5.96
C ALA A 57 -3.47 2.49 7.38
N PHE A 58 -3.06 3.47 8.12
CA PHE A 58 -3.54 3.64 9.52
C PHE A 58 -4.89 4.38 9.56
N ASN A 59 -5.25 4.88 10.72
CA ASN A 59 -6.54 5.62 10.94
C ASN A 59 -6.79 6.74 9.89
N ASP A 60 -7.33 7.86 10.33
CA ASP A 60 -7.66 9.01 9.40
C ASP A 60 -6.65 9.14 8.24
N PHE A 61 -5.40 8.85 8.46
CA PHE A 61 -4.42 8.97 7.33
C PHE A 61 -4.90 8.11 6.16
N ALA A 62 -5.46 6.96 6.43
CA ALA A 62 -5.95 6.10 5.32
C ALA A 62 -7.22 6.69 4.71
N THR A 63 -8.05 7.30 5.51
CA THR A 63 -9.31 7.89 4.96
C THR A 63 -8.97 8.96 3.93
N LYS A 64 -7.98 9.75 4.21
CA LYS A 64 -7.59 10.82 3.27
C LYS A 64 -6.79 10.20 2.12
N PHE A 65 -6.15 9.08 2.35
CA PHE A 65 -5.36 8.44 1.28
C PHE A 65 -6.25 7.54 0.40
N ASN A 66 -7.13 6.77 1.00
CA ASN A 66 -8.00 5.87 0.21
C ASN A 66 -8.98 6.70 -0.61
N GLU A 67 -9.41 7.82 -0.07
CA GLU A 67 -10.36 8.66 -0.83
C GLU A 67 -9.75 9.02 -2.19
N ILE A 68 -8.50 9.40 -2.20
CA ILE A 68 -7.84 9.74 -3.49
C ILE A 68 -7.57 8.47 -4.29
N LEU A 69 -7.36 7.37 -3.61
CA LEU A 69 -7.10 6.09 -4.32
C LEU A 69 -8.41 5.55 -4.90
N GLN A 70 -8.36 5.01 -6.08
CA GLN A 70 -9.60 4.50 -6.71
C GLN A 70 -9.69 2.98 -6.65
N GLU A 71 -10.52 2.43 -7.48
CA GLU A 71 -10.73 0.96 -7.48
C GLU A 71 -10.75 0.45 -8.92
N GLY A 72 -10.45 -0.81 -9.13
CA GLY A 72 -10.46 -1.35 -10.51
C GLY A 72 -9.57 -0.50 -11.41
N LYS A 73 -8.58 0.15 -10.85
CA LYS A 73 -7.69 1.01 -11.68
C LYS A 73 -6.22 0.77 -11.31
N VAL A 74 -5.32 1.32 -12.08
CA VAL A 74 -3.88 1.15 -11.83
C VAL A 74 -3.27 2.45 -11.31
N TYR A 75 -2.39 2.37 -10.35
CA TYR A 75 -1.76 3.61 -9.80
C TYR A 75 -0.46 3.29 -9.08
N TYR A 76 0.00 4.20 -8.29
CA TYR A 76 1.25 3.94 -7.54
C TYR A 76 1.25 4.66 -6.20
N VAL A 77 2.01 4.17 -5.26
CA VAL A 77 2.06 4.82 -3.91
C VAL A 77 3.51 5.08 -3.51
N SER A 78 3.72 6.02 -2.63
CA SER A 78 5.11 6.34 -2.21
C SER A 78 5.13 6.96 -0.81
N LYS A 79 6.30 7.15 -0.26
CA LYS A 79 6.42 7.77 1.09
C LYS A 79 5.76 6.87 2.15
N ALA A 80 6.07 5.60 2.14
CA ALA A 80 5.46 4.68 3.14
C ALA A 80 6.49 3.65 3.61
N LYS A 81 6.23 3.00 4.72
CA LYS A 81 7.20 1.98 5.24
C LYS A 81 7.09 0.69 4.42
N LEU A 82 8.19 0.05 4.15
CA LEU A 82 8.16 -1.20 3.35
C LEU A 82 8.20 -2.43 4.26
N GLN A 83 7.33 -3.39 4.04
CA GLN A 83 7.33 -4.61 4.89
C GLN A 83 7.09 -5.84 4.01
N PRO A 84 8.15 -6.52 3.68
CA PRO A 84 8.04 -7.72 2.82
C PRO A 84 7.33 -8.85 3.58
N ALA A 85 6.37 -9.47 2.96
CA ALA A 85 5.64 -10.58 3.64
C ALA A 85 6.19 -11.94 3.19
N LYS A 86 6.01 -12.96 3.98
CA LYS A 86 6.52 -14.30 3.58
C LYS A 86 5.48 -15.05 2.74
N PRO A 87 5.96 -15.91 1.87
CA PRO A 87 5.05 -16.69 0.99
C PRO A 87 4.29 -17.74 1.80
N GLN A 88 4.96 -18.41 2.70
CA GLN A 88 4.27 -19.45 3.52
C GLN A 88 3.20 -18.82 4.40
N PHE A 89 3.37 -17.59 4.78
CA PHE A 89 2.37 -16.92 5.65
C PHE A 89 0.96 -17.03 5.05
N THR A 90 0.80 -16.77 3.78
CA THR A 90 -0.55 -16.87 3.16
C THR A 90 -0.50 -17.62 1.83
N ASN A 91 0.56 -18.35 1.57
CA ASN A 91 0.65 -19.08 0.28
C ASN A 91 0.50 -18.12 -0.90
N LEU A 92 1.06 -16.94 -0.78
CA LEU A 92 0.95 -15.95 -1.88
C LEU A 92 2.32 -15.77 -2.55
N THR A 93 2.34 -15.48 -3.83
CA THR A 93 3.65 -15.29 -4.53
C THR A 93 4.15 -13.85 -4.34
N HIS A 94 5.37 -13.70 -3.89
CA HIS A 94 5.93 -12.32 -3.68
C HIS A 94 4.96 -11.45 -2.89
N PRO A 95 4.56 -11.92 -1.74
CA PRO A 95 3.62 -11.15 -0.89
C PRO A 95 4.32 -9.95 -0.27
N TYR A 96 3.66 -8.83 -0.22
CA TYR A 96 4.29 -7.62 0.36
C TYR A 96 3.31 -6.92 1.31
N GLU A 97 3.80 -6.00 2.10
CA GLU A 97 2.92 -5.27 3.04
C GLU A 97 3.46 -3.86 3.23
N LEU A 98 2.62 -2.87 3.13
CA LEU A 98 3.10 -1.47 3.28
C LEU A 98 2.32 -0.76 4.38
N ASN A 99 2.97 0.07 5.15
CA ASN A 99 2.26 0.77 6.25
C ASN A 99 2.18 2.27 5.99
N LEU A 100 0.99 2.81 6.00
CA LEU A 100 0.82 4.28 5.77
C LEU A 100 0.42 4.96 7.08
N ASP A 101 1.04 6.06 7.41
CA ASP A 101 0.68 6.74 8.69
C ASP A 101 0.98 8.24 8.62
N ARG A 102 2.19 8.59 8.29
CA ARG A 102 2.55 10.03 8.20
C ARG A 102 1.99 10.62 6.91
N ASP A 103 2.60 11.65 6.40
CA ASP A 103 2.10 12.25 5.13
C ASP A 103 2.65 11.46 3.95
N THR A 104 1.83 10.65 3.35
CA THR A 104 2.32 9.84 2.20
C THR A 104 1.81 10.43 0.88
N VAL A 105 2.36 9.99 -0.23
CA VAL A 105 1.93 10.53 -1.54
C VAL A 105 1.39 9.40 -2.43
N ILE A 106 0.21 9.56 -2.95
CA ILE A 106 -0.37 8.52 -3.84
C ILE A 106 -1.01 9.18 -5.06
N GLU A 107 -1.00 8.53 -6.18
CA GLU A 107 -1.61 9.14 -7.38
C GLU A 107 -2.28 8.07 -8.24
N GLU A 108 -3.57 8.22 -8.49
CA GLU A 108 -4.33 7.23 -9.32
C GLU A 108 -4.30 7.63 -10.79
N CYS A 109 -4.22 6.67 -11.67
CA CYS A 109 -4.20 7.01 -13.13
C CYS A 109 -5.62 7.01 -13.70
N PHE A 110 -6.08 8.14 -14.15
CA PHE A 110 -7.46 8.23 -14.71
C PHE A 110 -7.40 8.70 -16.17
N ASP A 111 -8.40 8.40 -16.95
CA ASP A 111 -8.38 8.83 -18.38
C ASP A 111 -8.13 10.33 -18.50
N GLU A 112 -8.66 11.09 -17.58
CA GLU A 112 -8.46 12.57 -17.63
C GLU A 112 -6.98 12.91 -17.60
N SER A 113 -6.19 12.12 -16.91
CA SER A 113 -4.73 12.41 -16.85
C SER A 113 -4.07 12.16 -18.21
N ASN A 114 -2.91 12.68 -18.43
CA ASN A 114 -2.23 12.48 -19.74
C ASN A 114 -1.42 11.19 -19.72
N THR A 1 12.26 11.25 -3.38
CA THR A 1 11.30 10.13 -3.59
C THR A 1 11.71 9.31 -4.82
N ARG A 2 12.01 8.06 -4.64
CA ARG A 2 12.41 7.21 -5.79
C ARG A 2 11.25 7.10 -6.80
N PRO A 3 11.59 6.98 -8.06
CA PRO A 3 10.56 6.88 -9.12
C PRO A 3 9.79 5.55 -9.01
N ILE A 4 8.87 5.31 -9.91
CA ILE A 4 8.09 4.04 -9.85
C ILE A 4 8.97 2.83 -10.11
N PHE A 5 8.95 1.88 -9.21
CA PHE A 5 9.77 0.64 -9.39
C PHE A 5 8.88 -0.61 -9.28
N ALA A 6 9.35 -1.71 -9.78
CA ALA A 6 8.55 -2.97 -9.70
C ALA A 6 8.37 -3.38 -8.24
N ILE A 7 7.35 -4.14 -7.95
CA ILE A 7 7.13 -4.58 -6.54
C ILE A 7 8.38 -5.24 -5.96
N GLU A 8 9.06 -6.03 -6.74
CA GLU A 8 10.29 -6.71 -6.23
C GLU A 8 11.37 -5.68 -5.86
N GLN A 9 11.40 -4.58 -6.56
CA GLN A 9 12.43 -3.54 -6.27
C GLN A 9 12.28 -2.97 -4.86
N LEU A 10 11.11 -3.07 -4.29
CA LEU A 10 10.88 -2.52 -2.92
C LEU A 10 11.98 -2.94 -1.94
N SER A 11 12.22 -2.12 -0.95
CA SER A 11 13.28 -2.44 0.06
C SER A 11 12.88 -1.88 1.42
N PRO A 12 13.24 -2.59 2.46
CA PRO A 12 12.92 -2.11 3.83
C PRO A 12 13.80 -0.92 4.18
N TYR A 13 15.00 -0.89 3.68
CA TYR A 13 15.91 0.26 3.96
C TYR A 13 15.39 1.54 3.32
N GLN A 14 14.88 1.44 2.12
CA GLN A 14 14.37 2.66 1.43
C GLN A 14 13.11 3.14 2.15
N ASN A 15 13.27 4.06 3.07
CA ASN A 15 12.10 4.58 3.84
C ASN A 15 11.05 5.18 2.89
N VAL A 16 11.47 5.79 1.81
CA VAL A 16 10.47 6.38 0.88
C VAL A 16 10.76 5.98 -0.57
N TRP A 17 9.73 5.59 -1.28
CA TRP A 17 9.89 5.20 -2.71
C TRP A 17 8.55 5.35 -3.44
N THR A 18 8.50 5.06 -4.70
CA THR A 18 7.21 5.17 -5.44
C THR A 18 6.92 3.88 -6.21
N ILE A 19 5.69 3.43 -6.20
CA ILE A 19 5.35 2.17 -6.94
C ILE A 19 3.92 2.25 -7.48
N LYS A 20 3.65 1.60 -8.58
CA LYS A 20 2.28 1.65 -9.16
C LYS A 20 1.67 0.23 -9.24
N ALA A 21 0.38 0.13 -9.06
CA ALA A 21 -0.28 -1.20 -9.13
C ALA A 21 -1.80 -1.05 -9.11
N ARG A 22 -2.53 -2.12 -9.30
CA ARG A 22 -4.02 -2.03 -9.29
C ARG A 22 -4.58 -2.81 -8.10
N VAL A 23 -5.84 -2.66 -7.80
CA VAL A 23 -6.41 -3.40 -6.64
C VAL A 23 -7.09 -4.70 -7.10
N SER A 24 -6.94 -5.74 -6.34
CA SER A 24 -7.57 -7.04 -6.70
C SER A 24 -8.61 -7.41 -5.65
N TYR A 25 -8.28 -7.26 -4.39
CA TYR A 25 -9.25 -7.59 -3.31
C TYR A 25 -9.23 -6.53 -2.21
N LYS A 26 -10.36 -6.20 -1.66
CA LYS A 26 -10.42 -5.17 -0.59
C LYS A 26 -10.65 -5.84 0.77
N GLY A 27 -9.91 -5.45 1.78
CA GLY A 27 -10.11 -6.08 3.12
C GLY A 27 -11.21 -5.34 3.86
N GLU A 28 -10.84 -4.45 4.75
CA GLU A 28 -11.87 -3.69 5.52
C GLU A 28 -11.17 -2.65 6.39
N ILE A 29 -11.93 -1.95 7.21
CA ILE A 29 -11.32 -0.92 8.11
C ILE A 29 -11.64 -1.20 9.57
N LYS A 30 -10.65 -1.53 10.37
CA LYS A 30 -10.87 -1.80 11.82
C LYS A 30 -10.00 -0.86 12.66
N THR A 31 -10.22 -0.79 13.94
CA THR A 31 -9.39 0.13 14.77
C THR A 31 -8.35 -0.64 15.59
N TRP A 32 -7.33 0.04 16.04
CA TRP A 32 -6.28 -0.61 16.87
C TRP A 32 -6.14 0.13 18.20
N HIS A 33 -5.88 -0.58 19.26
CA HIS A 33 -5.75 0.09 20.59
C HIS A 33 -4.40 -0.23 21.23
N ASN A 34 -3.58 0.77 21.46
CA ASN A 34 -2.25 0.51 22.09
C ASN A 34 -1.76 1.76 22.83
N GLN A 35 -0.78 1.60 23.67
CA GLN A 35 -0.25 2.78 24.42
C GLN A 35 0.25 3.85 23.44
N ARG A 36 0.70 3.44 22.29
CA ARG A 36 1.20 4.43 21.29
C ARG A 36 0.05 5.33 20.80
N GLY A 37 -1.18 4.92 21.01
CA GLY A 37 -2.32 5.76 20.55
C GLY A 37 -3.46 4.87 20.08
N ASP A 38 -4.48 5.46 19.52
CA ASP A 38 -5.64 4.67 19.02
C ASP A 38 -6.19 5.31 17.75
N GLY A 39 -6.64 4.52 16.81
CA GLY A 39 -7.18 5.11 15.56
C GLY A 39 -7.78 4.03 14.68
N LYS A 40 -8.05 4.33 13.44
CA LYS A 40 -8.64 3.32 12.52
C LYS A 40 -7.57 2.78 11.58
N LEU A 41 -7.77 1.59 11.07
CA LEU A 41 -6.77 0.97 10.16
C LEU A 41 -7.46 0.04 9.16
N PHE A 42 -6.98 -0.04 7.95
CA PHE A 42 -7.64 -0.92 6.95
C PHE A 42 -6.59 -1.58 6.05
N ASN A 43 -6.96 -2.62 5.34
CA ASN A 43 -5.95 -3.30 4.46
C ASN A 43 -6.54 -3.57 3.06
N VAL A 44 -5.70 -3.61 2.06
CA VAL A 44 -6.21 -3.89 0.67
C VAL A 44 -5.19 -4.75 -0.10
N ASN A 45 -5.64 -5.47 -1.09
CA ASN A 45 -4.71 -6.31 -1.88
C ASN A 45 -4.51 -5.71 -3.29
N PHE A 46 -3.29 -5.46 -3.67
CA PHE A 46 -3.06 -4.87 -5.02
C PHE A 46 -2.32 -5.86 -5.92
N LEU A 47 -2.73 -5.99 -7.15
CA LEU A 47 -2.04 -6.94 -8.07
C LEU A 47 -1.31 -6.17 -9.17
N ASP A 48 -0.15 -6.62 -9.54
CA ASP A 48 0.62 -5.92 -10.60
C ASP A 48 1.37 -6.95 -11.47
N THR A 49 1.67 -6.61 -12.68
CA THR A 49 2.39 -7.57 -13.57
C THR A 49 3.68 -8.04 -12.89
N SER A 50 4.36 -7.16 -12.21
CA SER A 50 5.61 -7.56 -11.51
C SER A 50 5.33 -8.67 -10.52
N GLY A 51 4.17 -8.65 -9.89
CA GLY A 51 3.83 -9.72 -8.92
C GLY A 51 2.58 -9.29 -8.14
N GLU A 52 2.33 -9.93 -7.02
CA GLU A 52 1.14 -9.56 -6.21
C GLU A 52 1.60 -8.82 -4.95
N ILE A 53 0.92 -7.78 -4.59
CA ILE A 53 1.33 -7.01 -3.39
C ILE A 53 0.12 -6.59 -2.56
N ARG A 54 0.33 -6.24 -1.33
CA ARG A 54 -0.80 -5.81 -0.46
C ARG A 54 -0.38 -4.59 0.35
N ALA A 55 -1.25 -3.64 0.52
CA ALA A 55 -0.87 -2.43 1.32
C ALA A 55 -1.95 -2.13 2.36
N THR A 56 -1.57 -1.52 3.45
CA THR A 56 -2.57 -1.20 4.51
C THR A 56 -2.45 0.27 4.91
N ALA A 57 -3.51 0.84 5.41
CA ALA A 57 -3.44 2.28 5.83
C ALA A 57 -4.05 2.49 7.22
N PHE A 58 -3.67 3.55 7.88
CA PHE A 58 -4.18 3.84 9.26
C PHE A 58 -5.41 4.77 9.23
N ASN A 59 -5.65 5.48 10.30
CA ASN A 59 -6.83 6.42 10.46
C ASN A 59 -7.08 7.31 9.21
N ASP A 60 -7.46 8.56 9.42
CA ASP A 60 -7.78 9.49 8.29
C ASP A 60 -6.83 9.30 7.10
N PHE A 61 -5.61 8.91 7.34
CA PHE A 61 -4.67 8.71 6.20
C PHE A 61 -5.29 7.69 5.22
N ALA A 62 -5.90 6.66 5.73
CA ALA A 62 -6.53 5.67 4.81
C ALA A 62 -7.83 6.24 4.25
N THR A 63 -8.54 7.02 5.04
CA THR A 63 -9.81 7.62 4.56
C THR A 63 -9.54 8.54 3.38
N LYS A 64 -8.47 9.28 3.44
CA LYS A 64 -8.14 10.19 2.34
C LYS A 64 -7.52 9.39 1.20
N PHE A 65 -6.92 8.26 1.50
CA PHE A 65 -6.31 7.44 0.44
C PHE A 65 -7.36 6.52 -0.22
N ASN A 66 -8.17 5.86 0.57
CA ASN A 66 -9.18 4.94 -0.03
C ASN A 66 -10.21 5.76 -0.80
N GLU A 67 -10.55 6.92 -0.32
CA GLU A 67 -11.54 7.75 -1.05
C GLU A 67 -10.99 8.02 -2.45
N ILE A 68 -9.73 8.35 -2.55
CA ILE A 68 -9.11 8.61 -3.86
C ILE A 68 -8.79 7.28 -4.55
N LEU A 69 -8.60 6.23 -3.79
CA LEU A 69 -8.29 4.91 -4.39
C LEU A 69 -9.56 4.29 -4.94
N GLN A 70 -9.49 3.73 -6.12
CA GLN A 70 -10.68 3.12 -6.73
C GLN A 70 -10.57 1.61 -6.76
N GLU A 71 -11.37 0.99 -7.57
CA GLU A 71 -11.37 -0.48 -7.65
C GLU A 71 -11.24 -0.91 -9.12
N GLY A 72 -10.67 -2.06 -9.37
CA GLY A 72 -10.52 -2.50 -10.78
C GLY A 72 -9.69 -1.47 -11.55
N LYS A 73 -8.89 -0.68 -10.87
CA LYS A 73 -8.07 0.35 -11.57
C LYS A 73 -6.62 0.31 -11.07
N VAL A 74 -5.76 1.04 -11.74
CA VAL A 74 -4.33 1.07 -11.33
C VAL A 74 -3.99 2.45 -10.74
N TYR A 75 -3.11 2.49 -9.77
CA TYR A 75 -2.76 3.79 -9.15
C TYR A 75 -1.31 3.78 -8.69
N TYR A 76 -0.90 4.83 -8.06
CA TYR A 76 0.50 4.91 -7.59
C TYR A 76 0.56 5.25 -6.10
N VAL A 77 1.51 4.68 -5.41
CA VAL A 77 1.64 4.95 -3.95
C VAL A 77 3.11 5.20 -3.60
N SER A 78 3.38 6.13 -2.73
CA SER A 78 4.80 6.40 -2.36
C SER A 78 4.90 6.88 -0.91
N LYS A 79 6.10 6.95 -0.39
CA LYS A 79 6.31 7.42 1.01
C LYS A 79 5.59 6.50 2.00
N ALA A 80 5.98 5.26 2.02
CA ALA A 80 5.36 4.28 2.96
C ALA A 80 6.42 3.30 3.45
N LYS A 81 6.20 2.67 4.59
CA LYS A 81 7.22 1.72 5.11
C LYS A 81 7.10 0.38 4.38
N LEU A 82 8.22 -0.15 3.94
CA LEU A 82 8.20 -1.45 3.21
C LEU A 82 8.71 -2.58 4.11
N GLN A 83 7.97 -3.65 4.22
CA GLN A 83 8.43 -4.80 5.08
C GLN A 83 8.19 -6.12 4.34
N PRO A 84 9.11 -7.04 4.52
CA PRO A 84 8.99 -8.36 3.85
C PRO A 84 7.92 -9.23 4.54
N ALA A 85 7.19 -10.01 3.77
CA ALA A 85 6.14 -10.88 4.38
C ALA A 85 6.57 -12.35 4.29
N LYS A 86 6.07 -13.18 5.16
CA LYS A 86 6.44 -14.62 5.12
C LYS A 86 5.79 -15.28 3.90
N PRO A 87 6.47 -16.24 3.35
CA PRO A 87 5.94 -16.94 2.15
C PRO A 87 4.73 -17.80 2.52
N GLN A 88 4.81 -18.55 3.58
CA GLN A 88 3.66 -19.41 3.98
C GLN A 88 2.45 -18.53 4.33
N PHE A 89 2.69 -17.35 4.85
CA PHE A 89 1.56 -16.45 5.21
C PHE A 89 0.67 -16.18 4.00
N THR A 90 1.25 -15.97 2.86
CA THR A 90 0.42 -15.69 1.64
C THR A 90 0.71 -16.74 0.56
N ASN A 91 -0.32 -17.17 -0.14
CA ASN A 91 -0.12 -18.19 -1.21
C ASN A 91 0.88 -17.69 -2.26
N LEU A 92 0.86 -16.42 -2.55
CA LEU A 92 1.82 -15.88 -3.57
C LEU A 92 3.25 -15.90 -3.02
N THR A 93 4.22 -16.11 -3.87
CA THR A 93 5.63 -16.14 -3.40
C THR A 93 6.18 -14.72 -3.23
N HIS A 94 7.16 -14.56 -2.39
CA HIS A 94 7.75 -13.21 -2.17
C HIS A 94 6.66 -12.16 -1.87
N PRO A 95 5.89 -12.44 -0.86
CA PRO A 95 4.80 -11.51 -0.46
C PRO A 95 5.39 -10.25 0.16
N TYR A 96 4.73 -9.14 0.03
CA TYR A 96 5.26 -7.88 0.60
C TYR A 96 4.23 -7.22 1.52
N GLU A 97 4.67 -6.43 2.46
CA GLU A 97 3.73 -5.74 3.37
C GLU A 97 3.94 -4.23 3.29
N LEU A 98 2.87 -3.47 3.26
CA LEU A 98 3.02 -1.99 3.18
C LEU A 98 2.30 -1.31 4.35
N ASN A 99 2.93 -0.36 4.97
CA ASN A 99 2.26 0.32 6.13
C ASN A 99 2.13 1.83 5.89
N LEU A 100 0.93 2.29 5.61
CA LEU A 100 0.72 3.75 5.38
C LEU A 100 0.14 4.40 6.64
N ASP A 101 0.67 5.52 7.05
CA ASP A 101 0.13 6.20 8.28
C ASP A 101 0.70 7.61 8.39
N ARG A 102 1.99 7.72 8.27
CA ARG A 102 2.63 9.06 8.37
C ARG A 102 2.33 9.87 7.10
N ASP A 103 3.27 10.66 6.64
CA ASP A 103 3.01 11.44 5.41
C ASP A 103 3.17 10.55 4.17
N THR A 104 2.07 10.18 3.57
CA THR A 104 2.15 9.30 2.37
C THR A 104 1.46 9.96 1.18
N VAL A 105 1.79 9.56 -0.02
CA VAL A 105 1.14 10.17 -1.22
C VAL A 105 0.53 9.07 -2.09
N ILE A 106 -0.75 9.16 -2.35
CA ILE A 106 -1.42 8.13 -3.19
C ILE A 106 -2.34 8.80 -4.21
N GLU A 107 -2.50 8.23 -5.36
CA GLU A 107 -3.40 8.86 -6.37
C GLU A 107 -3.85 7.84 -7.43
N GLU A 108 -5.13 7.71 -7.63
CA GLU A 108 -5.63 6.76 -8.66
C GLU A 108 -5.17 7.23 -10.04
N CYS A 109 -5.03 6.36 -10.99
CA CYS A 109 -4.56 6.80 -12.34
C CYS A 109 -5.65 7.60 -13.07
N PHE A 110 -6.04 8.72 -12.52
CA PHE A 110 -7.08 9.56 -13.19
C PHE A 110 -6.50 10.20 -14.45
N ASP A 111 -5.30 10.73 -14.35
CA ASP A 111 -4.67 11.38 -15.54
C ASP A 111 -3.14 11.30 -15.41
N GLU A 112 -2.43 11.51 -16.49
CA GLU A 112 -0.95 11.45 -16.42
C GLU A 112 -0.36 12.86 -16.29
N SER A 113 0.66 13.02 -15.49
CA SER A 113 1.27 14.37 -15.31
C SER A 113 2.77 14.29 -15.58
N ASN A 114 3.38 15.40 -15.94
CA ASN A 114 4.85 15.40 -16.21
C ASN A 114 5.20 14.29 -17.22
#